data_8T9A
#
_entry.id   8T9A
#
_cell.length_a   1.00
_cell.length_b   1.00
_cell.length_c   1.00
_cell.angle_alpha   90.00
_cell.angle_beta   90.00
_cell.angle_gamma   90.00
#
_symmetry.space_group_name_H-M   'P 1'
#
loop_
_entity.id
_entity.type
_entity.pdbx_description
1 polymer 'DNA damage-binding protein 1'
2 polymer 'DDB1- and CUL4-associated factor 12'
3 polymer 'Melanoma-associated antigen 3'
#
loop_
_entity_poly.entity_id
_entity_poly.type
_entity_poly.pdbx_seq_one_letter_code
_entity_poly.pdbx_strand_id
1 'polypeptide(L)'
;MSYNYVVTAQKPTAVNGCVTGHFTSAEDLNLLIAKNTRLEIYVVTAEGLRPVKEVGMYGKIAVMELFRPKGESKDLLFIL
TAKYNACILEYKQSGESIDIITRAHGNVQDRIGRPSETGIIGIIDPECRMIGLRLYDGLFKVIPLDRDNKELKAFNIRLE
ELHVIDVKFLYGCQAPTICFVYQDPQGRHVKTYEVSLREKEFNKGPWKQENVEAEASMVIAVPEPFGGAIIIGQESITYH
NGDKYLAIAPPIIKQSTIVCHNRVDPNGSRYLLGDMEGRLFMLLLEKEEQMDGTVTLKDLRVELLGETSIAECLTYLDNG
VVFVGSRLGDSQLVKLNVDSNEQGSYVVAMETFTNLGPIVDMCVVDLERQGQGQLVTCSGAFKEGSLRIIRNGIGIHEHA
SIDLPGIKGLWPLRSDPNRETDDTLVLSFVGQTRVLMLNGEEVEETELMGFVDDQQTFFCGNVAHQQLIQITSASVRLVS
QEPKALVSEWKEPQAKNISVASCNSSQVVVAVGRALYYLQIHPQELRQISHTEMEHEVACLDITPLGDSNGLSPLCAIGL
WTDISARILKLPSFELLHKEMLGGEIIPRSILMTTFESSHYLLCALGDGALFYFGLNIETGLLSDRKKVTLGTQPTVLRT
FRSLSTTNVFACSDRPTVIYSSNHKLVFSNVNLKEVNYMCPLNSDGYPDSLALANNSTLTIGTIDEIQKLHIRTVPLYES
PRKICYQEVSQCFGVLSSRIEVQDTSGGTTALRPSASTQALSSSVSSSKLFSSSTAPHETSFGEEVEVHNLLIIDQHTFE
VLHAHQFLQNEYALSLVSCKLGKDPNTYFIVGTAMVYPEEAEPKQGRIVVFQYSDGKLQTVAEKEVKGAVYSMVEFNGKL
LASINSTVRLYEWTTEKELRTECNHYNNIMALYLKTKGDFILVGDLMRSVLLLAYKPMEGNFEEIARDFNPNWMSAVEIL
DDDNFLGAENAFNLFVCQKDSAATTDEERQHLQEVGLFHLGEFVNVFCHGSLVMQNLGETSTPTQGSVLFGTVNGMIGLV
TSLSESWYNLLLDMQNRLNKVIKSVGKIEHSFWRSFHTERKTEPATGFIDGDLIESFLDISRPKMQEVVANLQYDDGSGM
KREATADDLIKVVEELTRIH
;
A
2 'polypeptide(L)'
;MHHHHHHSSGRENLYFQGMARKVVSRKRKAPASPGAGSDAQGPQFGWDHSLHKRKRLPPVKRSLVYYLKNREVRLQNETS
YSRVLHGYAAQQLPSLLKEREFHLGTLNKVFASQWLNHRQVVCGTKCNTLFVVDVQTSQITKIPILKDQEPGGVTQQGCG
IHAIELNPSRTLLATGGDNPNSLAIYRLPTLDPVCVGDDGHKDWIFSIAWISDTMAVSGSRDGSMGLWEVTDDVLTKSDA
RHNVSRVPVYAHITHKALKDIPKEDTNPDNCKVRALAFNNKNKELGAVSLDGYFHLWKAENTLSKLLSTKLPYCRENVCL
AYGSEWSVYAVGSQAHVSFLDPRQPSYNVKSVCSRERGSGIRSVSFYEHIITVGTGQGSLLFYDIRAQRFLEERLSACYG
SKPRLAGENLKLTTGKGWLNHDETWRNYFSDIDFFPNAVYTHCYDSSGTKLFVAGGPLPSGLHGNYAGLWS
;
B
3 'polypeptide(L)'
;MEFQAALSRKVAELVHFLLLKYRAREPVTKAEMLGSVVGNWQYFFPVIFSKASSSLQLVFGIELMEVDPIGHLYIFATCL
GLSYDGLLGDNQIMPKAGLLIIVLAIIAREGDCAPEEKIWEELSVLEVFEGREDSILGDPKKLLTQHFVQENYLEYRQVP
GSDPACYEFLWGPRALVETSYVKVLHHMVKISGGPHISYPPLHEWVLREGEE
;
C
#
# COMPACT_ATOMS: atom_id res chain seq x y z
N SER A 2 -13.50 -12.66 15.01
CA SER A 2 -13.98 -11.74 13.98
C SER A 2 -13.77 -12.34 12.62
N TYR A 3 -14.66 -12.03 11.69
CA TYR A 3 -14.62 -12.61 10.36
C TYR A 3 -14.83 -11.46 9.39
N ASN A 4 -13.80 -11.06 8.67
CA ASN A 4 -13.86 -9.88 7.84
C ASN A 4 -13.89 -10.23 6.36
N TYR A 5 -13.87 -9.20 5.54
CA TYR A 5 -14.02 -9.30 4.10
C TYR A 5 -13.33 -8.10 3.50
N VAL A 6 -12.45 -8.33 2.54
CA VAL A 6 -11.70 -7.26 1.92
C VAL A 6 -11.80 -7.40 0.41
N VAL A 7 -11.98 -6.27 -0.27
CA VAL A 7 -12.14 -6.24 -1.71
C VAL A 7 -11.72 -4.86 -2.16
N THR A 8 -11.29 -4.75 -3.42
CA THR A 8 -10.67 -3.54 -3.92
C THR A 8 -11.68 -2.75 -4.74
N ALA A 9 -11.79 -1.46 -4.45
CA ALA A 9 -12.70 -0.63 -5.21
C ALA A 9 -12.08 -0.19 -6.53
N GLN A 10 -10.81 0.19 -6.51
CA GLN A 10 -10.13 0.65 -7.71
C GLN A 10 -8.71 0.13 -7.76
N LYS A 11 -8.40 -0.61 -8.83
CA LYS A 11 -7.12 -1.30 -8.99
C LYS A 11 -5.97 -0.30 -9.06
N PRO A 12 -4.73 -0.75 -8.89
CA PRO A 12 -3.62 0.20 -8.82
C PRO A 12 -3.42 0.95 -10.12
N THR A 13 -2.78 2.08 -10.00
CA THR A 13 -2.56 2.92 -11.16
C THR A 13 -1.09 3.24 -11.38
N ALA A 14 -0.32 3.49 -10.33
CA ALA A 14 1.07 3.86 -10.51
C ALA A 14 1.82 2.80 -11.29
N VAL A 15 2.88 3.21 -11.97
CA VAL A 15 3.64 2.35 -12.88
C VAL A 15 5.07 2.27 -12.39
N ASN A 16 5.53 1.06 -12.11
CA ASN A 16 6.88 0.88 -11.59
C ASN A 16 7.80 0.14 -12.54
N GLY A 17 7.32 -0.28 -13.71
CA GLY A 17 8.22 -0.80 -14.72
C GLY A 17 7.54 -1.14 -16.02
N CYS A 18 8.12 -0.70 -17.15
CA CYS A 18 7.63 -1.06 -18.46
C CYS A 18 8.78 -1.49 -19.36
N VAL A 19 8.47 -2.36 -20.30
CA VAL A 19 9.44 -2.90 -21.25
C VAL A 19 8.76 -2.94 -22.61
N THR A 20 9.50 -3.26 -23.66
CA THR A 20 8.90 -3.34 -24.99
C THR A 20 9.60 -4.36 -25.86
N GLY A 21 8.87 -4.87 -26.83
CA GLY A 21 9.43 -5.87 -27.72
C GLY A 21 8.36 -6.76 -28.29
N HIS A 22 8.78 -7.78 -29.00
CA HIS A 22 7.88 -8.57 -29.85
C HIS A 22 7.24 -9.72 -29.07
N PHE A 23 6.54 -9.39 -28.00
CA PHE A 23 5.95 -10.44 -27.18
C PHE A 23 4.79 -11.10 -27.89
N THR A 24 3.78 -10.33 -28.27
CA THR A 24 2.53 -10.91 -28.74
C THR A 24 2.68 -11.62 -30.08
N SER A 25 3.61 -11.17 -30.92
CA SER A 25 3.89 -11.85 -32.17
C SER A 25 5.27 -11.42 -32.65
N ALA A 26 5.65 -11.86 -33.85
CA ALA A 26 7.00 -11.66 -34.34
C ALA A 26 7.27 -10.23 -34.79
N GLU A 27 6.25 -9.50 -35.20
CA GLU A 27 6.41 -8.14 -35.72
C GLU A 27 5.65 -7.09 -34.94
N ASP A 28 4.69 -7.46 -34.11
CA ASP A 28 3.86 -6.51 -33.40
C ASP A 28 4.66 -5.92 -32.26
N LEU A 29 5.20 -4.73 -32.44
CA LEU A 29 5.94 -4.12 -31.35
C LEU A 29 5.01 -3.92 -30.17
N ASN A 30 5.19 -4.70 -29.11
CA ASN A 30 4.40 -4.60 -27.89
C ASN A 30 5.02 -3.63 -26.91
N LEU A 31 4.17 -3.09 -26.06
CA LEU A 31 4.56 -2.44 -24.83
C LEU A 31 3.98 -3.23 -23.69
N LEU A 32 4.71 -3.34 -22.57
CA LEU A 32 4.26 -4.08 -21.40
C LEU A 32 4.47 -3.23 -20.17
N ILE A 33 3.42 -3.01 -19.40
CA ILE A 33 3.48 -2.19 -18.21
C ILE A 33 3.09 -3.04 -17.03
N ALA A 34 3.74 -2.82 -15.88
CA ALA A 34 3.41 -3.53 -14.66
C ALA A 34 3.02 -2.53 -13.60
N LYS A 35 1.76 -2.58 -13.17
CA LYS A 35 1.28 -1.54 -12.26
C LYS A 35 1.67 -1.85 -10.81
N ASN A 36 1.07 -2.86 -10.20
CA ASN A 36 1.70 -3.43 -9.02
C ASN A 36 1.73 -4.93 -9.06
N THR A 37 0.55 -5.54 -9.09
CA THR A 37 0.37 -6.97 -9.22
C THR A 37 -0.34 -7.22 -10.53
N ARG A 38 -0.19 -6.28 -11.43
CA ARG A 38 -1.07 -6.11 -12.58
C ARG A 38 -0.20 -5.92 -13.80
N LEU A 39 -0.36 -6.77 -14.80
CA LEU A 39 0.44 -6.75 -16.02
C LEU A 39 -0.45 -6.41 -17.20
N GLU A 40 0.03 -5.53 -18.08
CA GLU A 40 -0.76 -5.00 -19.18
C GLU A 40 0.03 -5.07 -20.47
N ILE A 41 -0.57 -5.66 -21.50
CA ILE A 41 0.08 -5.89 -22.78
C ILE A 41 -0.66 -5.08 -23.84
N TYR A 42 0.02 -4.09 -24.41
CA TYR A 42 -0.47 -3.22 -25.47
C TYR A 42 0.24 -3.53 -26.79
N VAL A 43 -0.47 -3.39 -27.88
CA VAL A 43 0.15 -3.29 -29.19
C VAL A 43 0.43 -1.84 -29.46
N VAL A 44 1.48 -1.54 -30.21
CA VAL A 44 1.81 -0.18 -30.61
C VAL A 44 1.42 -0.01 -32.07
N THR A 45 0.67 1.05 -32.37
CA THR A 45 0.25 1.35 -33.72
C THR A 45 0.69 2.76 -34.08
N ALA A 46 0.27 3.23 -35.25
CA ALA A 46 0.77 4.49 -35.77
C ALA A 46 0.24 5.70 -34.99
N GLU A 47 -0.78 5.51 -34.17
CA GLU A 47 -1.46 6.63 -33.53
C GLU A 47 -1.71 6.44 -32.05
N GLY A 48 -1.67 5.22 -31.53
CA GLY A 48 -2.00 4.97 -30.15
C GLY A 48 -1.51 3.64 -29.63
N LEU A 49 -2.22 3.08 -28.66
CA LEU A 49 -1.81 1.89 -27.91
C LEU A 49 -3.01 0.97 -27.77
N ARG A 50 -3.26 0.13 -28.76
CA ARG A 50 -4.44 -0.72 -28.69
C ARG A 50 -4.30 -1.76 -27.61
N PRO A 51 -5.01 -1.65 -26.49
CA PRO A 51 -4.79 -2.60 -25.39
C PRO A 51 -5.23 -3.99 -25.78
N VAL A 52 -4.41 -4.97 -25.40
CA VAL A 52 -4.59 -6.35 -25.84
C VAL A 52 -4.94 -7.26 -24.69
N LYS A 53 -4.25 -7.14 -23.56
CA LYS A 53 -4.54 -8.06 -22.47
C LYS A 53 -4.14 -7.44 -21.15
N GLU A 54 -4.74 -7.94 -20.09
CA GLU A 54 -4.32 -7.57 -18.74
C GLU A 54 -4.55 -8.76 -17.83
N VAL A 55 -3.54 -9.07 -17.02
CA VAL A 55 -3.59 -10.22 -16.14
C VAL A 55 -3.09 -9.82 -14.77
N GLY A 56 -3.47 -10.62 -13.78
CA GLY A 56 -3.12 -10.35 -12.41
C GLY A 56 -2.20 -11.39 -11.85
N MET A 57 -1.16 -10.92 -11.17
CA MET A 57 -0.17 -11.81 -10.59
C MET A 57 -0.47 -12.00 -9.11
N TYR A 58 -0.13 -13.17 -8.60
CA TYR A 58 -0.15 -13.37 -7.17
C TYR A 58 1.14 -12.82 -6.59
N GLY A 59 1.47 -11.57 -6.88
CA GLY A 59 2.66 -11.04 -6.25
C GLY A 59 3.14 -9.72 -6.80
N LYS A 60 3.75 -8.92 -5.96
CA LYS A 60 4.17 -7.58 -6.36
C LYS A 60 5.33 -7.68 -7.33
N ILE A 61 5.06 -7.49 -8.62
CA ILE A 61 6.10 -7.54 -9.62
C ILE A 61 7.30 -6.76 -9.13
N ALA A 62 8.48 -7.36 -9.26
CA ALA A 62 9.70 -6.69 -8.85
C ALA A 62 10.75 -6.63 -9.93
N VAL A 63 10.70 -7.50 -10.93
CA VAL A 63 11.64 -7.55 -12.03
C VAL A 63 10.93 -8.16 -13.22
N MET A 64 11.00 -7.48 -14.35
CA MET A 64 10.33 -7.90 -15.57
C MET A 64 11.27 -7.66 -16.73
N GLU A 65 11.45 -8.67 -17.57
CA GLU A 65 12.41 -8.54 -18.66
C GLU A 65 11.95 -9.37 -19.84
N LEU A 66 12.40 -9.01 -21.03
CA LEU A 66 12.13 -9.79 -22.23
C LEU A 66 13.43 -10.40 -22.73
N PHE A 67 13.32 -11.57 -23.34
CA PHE A 67 14.50 -12.13 -23.98
C PHE A 67 14.04 -13.13 -25.03
N ARG A 68 14.78 -13.22 -26.12
CA ARG A 68 14.49 -14.23 -27.13
C ARG A 68 15.60 -15.26 -27.14
N PRO A 69 15.34 -16.48 -26.72
CA PRO A 69 16.38 -17.49 -26.79
C PRO A 69 16.54 -17.92 -28.24
N LYS A 70 17.68 -18.55 -28.53
CA LYS A 70 17.85 -19.07 -29.87
C LYS A 70 16.82 -20.15 -30.14
N GLY A 71 16.36 -20.22 -31.37
CA GLY A 71 15.41 -21.23 -31.76
C GLY A 71 13.96 -20.91 -31.47
N GLU A 72 13.66 -19.67 -31.10
CA GLU A 72 12.30 -19.27 -30.77
C GLU A 72 11.96 -18.00 -31.54
N SER A 73 10.83 -18.03 -32.25
CA SER A 73 10.43 -16.89 -33.07
C SER A 73 10.21 -15.63 -32.24
N LYS A 74 9.20 -15.65 -31.38
CA LYS A 74 8.84 -14.49 -30.60
C LYS A 74 9.69 -14.46 -29.33
N ASP A 75 9.31 -13.62 -28.38
CA ASP A 75 10.08 -13.49 -27.16
C ASP A 75 9.45 -14.26 -26.00
N LEU A 76 10.22 -14.34 -24.93
CA LEU A 76 9.79 -14.85 -23.65
C LEU A 76 9.92 -13.75 -22.63
N LEU A 77 9.20 -13.90 -21.53
CA LEU A 77 9.13 -12.85 -20.52
C LEU A 77 9.48 -13.43 -19.17
N PHE A 78 10.41 -12.80 -18.47
CA PHE A 78 10.80 -13.25 -17.15
C PHE A 78 10.20 -12.33 -16.10
N ILE A 79 9.57 -12.92 -15.08
CA ILE A 79 8.92 -12.16 -14.01
C ILE A 79 9.37 -12.69 -12.67
N LEU A 80 9.76 -11.80 -11.78
CA LEU A 80 10.10 -12.17 -10.41
C LEU A 80 9.25 -11.36 -9.44
N THR A 81 8.35 -12.04 -8.72
CA THR A 81 7.55 -11.42 -7.70
C THR A 81 8.42 -10.98 -6.54
N ALA A 82 7.82 -10.43 -5.51
CA ALA A 82 8.59 -9.91 -4.39
C ALA A 82 8.74 -10.89 -3.26
N LYS A 83 8.13 -12.07 -3.36
CA LYS A 83 8.42 -13.21 -2.52
C LYS A 83 9.27 -14.24 -3.25
N TYR A 84 10.03 -13.81 -4.23
CA TYR A 84 10.95 -14.68 -4.94
C TYR A 84 10.20 -15.85 -5.58
N ASN A 85 9.38 -15.51 -6.56
CA ASN A 85 8.77 -16.47 -7.47
C ASN A 85 9.24 -16.18 -8.88
N ALA A 86 10.35 -16.77 -9.27
CA ALA A 86 10.77 -16.70 -10.65
C ALA A 86 9.79 -17.45 -11.55
N CYS A 87 9.44 -16.86 -12.67
CA CYS A 87 8.64 -17.55 -13.67
C CYS A 87 8.98 -17.05 -15.06
N ILE A 88 8.78 -17.92 -16.05
CA ILE A 88 9.08 -17.61 -17.44
C ILE A 88 7.83 -17.84 -18.27
N LEU A 89 7.31 -16.77 -18.84
CA LEU A 89 6.02 -16.74 -19.52
C LEU A 89 6.20 -16.63 -21.03
N GLU A 90 5.15 -17.03 -21.72
CA GLU A 90 5.07 -16.97 -23.17
C GLU A 90 3.70 -16.37 -23.47
N TYR A 91 3.22 -16.49 -24.70
CA TYR A 91 1.95 -15.88 -25.04
C TYR A 91 1.30 -16.70 -26.14
N LYS A 92 0.20 -17.38 -25.82
CA LYS A 92 -0.50 -18.14 -26.85
C LYS A 92 -1.64 -17.30 -27.41
N GLN A 93 -2.14 -17.74 -28.56
CA GLN A 93 -3.21 -17.02 -29.24
C GLN A 93 -3.85 -17.95 -30.24
N SER A 94 -5.14 -18.22 -30.08
CA SER A 94 -5.90 -19.09 -30.98
C SER A 94 -7.25 -18.43 -31.21
N GLY A 95 -7.38 -17.70 -32.31
CA GLY A 95 -8.57 -16.90 -32.54
C GLY A 95 -8.71 -15.81 -31.51
N GLU A 96 -9.69 -15.93 -30.62
CA GLU A 96 -9.82 -15.04 -29.48
C GLU A 96 -9.38 -15.68 -28.18
N SER A 97 -9.19 -16.99 -28.16
CA SER A 97 -8.69 -17.67 -26.98
C SER A 97 -7.24 -17.26 -26.75
N ILE A 98 -7.01 -16.41 -25.76
CA ILE A 98 -5.69 -15.90 -25.44
C ILE A 98 -5.36 -16.30 -24.01
N ASP A 99 -4.15 -16.79 -23.79
CA ASP A 99 -3.73 -17.12 -22.44
C ASP A 99 -2.22 -17.17 -22.38
N ILE A 100 -1.72 -17.11 -21.16
CA ILE A 100 -0.31 -16.84 -20.90
C ILE A 100 0.30 -18.08 -20.25
N ILE A 101 0.83 -18.99 -21.07
CA ILE A 101 1.40 -20.21 -20.53
C ILE A 101 2.71 -19.92 -19.82
N THR A 102 3.02 -20.75 -18.83
CA THR A 102 4.25 -20.66 -18.07
C THR A 102 5.12 -21.83 -18.45
N ARG A 103 6.33 -21.54 -18.94
CA ARG A 103 7.23 -22.58 -19.39
C ARG A 103 8.19 -23.03 -18.30
N ALA A 104 8.24 -22.33 -17.18
CA ALA A 104 9.16 -22.66 -16.10
C ALA A 104 8.80 -21.79 -14.92
N HIS A 105 8.95 -22.34 -13.72
CA HIS A 105 8.55 -21.61 -12.54
C HIS A 105 9.21 -22.22 -11.32
N GLY A 106 9.45 -21.38 -10.32
CA GLY A 106 9.85 -21.94 -9.06
C GLY A 106 10.50 -20.97 -8.12
N ASN A 107 10.14 -21.03 -6.85
CA ASN A 107 10.69 -20.11 -5.88
C ASN A 107 12.19 -20.21 -5.84
N VAL A 108 12.85 -19.07 -5.64
CA VAL A 108 14.30 -19.01 -5.61
C VAL A 108 14.76 -18.28 -4.35
N GLN A 109 13.99 -18.38 -3.28
CA GLN A 109 14.39 -17.75 -2.04
C GLN A 109 15.43 -18.61 -1.34
N ASP A 110 16.53 -17.99 -0.91
CA ASP A 110 17.53 -18.73 -0.18
C ASP A 110 17.07 -18.92 1.25
N ARG A 111 17.07 -20.18 1.71
CA ARG A 111 16.48 -20.58 2.97
C ARG A 111 16.69 -19.57 4.09
N ILE A 112 17.93 -19.14 4.31
CA ILE A 112 18.19 -18.13 5.32
C ILE A 112 19.19 -17.10 4.80
N GLY A 113 18.69 -15.95 4.40
CA GLY A 113 19.52 -14.81 4.06
C GLY A 113 18.92 -13.55 4.63
N ARG A 114 19.15 -12.44 3.93
CA ARG A 114 18.51 -11.20 4.34
C ARG A 114 18.48 -10.25 3.16
N PRO A 115 17.54 -9.30 3.11
CA PRO A 115 17.36 -8.51 1.89
C PRO A 115 18.50 -7.55 1.64
N SER A 116 18.46 -6.90 0.49
CA SER A 116 19.54 -6.07 -0.01
C SER A 116 19.17 -4.60 0.14
N GLU A 117 20.20 -3.75 0.15
CA GLU A 117 20.01 -2.36 0.52
C GLU A 117 19.74 -1.46 -0.66
N THR A 118 19.66 -2.02 -1.86
CA THR A 118 19.10 -1.34 -3.03
C THR A 118 18.12 -2.24 -3.74
N GLY A 119 17.42 -3.09 -3.01
CA GLY A 119 16.39 -3.93 -3.57
C GLY A 119 16.89 -4.93 -4.59
N ILE A 120 15.97 -5.77 -5.07
CA ILE A 120 16.26 -6.80 -6.05
C ILE A 120 16.88 -6.15 -7.29
N ILE A 121 17.62 -6.94 -8.06
CA ILE A 121 18.17 -6.54 -9.35
C ILE A 121 18.10 -7.76 -10.25
N GLY A 122 17.69 -7.59 -11.48
CA GLY A 122 17.59 -8.77 -12.32
C GLY A 122 18.04 -8.50 -13.73
N ILE A 123 19.03 -9.24 -14.19
CA ILE A 123 19.68 -8.94 -15.45
C ILE A 123 19.81 -10.20 -16.25
N ILE A 124 20.01 -10.05 -17.55
CA ILE A 124 20.13 -11.19 -18.45
C ILE A 124 21.26 -10.92 -19.42
N ASP A 125 22.08 -11.93 -19.67
CA ASP A 125 23.11 -11.78 -20.68
C ASP A 125 22.46 -11.60 -22.04
N PRO A 126 23.15 -10.98 -23.00
CA PRO A 126 22.54 -10.76 -24.30
C PRO A 126 22.51 -11.98 -25.19
N GLU A 127 23.34 -12.98 -24.94
CA GLU A 127 23.32 -14.20 -25.72
C GLU A 127 22.29 -15.20 -25.21
N CYS A 128 21.49 -14.82 -24.21
CA CYS A 128 20.44 -15.67 -23.66
C CYS A 128 20.98 -17.01 -23.15
N ARG A 129 21.93 -16.91 -22.20
CA ARG A 129 22.49 -18.09 -21.58
C ARG A 129 22.15 -18.23 -20.11
N MET A 130 21.91 -17.14 -19.38
CA MET A 130 21.72 -17.27 -17.95
C MET A 130 21.23 -15.97 -17.36
N ILE A 131 20.36 -16.06 -16.35
CA ILE A 131 19.82 -14.92 -15.63
C ILE A 131 20.64 -14.69 -14.38
N GLY A 132 20.87 -13.43 -14.05
CA GLY A 132 21.57 -13.16 -12.83
C GLY A 132 20.76 -12.29 -11.91
N LEU A 133 20.60 -12.72 -10.66
CA LEU A 133 19.76 -12.05 -9.69
C LEU A 133 20.60 -11.68 -8.50
N ARG A 134 20.35 -10.51 -7.94
CA ARG A 134 21.04 -10.11 -6.72
C ARG A 134 20.00 -9.85 -5.65
N LEU A 135 19.57 -10.91 -4.98
CA LEU A 135 18.52 -10.83 -3.98
C LEU A 135 19.08 -10.35 -2.66
N TYR A 136 20.09 -11.05 -2.13
CA TYR A 136 20.68 -10.81 -0.84
C TYR A 136 22.10 -10.30 -0.99
N ASP A 137 22.59 -9.65 0.05
CA ASP A 137 23.93 -9.11 0.02
C ASP A 137 24.96 -10.22 -0.10
N GLY A 138 26.17 -9.82 -0.46
CA GLY A 138 27.31 -10.69 -0.44
C GLY A 138 27.32 -11.81 -1.45
N LEU A 139 26.19 -12.11 -2.09
CA LEU A 139 26.11 -13.22 -3.03
C LEU A 139 25.54 -12.74 -4.35
N PHE A 140 25.49 -13.66 -5.33
CA PHE A 140 25.01 -13.33 -6.68
C PHE A 140 24.38 -14.58 -7.27
N LYS A 141 23.08 -14.71 -7.13
CA LYS A 141 22.43 -15.92 -7.57
C LYS A 141 22.37 -16.00 -9.08
N VAL A 142 22.39 -17.21 -9.62
CA VAL A 142 22.50 -17.40 -11.05
C VAL A 142 21.58 -18.51 -11.50
N ILE A 143 20.74 -18.23 -12.49
CA ILE A 143 19.86 -19.25 -13.04
C ILE A 143 20.30 -19.59 -14.45
N PRO A 144 20.98 -20.68 -14.65
CA PRO A 144 21.41 -21.05 -16.00
C PRO A 144 20.26 -21.34 -16.93
N LEU A 145 20.07 -20.51 -17.95
CA LEU A 145 19.08 -20.82 -18.97
C LEU A 145 19.42 -22.11 -19.67
N ASP A 146 18.39 -22.87 -19.98
CA ASP A 146 18.56 -24.18 -20.58
C ASP A 146 17.19 -24.69 -20.98
N ARG A 147 17.15 -25.88 -21.55
CA ARG A 147 15.88 -26.56 -21.76
C ARG A 147 15.58 -27.53 -20.63
N ASP A 148 16.62 -28.07 -20.01
CA ASP A 148 16.47 -28.96 -18.86
C ASP A 148 16.57 -28.20 -17.54
N ASN A 149 15.85 -27.10 -17.42
CA ASN A 149 15.82 -26.35 -16.18
C ASN A 149 14.42 -25.86 -15.90
N LYS A 150 13.44 -26.75 -16.08
CA LYS A 150 12.05 -26.39 -15.86
C LYS A 150 11.89 -25.73 -14.50
N GLU A 151 12.16 -26.49 -13.45
CA GLU A 151 12.31 -25.86 -12.15
C GLU A 151 13.46 -24.87 -12.24
N LEU A 152 13.18 -23.59 -12.12
CA LEU A 152 14.29 -22.65 -12.15
C LEU A 152 15.22 -23.06 -11.02
N LYS A 153 16.41 -23.55 -11.36
CA LYS A 153 17.33 -24.07 -10.35
C LYS A 153 18.58 -23.22 -10.32
N ALA A 154 18.84 -22.60 -9.19
CA ALA A 154 19.85 -21.57 -9.09
C ALA A 154 21.12 -22.14 -8.47
N PHE A 155 22.08 -21.26 -8.23
CA PHE A 155 23.21 -21.55 -7.36
C PHE A 155 23.95 -20.25 -7.08
N ASN A 156 24.36 -20.06 -5.85
CA ASN A 156 25.02 -18.82 -5.48
C ASN A 156 26.46 -18.79 -6.00
N ILE A 157 27.06 -17.61 -5.85
CA ILE A 157 28.48 -17.37 -6.10
C ILE A 157 28.93 -16.29 -5.13
N ARG A 158 29.79 -16.63 -4.19
CA ARG A 158 30.06 -15.67 -3.14
C ARG A 158 30.91 -14.50 -3.65
N LEU A 159 30.23 -13.42 -4.04
CA LEU A 159 30.92 -12.18 -4.31
C LEU A 159 31.67 -11.74 -3.07
N GLU A 160 32.89 -11.27 -3.25
CA GLU A 160 33.63 -10.68 -2.15
C GLU A 160 33.18 -9.27 -1.87
N GLU A 161 32.33 -8.70 -2.70
CA GLU A 161 31.86 -7.33 -2.54
C GLU A 161 30.46 -7.37 -1.95
N LEU A 162 30.29 -6.72 -0.80
CA LEU A 162 29.00 -6.74 -0.12
C LEU A 162 28.06 -5.69 -0.71
N HIS A 163 28.50 -4.44 -0.74
CA HIS A 163 27.64 -3.32 -1.10
C HIS A 163 27.74 -3.03 -2.59
N VAL A 164 27.17 -3.94 -3.39
CA VAL A 164 26.97 -3.65 -4.80
C VAL A 164 25.97 -2.52 -4.94
N ILE A 165 26.09 -1.74 -6.01
CA ILE A 165 25.16 -0.67 -6.30
C ILE A 165 24.48 -0.85 -7.65
N ASP A 166 25.22 -1.25 -8.68
CA ASP A 166 24.53 -1.64 -9.90
C ASP A 166 25.37 -2.62 -10.69
N VAL A 167 24.72 -3.32 -11.62
CA VAL A 167 25.37 -4.39 -12.36
C VAL A 167 24.71 -4.51 -13.72
N LYS A 168 25.46 -4.94 -14.73
CA LYS A 168 24.91 -5.27 -16.04
C LYS A 168 25.75 -6.33 -16.73
N PHE A 169 25.18 -6.92 -17.77
CA PHE A 169 25.80 -7.99 -18.56
C PHE A 169 26.40 -7.42 -19.84
N LEU A 170 27.72 -7.26 -19.88
CA LEU A 170 28.37 -6.58 -20.99
C LEU A 170 28.05 -7.25 -22.33
N TYR A 171 28.30 -6.48 -23.39
CA TYR A 171 27.95 -6.84 -24.76
C TYR A 171 29.17 -7.29 -25.53
N GLY A 172 28.93 -8.15 -26.52
CA GLY A 172 29.99 -8.61 -27.39
C GLY A 172 31.15 -9.25 -26.67
N CYS A 173 30.89 -10.41 -26.05
CA CYS A 173 31.91 -11.10 -25.26
C CYS A 173 31.69 -12.59 -25.39
N GLN A 174 32.78 -13.34 -25.42
CA GLN A 174 32.70 -14.77 -25.71
C GLN A 174 31.96 -15.51 -24.61
N ALA A 175 32.50 -15.49 -23.41
CA ALA A 175 31.73 -16.12 -22.36
C ALA A 175 31.20 -15.05 -21.42
N PRO A 176 29.97 -15.24 -20.89
CA PRO A 176 29.28 -14.18 -20.15
C PRO A 176 30.18 -13.36 -19.24
N THR A 177 30.16 -12.06 -19.40
CA THR A 177 30.91 -11.13 -18.58
C THR A 177 29.91 -10.30 -17.80
N ILE A 178 30.39 -9.62 -16.77
CA ILE A 178 29.50 -8.86 -15.90
C ILE A 178 30.27 -7.67 -15.36
N CYS A 179 29.72 -6.49 -15.55
CA CYS A 179 30.35 -5.25 -15.13
C CYS A 179 29.50 -4.59 -14.08
N PHE A 180 30.09 -4.22 -12.96
CA PHE A 180 29.27 -3.68 -11.90
C PHE A 180 30.03 -2.62 -11.12
N VAL A 181 29.27 -1.76 -10.47
CA VAL A 181 29.82 -0.72 -9.63
C VAL A 181 29.40 -0.99 -8.21
N TYR A 182 30.36 -0.91 -7.28
CA TYR A 182 30.16 -1.25 -5.89
C TYR A 182 30.83 -0.19 -5.04
N GLN A 183 30.52 -0.20 -3.75
CA GLN A 183 31.13 0.71 -2.81
C GLN A 183 32.10 -0.01 -1.89
N ASP A 184 32.94 0.77 -1.25
CA ASP A 184 34.06 0.27 -0.48
C ASP A 184 34.53 1.39 0.42
N PRO A 185 35.16 1.08 1.53
CA PRO A 185 35.75 2.13 2.37
C PRO A 185 36.64 3.12 1.62
N GLN A 186 37.09 2.77 0.43
CA GLN A 186 37.93 3.67 -0.35
C GLN A 186 37.15 4.52 -1.34
N GLY A 187 35.89 4.21 -1.57
CA GLY A 187 35.11 4.99 -2.53
C GLY A 187 34.13 4.13 -3.29
N ARG A 188 33.99 4.38 -4.57
CA ARG A 188 33.09 3.62 -5.42
C ARG A 188 33.83 3.21 -6.66
N HIS A 189 33.87 1.91 -6.95
CA HIS A 189 34.66 1.40 -8.04
C HIS A 189 33.80 0.63 -9.01
N VAL A 190 34.37 0.34 -10.17
CA VAL A 190 33.76 -0.51 -11.19
C VAL A 190 34.65 -1.72 -11.39
N LYS A 191 34.07 -2.84 -11.77
CA LYS A 191 34.85 -4.05 -11.92
C LYS A 191 34.10 -5.03 -12.80
N THR A 192 34.85 -5.81 -13.58
CA THR A 192 34.26 -6.82 -14.44
C THR A 192 34.75 -8.19 -14.00
N TYR A 193 33.82 -9.11 -13.81
CA TYR A 193 34.14 -10.52 -13.66
C TYR A 193 33.61 -11.25 -14.87
N GLU A 194 33.89 -12.56 -14.91
CA GLU A 194 33.41 -13.38 -16.00
C GLU A 194 32.92 -14.69 -15.40
N VAL A 195 31.64 -14.96 -15.52
CA VAL A 195 31.08 -16.12 -14.84
C VAL A 195 31.42 -17.36 -15.64
N SER A 196 31.68 -18.45 -14.94
CA SER A 196 31.98 -19.74 -15.55
C SER A 196 30.84 -20.68 -15.21
N LEU A 197 30.09 -21.09 -16.22
CA LEU A 197 28.88 -21.84 -15.93
C LEU A 197 29.13 -23.31 -15.70
N ARG A 198 30.38 -23.76 -15.84
CA ARG A 198 30.75 -25.14 -15.54
C ARG A 198 31.51 -25.27 -14.23
N GLU A 199 32.46 -24.39 -13.98
CA GLU A 199 33.16 -24.36 -12.70
C GLU A 199 32.38 -23.60 -11.63
N LYS A 200 31.33 -22.87 -12.00
CA LYS A 200 30.51 -22.12 -11.06
C LYS A 200 31.37 -21.19 -10.21
N GLU A 201 31.95 -20.20 -10.87
CA GLU A 201 32.83 -19.27 -10.19
C GLU A 201 33.09 -18.06 -11.08
N PHE A 202 33.76 -17.07 -10.50
CA PHE A 202 34.06 -15.80 -11.15
C PHE A 202 35.52 -15.77 -11.59
N ASN A 203 35.77 -16.06 -12.85
CA ASN A 203 37.10 -15.80 -13.38
C ASN A 203 37.33 -14.30 -13.51
N LYS A 204 38.60 -13.91 -13.44
CA LYS A 204 38.95 -12.52 -13.68
C LYS A 204 38.54 -12.12 -15.08
N GLY A 205 38.05 -10.89 -15.22
CA GLY A 205 37.41 -10.49 -16.45
C GLY A 205 38.19 -9.48 -17.26
N PRO A 206 37.68 -9.12 -18.43
CA PRO A 206 38.50 -8.44 -19.44
C PRO A 206 39.23 -7.20 -18.99
N TRP A 207 38.55 -6.17 -18.52
CA TRP A 207 39.30 -4.99 -18.15
C TRP A 207 39.30 -4.80 -16.65
N LYS A 208 39.84 -3.69 -16.20
CA LYS A 208 40.34 -3.57 -14.85
C LYS A 208 39.35 -2.87 -13.93
N GLN A 209 39.68 -2.88 -12.65
CA GLN A 209 38.99 -2.08 -11.67
C GLN A 209 39.48 -0.64 -11.76
N GLU A 210 38.58 0.27 -12.11
CA GLU A 210 38.91 1.68 -12.21
C GLU A 210 38.64 2.35 -10.87
N ASN A 211 38.62 3.68 -10.85
CA ASN A 211 38.14 4.44 -9.70
C ASN A 211 37.11 5.43 -10.21
N VAL A 212 35.87 5.29 -9.75
CA VAL A 212 34.71 5.94 -10.34
C VAL A 212 34.24 7.06 -9.42
N GLU A 213 33.57 8.06 -10.02
CA GLU A 213 33.01 9.18 -9.28
C GLU A 213 32.28 8.72 -8.04
N ALA A 214 32.21 9.60 -7.04
CA ALA A 214 31.75 9.21 -5.71
C ALA A 214 30.34 8.65 -5.74
N GLU A 215 29.37 9.44 -6.13
CA GLU A 215 27.97 9.01 -6.12
C GLU A 215 27.52 8.55 -7.51
N ALA A 216 28.24 7.58 -8.05
CA ALA A 216 27.84 7.01 -9.31
C ALA A 216 26.62 6.11 -9.13
N SER A 217 26.09 5.64 -10.24
CA SER A 217 25.03 4.64 -10.29
C SER A 217 24.68 4.36 -11.73
N MET A 218 23.89 3.34 -12.00
CA MET A 218 23.26 3.21 -13.30
C MET A 218 24.29 3.11 -14.43
N VAL A 219 24.97 2.02 -14.45
CA VAL A 219 25.86 1.71 -15.55
C VAL A 219 25.02 1.27 -16.74
N ILE A 220 25.54 1.43 -17.94
CA ILE A 220 24.85 1.02 -19.16
C ILE A 220 25.77 0.15 -20.00
N ALA A 221 25.19 -0.65 -20.85
CA ALA A 221 25.94 -1.63 -21.64
C ALA A 221 25.73 -1.36 -23.13
N VAL A 222 26.63 -0.62 -23.74
CA VAL A 222 26.46 -0.17 -25.13
C VAL A 222 26.58 -1.36 -26.06
N PRO A 223 25.81 -1.42 -27.12
CA PRO A 223 25.85 -2.57 -28.00
C PRO A 223 27.09 -2.70 -28.88
N GLU A 224 27.02 -3.62 -29.84
CA GLU A 224 28.14 -4.24 -30.52
C GLU A 224 29.13 -3.24 -31.10
N PRO A 225 28.75 -2.39 -32.07
CA PRO A 225 29.76 -1.61 -32.79
C PRO A 225 30.63 -0.76 -31.88
N PHE A 226 30.23 -0.56 -30.63
CA PHE A 226 31.08 0.15 -29.69
C PHE A 226 31.55 -0.74 -28.56
N GLY A 227 30.64 -1.46 -27.92
CA GLY A 227 30.96 -2.22 -26.73
C GLY A 227 31.34 -1.33 -25.57
N GLY A 228 31.48 -1.89 -24.38
CA GLY A 228 31.98 -1.12 -23.26
C GLY A 228 30.91 -0.77 -22.26
N ALA A 229 31.08 0.34 -21.56
CA ALA A 229 30.10 0.72 -20.58
C ALA A 229 30.09 2.22 -20.40
N ILE A 230 28.91 2.76 -20.12
CA ILE A 230 28.75 4.15 -19.77
C ILE A 230 28.25 4.20 -18.34
N ILE A 231 28.91 4.98 -17.51
CA ILE A 231 28.55 5.13 -16.12
C ILE A 231 28.07 6.55 -15.92
N ILE A 232 26.86 6.68 -15.39
CA ILE A 232 26.22 7.97 -15.19
C ILE A 232 26.17 8.29 -13.71
N GLY A 233 27.16 8.98 -13.21
CA GLY A 233 27.07 9.42 -11.84
C GLY A 233 26.11 10.57 -11.73
N GLN A 234 26.36 11.46 -10.78
CA GLN A 234 25.57 12.67 -10.68
C GLN A 234 26.15 13.83 -11.47
N GLU A 235 27.45 14.09 -11.33
CA GLU A 235 28.07 15.26 -11.94
C GLU A 235 28.91 14.93 -13.16
N SER A 236 28.82 13.73 -13.70
CA SER A 236 29.66 13.38 -14.84
C SER A 236 29.14 12.12 -15.51
N ILE A 237 29.54 11.95 -16.75
CA ILE A 237 29.23 10.76 -17.53
C ILE A 237 30.54 10.24 -18.10
N THR A 238 30.73 8.93 -18.06
CA THR A 238 32.01 8.33 -18.41
C THR A 238 31.82 7.13 -19.31
N TYR A 239 32.76 6.96 -20.24
CA TYR A 239 32.82 5.79 -21.12
C TYR A 239 34.08 5.01 -20.82
N HIS A 240 33.92 3.71 -20.60
CA HIS A 240 35.01 2.80 -20.30
C HIS A 240 35.00 1.64 -21.28
N ASN A 241 36.16 1.33 -21.83
CA ASN A 241 36.31 0.10 -22.60
C ASN A 241 37.63 -0.58 -22.30
N GLY A 242 38.25 -0.25 -21.17
CA GLY A 242 39.51 -0.85 -20.81
C GLY A 242 40.68 -0.01 -21.26
N ASP A 243 40.86 0.10 -22.57
CA ASP A 243 41.87 1.03 -23.08
C ASP A 243 41.39 2.47 -22.97
N LYS A 244 40.23 2.75 -23.56
CA LYS A 244 39.74 4.10 -23.70
C LYS A 244 39.11 4.60 -22.41
N TYR A 245 38.90 5.91 -22.35
CA TYR A 245 38.25 6.54 -21.21
C TYR A 245 37.81 7.91 -21.67
N LEU A 246 36.52 8.20 -21.58
CA LEU A 246 35.99 9.49 -21.96
C LEU A 246 35.13 10.05 -20.84
N ALA A 247 35.29 11.34 -20.52
CA ALA A 247 34.59 11.92 -19.38
C ALA A 247 34.02 13.27 -19.78
N ILE A 248 32.70 13.40 -19.76
CA ILE A 248 32.04 14.67 -20.05
C ILE A 248 31.20 15.06 -18.85
N ALA A 249 31.32 16.33 -18.44
CA ALA A 249 30.64 16.84 -17.26
C ALA A 249 29.77 18.01 -17.69
N PRO A 250 28.58 17.75 -18.23
CA PRO A 250 27.74 18.84 -18.70
C PRO A 250 27.40 19.78 -17.57
N PRO A 251 27.19 21.05 -17.87
CA PRO A 251 26.85 21.99 -16.78
C PRO A 251 25.43 21.85 -16.32
N ILE A 252 24.54 21.35 -17.17
CA ILE A 252 23.12 21.33 -16.84
C ILE A 252 22.81 20.25 -15.83
N ILE A 253 23.12 18.99 -16.15
CA ILE A 253 22.59 17.88 -15.38
C ILE A 253 23.03 17.89 -13.92
N LYS A 254 23.92 18.79 -13.53
CA LYS A 254 24.22 18.91 -12.11
C LYS A 254 23.04 19.40 -11.31
N GLN A 255 21.91 19.69 -11.95
CA GLN A 255 20.77 20.27 -11.22
C GLN A 255 19.95 19.19 -10.51
N SER A 256 19.71 18.06 -11.16
CA SER A 256 19.00 16.95 -10.51
C SER A 256 19.68 15.66 -10.93
N THR A 257 19.07 14.52 -10.58
CA THR A 257 19.76 13.24 -10.65
C THR A 257 19.05 12.33 -11.63
N ILE A 258 19.77 11.89 -12.67
CA ILE A 258 19.22 10.96 -13.63
C ILE A 258 18.87 9.66 -12.94
N VAL A 259 17.68 9.11 -13.23
CA VAL A 259 17.22 7.90 -12.58
C VAL A 259 16.75 6.84 -13.55
N CYS A 260 16.58 7.15 -14.83
CA CYS A 260 16.14 6.15 -15.78
C CYS A 260 16.91 6.38 -17.07
N HIS A 261 16.65 5.53 -18.07
CA HIS A 261 17.33 5.65 -19.35
C HIS A 261 16.70 4.69 -20.33
N ASN A 262 16.92 4.96 -21.61
CA ASN A 262 16.54 3.98 -22.61
C ASN A 262 17.38 4.12 -23.86
N ARG A 263 17.60 2.99 -24.51
CA ARG A 263 18.34 2.90 -25.75
C ARG A 263 17.38 3.21 -26.89
N VAL A 264 17.57 4.35 -27.53
CA VAL A 264 16.71 4.72 -28.63
C VAL A 264 17.03 3.88 -29.86
N ASP A 265 18.31 3.90 -30.27
CA ASP A 265 18.76 3.27 -31.50
C ASP A 265 19.38 1.91 -31.21
N PRO A 266 19.07 0.90 -31.99
CA PRO A 266 19.47 -0.46 -31.63
C PRO A 266 20.95 -0.71 -31.79
N ASN A 267 21.74 0.35 -31.95
CA ASN A 267 23.19 0.21 -32.00
C ASN A 267 23.89 1.25 -31.14
N GLY A 268 23.18 1.88 -30.22
CA GLY A 268 23.80 2.64 -29.17
C GLY A 268 24.03 4.10 -29.44
N SER A 269 23.56 4.62 -30.57
CA SER A 269 23.91 5.99 -30.94
C SER A 269 23.33 6.99 -29.95
N ARG A 270 22.03 6.92 -29.69
CA ARG A 270 21.32 7.91 -28.91
C ARG A 270 20.62 7.28 -27.71
N TYR A 271 20.72 7.94 -26.57
CA TYR A 271 20.17 7.44 -25.32
C TYR A 271 19.22 8.47 -24.71
N LEU A 272 18.10 8.01 -24.16
CA LEU A 272 17.22 8.89 -23.41
C LEU A 272 17.57 8.83 -21.93
N LEU A 273 17.55 9.98 -21.27
CA LEU A 273 17.85 10.06 -19.85
C LEU A 273 16.68 10.76 -19.18
N GLY A 274 16.84 11.21 -17.96
CA GLY A 274 15.85 12.10 -17.37
C GLY A 274 15.63 11.99 -15.88
N ASP A 275 15.72 13.13 -15.20
CA ASP A 275 16.03 13.16 -13.79
C ASP A 275 14.78 13.20 -12.94
N MET A 276 14.94 13.55 -11.66
CA MET A 276 13.86 13.62 -10.69
C MET A 276 12.73 14.50 -11.18
N GLU A 277 13.00 15.78 -11.36
CA GLU A 277 11.94 16.74 -11.59
C GLU A 277 11.49 16.81 -13.05
N GLY A 278 11.24 15.66 -13.66
CA GLY A 278 10.48 15.60 -14.89
C GLY A 278 11.21 15.84 -16.18
N ARG A 279 12.38 16.48 -16.16
CA ARG A 279 13.03 16.89 -17.40
C ARG A 279 13.42 15.69 -18.24
N LEU A 280 13.88 15.96 -19.45
CA LEU A 280 14.20 14.88 -20.38
C LEU A 280 15.32 15.32 -21.31
N PHE A 281 16.43 14.58 -21.29
CA PHE A 281 17.66 14.84 -22.03
C PHE A 281 17.85 13.84 -23.16
N MET A 282 18.93 14.03 -23.92
CA MET A 282 19.32 13.08 -24.95
C MET A 282 20.84 12.97 -24.99
N LEU A 283 21.34 11.75 -24.96
CA LEU A 283 22.76 11.45 -24.91
C LEU A 283 23.24 10.98 -26.28
N LEU A 284 24.28 11.60 -26.78
CA LEU A 284 24.76 11.34 -28.14
C LEU A 284 26.13 10.69 -28.11
N LEU A 285 26.32 9.69 -28.96
CA LEU A 285 27.59 8.99 -29.10
C LEU A 285 28.19 9.33 -30.45
N GLU A 286 29.34 9.99 -30.44
CA GLU A 286 30.00 10.42 -31.66
C GLU A 286 30.85 9.29 -32.22
N LYS A 287 30.50 8.82 -33.41
CA LYS A 287 31.25 7.75 -34.05
C LYS A 287 32.47 8.32 -34.76
N GLU A 288 33.58 7.59 -34.72
CA GLU A 288 34.84 8.00 -35.33
C GLU A 288 35.48 6.83 -36.05
N GLU A 289 34.70 6.15 -36.89
CA GLU A 289 35.15 4.91 -37.54
C GLU A 289 36.51 5.09 -38.20
N GLN A 290 37.32 4.05 -38.13
CA GLN A 290 38.73 4.08 -38.49
C GLN A 290 38.97 3.48 -39.87
N MET A 291 40.24 3.31 -40.22
CA MET A 291 40.62 2.87 -41.55
C MET A 291 40.45 1.37 -41.72
N ASP A 292 41.00 0.59 -40.79
CA ASP A 292 41.01 -0.86 -40.93
C ASP A 292 39.68 -1.51 -40.59
N GLY A 293 38.60 -0.74 -40.51
CA GLY A 293 37.28 -1.27 -40.24
C GLY A 293 36.80 -1.06 -38.81
N THR A 294 37.70 -0.82 -37.87
CA THR A 294 37.29 -0.65 -36.49
C THR A 294 36.39 0.56 -36.35
N VAL A 295 35.17 0.32 -35.89
CA VAL A 295 34.27 1.39 -35.50
C VAL A 295 34.56 1.71 -34.04
N THR A 296 34.93 2.95 -33.77
CA THR A 296 35.26 3.33 -32.40
C THR A 296 34.36 4.49 -31.99
N LEU A 297 34.64 5.05 -30.83
CA LEU A 297 33.94 6.21 -30.34
C LEU A 297 34.76 7.46 -30.63
N LYS A 298 34.08 8.60 -30.70
CA LYS A 298 34.76 9.88 -30.80
C LYS A 298 34.52 10.73 -29.56
N ASP A 299 33.26 11.01 -29.23
CA ASP A 299 32.96 11.86 -28.07
C ASP A 299 31.51 11.69 -27.66
N LEU A 300 31.19 12.34 -26.54
CA LEU A 300 29.91 12.23 -25.84
C LEU A 300 29.35 13.63 -25.70
N ARG A 301 28.06 13.79 -25.98
CA ARG A 301 27.42 15.07 -25.74
C ARG A 301 25.94 14.86 -25.46
N VAL A 302 25.40 15.73 -24.62
CA VAL A 302 24.02 15.62 -24.14
C VAL A 302 23.33 16.96 -24.35
N GLU A 303 22.02 16.90 -24.62
CA GLU A 303 21.23 18.09 -24.91
C GLU A 303 19.83 17.91 -24.36
N LEU A 304 19.25 18.99 -23.85
CA LEU A 304 17.98 18.92 -23.14
C LEU A 304 16.81 18.91 -24.13
N LEU A 305 16.05 17.82 -24.14
CA LEU A 305 14.86 17.76 -24.98
C LEU A 305 13.76 18.66 -24.43
N GLY A 306 13.32 18.38 -23.22
CA GLY A 306 12.18 19.12 -22.71
C GLY A 306 11.69 18.72 -21.35
N GLU A 307 10.37 18.80 -21.14
CA GLU A 307 9.76 18.52 -19.85
C GLU A 307 8.66 17.51 -19.99
N THR A 308 8.37 16.84 -18.89
CA THR A 308 7.25 15.91 -18.82
C THR A 308 7.04 15.59 -17.34
N SER A 309 6.12 14.67 -17.08
CA SER A 309 5.82 14.30 -15.71
C SER A 309 7.07 13.79 -15.00
N ILE A 310 6.97 13.62 -13.69
CA ILE A 310 8.09 13.05 -12.97
C ILE A 310 8.19 11.60 -13.39
N ALA A 311 9.14 11.31 -14.25
CA ALA A 311 9.21 10.04 -14.96
C ALA A 311 9.95 9.00 -14.15
N GLU A 312 9.56 7.75 -14.35
CA GLU A 312 10.12 6.64 -13.58
C GLU A 312 10.51 5.43 -14.41
N CYS A 313 9.97 5.24 -15.61
CA CYS A 313 10.52 4.24 -16.53
C CYS A 313 10.18 4.65 -17.97
N LEU A 314 11.12 5.29 -18.64
CA LEU A 314 10.95 5.74 -20.02
C LEU A 314 10.79 4.59 -21.00
N THR A 315 10.55 4.91 -22.26
CA THR A 315 10.53 3.92 -23.33
C THR A 315 10.45 4.64 -24.67
N TYR A 316 11.14 4.18 -25.70
CA TYR A 316 11.00 4.74 -27.04
C TYR A 316 10.37 3.70 -27.94
N LEU A 317 9.31 4.06 -28.65
CA LEU A 317 8.75 3.10 -29.57
C LEU A 317 9.20 3.32 -31.02
N ASP A 318 8.80 4.42 -31.64
CA ASP A 318 9.11 4.71 -33.03
C ASP A 318 8.50 6.06 -33.40
N ASN A 319 8.95 6.59 -34.53
CA ASN A 319 8.42 7.81 -35.13
C ASN A 319 8.49 9.01 -34.19
N GLY A 320 9.25 8.90 -33.11
CA GLY A 320 9.29 9.96 -32.14
C GLY A 320 8.35 9.79 -30.98
N VAL A 321 7.69 8.63 -30.87
CA VAL A 321 6.74 8.36 -29.81
C VAL A 321 7.51 7.78 -28.62
N VAL A 322 7.42 8.46 -27.48
CA VAL A 322 8.11 8.09 -26.26
C VAL A 322 7.08 7.86 -25.19
N PHE A 323 7.07 6.69 -24.58
CA PHE A 323 6.22 6.45 -23.43
C PHE A 323 6.94 6.92 -22.18
N VAL A 324 6.28 7.78 -21.42
CA VAL A 324 6.72 8.15 -20.08
C VAL A 324 5.85 7.41 -19.10
N GLY A 325 6.46 6.82 -18.08
CA GLY A 325 5.76 6.07 -17.06
C GLY A 325 6.10 6.65 -15.70
N SER A 326 5.09 7.03 -14.96
CA SER A 326 5.32 7.80 -13.77
C SER A 326 4.66 7.14 -12.58
N ARG A 327 5.18 7.48 -11.42
CA ARG A 327 4.77 6.95 -10.13
C ARG A 327 4.28 8.02 -9.19
N LEU A 328 4.73 9.25 -9.36
CA LEU A 328 4.30 10.39 -8.57
C LEU A 328 3.38 11.32 -9.35
N GLY A 329 2.65 10.81 -10.33
CA GLY A 329 1.85 11.67 -11.17
C GLY A 329 1.30 10.89 -12.34
N ASP A 330 0.98 11.60 -13.40
CA ASP A 330 0.37 10.97 -14.56
C ASP A 330 1.43 10.48 -15.54
N SER A 331 1.01 9.62 -16.46
CA SER A 331 1.92 8.99 -17.39
C SER A 331 1.54 9.37 -18.81
N GLN A 332 2.36 10.21 -19.45
CA GLN A 332 2.05 10.76 -20.74
C GLN A 332 2.42 9.80 -21.85
N LEU A 333 2.39 10.31 -23.09
CA LEU A 333 2.78 9.57 -24.28
C LEU A 333 3.50 10.50 -25.25
N VAL A 334 4.41 11.34 -24.76
CA VAL A 334 4.84 12.51 -25.54
C VAL A 334 5.48 12.10 -26.86
N LYS A 335 5.57 13.08 -27.77
CA LYS A 335 6.08 12.89 -29.12
C LYS A 335 7.26 13.83 -29.38
N LEU A 336 8.19 13.35 -30.19
CA LEU A 336 9.44 14.04 -30.43
C LEU A 336 9.47 14.70 -31.81
N ASN A 337 9.85 15.97 -31.83
CA ASN A 337 9.97 16.76 -33.04
C ASN A 337 11.44 16.98 -33.36
N VAL A 338 11.71 17.27 -34.64
CA VAL A 338 13.09 17.51 -35.05
C VAL A 338 13.52 18.94 -34.81
N ASP A 339 12.64 19.78 -34.26
CA ASP A 339 12.92 21.20 -34.17
C ASP A 339 12.06 21.81 -33.07
N SER A 340 12.67 22.73 -32.32
CA SER A 340 12.01 23.36 -31.19
C SER A 340 10.92 24.31 -31.68
N ASN A 341 9.94 24.57 -30.82
CA ASN A 341 8.95 25.60 -31.11
C ASN A 341 8.92 26.73 -30.09
N GLU A 342 8.64 26.46 -28.81
CA GLU A 342 8.27 27.58 -27.95
C GLU A 342 9.49 28.29 -27.41
N GLN A 343 10.24 27.62 -26.54
CA GLN A 343 11.49 28.12 -26.01
C GLN A 343 12.56 27.05 -26.12
N GLY A 344 12.32 26.07 -26.99
CA GLY A 344 13.11 24.88 -27.07
C GLY A 344 12.38 23.73 -26.40
N SER A 345 11.64 22.96 -27.19
CA SER A 345 11.03 21.75 -26.67
C SER A 345 10.67 20.87 -27.84
N TYR A 346 11.38 19.77 -28.01
CA TYR A 346 11.08 18.80 -29.06
C TYR A 346 9.99 17.84 -28.62
N VAL A 347 9.39 18.08 -27.45
CA VAL A 347 8.40 17.20 -26.85
C VAL A 347 7.10 17.97 -26.73
N VAL A 348 6.03 17.39 -27.26
CA VAL A 348 4.69 17.87 -27.02
C VAL A 348 3.84 16.65 -26.71
N ALA A 349 2.90 16.82 -25.78
CA ALA A 349 2.15 15.67 -25.30
C ALA A 349 1.30 15.08 -26.41
N MET A 350 0.81 13.88 -26.17
CA MET A 350 -0.20 13.33 -27.05
C MET A 350 -1.33 12.66 -26.32
N GLU A 351 -1.18 12.39 -25.03
CA GLU A 351 -2.18 11.62 -24.31
C GLU A 351 -1.79 11.67 -22.84
N THR A 352 -2.56 11.01 -22.01
CA THR A 352 -2.36 11.05 -20.56
C THR A 352 -3.22 9.97 -19.93
N PHE A 353 -2.65 9.25 -18.97
CA PHE A 353 -3.35 8.19 -18.27
C PHE A 353 -3.42 8.55 -16.80
N THR A 354 -4.58 8.36 -16.19
CA THR A 354 -4.83 8.87 -14.86
C THR A 354 -4.15 8.01 -13.81
N ASN A 355 -3.68 8.67 -12.75
CA ASN A 355 -2.87 8.02 -11.74
C ASN A 355 -3.19 8.66 -10.41
N LEU A 356 -3.80 7.88 -9.50
CA LEU A 356 -4.25 8.40 -8.22
C LEU A 356 -3.15 8.43 -7.18
N GLY A 357 -2.28 7.44 -7.18
CA GLY A 357 -1.28 7.30 -6.14
C GLY A 357 -0.26 8.40 -6.17
N PRO A 358 0.39 8.65 -5.04
CA PRO A 358 0.14 8.01 -3.76
C PRO A 358 -1.00 8.65 -2.99
N ILE A 359 -1.98 7.89 -2.54
CA ILE A 359 -3.10 8.48 -1.82
C ILE A 359 -2.67 8.79 -0.41
N VAL A 360 -2.22 10.02 -0.16
CA VAL A 360 -1.67 10.36 1.14
C VAL A 360 -2.73 10.67 2.17
N ASP A 361 -4.00 10.72 1.77
CA ASP A 361 -5.11 11.10 2.65
C ASP A 361 -6.40 10.95 1.86
N MET A 362 -7.52 11.11 2.56
CA MET A 362 -8.81 11.04 1.92
C MET A 362 -9.91 11.39 2.91
N CYS A 363 -11.05 11.87 2.43
CA CYS A 363 -12.15 12.23 3.32
C CYS A 363 -13.46 12.14 2.56
N VAL A 364 -14.30 11.19 2.93
CA VAL A 364 -15.56 10.96 2.24
C VAL A 364 -16.61 11.94 2.74
N VAL A 365 -17.33 12.55 1.79
CA VAL A 365 -18.34 13.54 2.10
C VAL A 365 -19.54 13.31 1.19
N ASP A 366 -20.67 13.92 1.55
CA ASP A 366 -21.87 13.96 0.72
C ASP A 366 -22.26 15.42 0.57
N LEU A 367 -22.17 15.94 -0.66
CA LEU A 367 -22.24 17.38 -0.87
C LEU A 367 -23.64 17.90 -1.12
N GLU A 368 -24.56 17.06 -1.57
CA GLU A 368 -25.95 17.45 -1.79
C GLU A 368 -26.88 16.94 -0.71
N ARG A 369 -26.34 16.35 0.35
CA ARG A 369 -27.11 15.67 1.39
C ARG A 369 -27.98 14.55 0.84
N GLN A 370 -27.77 14.17 -0.42
CA GLN A 370 -28.45 13.02 -0.99
C GLN A 370 -28.02 11.71 -0.37
N GLY A 371 -27.00 11.73 0.47
CA GLY A 371 -26.47 10.51 1.06
C GLY A 371 -26.00 9.50 0.03
N GLN A 372 -25.09 9.89 -0.85
CA GLN A 372 -24.54 8.96 -1.84
C GLN A 372 -23.05 8.72 -1.63
N GLY A 373 -22.24 9.76 -1.63
CA GLY A 373 -20.82 9.59 -1.34
C GLY A 373 -19.85 9.93 -2.44
N GLN A 374 -19.11 11.01 -2.26
CA GLN A 374 -17.98 11.38 -3.09
C GLN A 374 -16.74 11.39 -2.20
N LEU A 375 -15.55 11.27 -2.79
CA LEU A 375 -14.38 10.79 -2.07
C LEU A 375 -13.14 11.64 -2.34
N VAL A 376 -13.20 12.95 -2.08
CA VAL A 376 -12.03 13.78 -2.26
C VAL A 376 -10.79 13.17 -1.62
N THR A 377 -9.67 13.15 -2.35
CA THR A 377 -8.39 12.64 -1.83
C THR A 377 -7.26 13.56 -2.23
N CYS A 378 -6.12 13.41 -1.56
CA CYS A 378 -4.86 14.02 -1.99
C CYS A 378 -4.17 13.08 -2.96
N SER A 379 -3.19 13.59 -3.69
CA SER A 379 -2.46 12.69 -4.59
C SER A 379 -1.17 13.32 -5.07
N GLY A 380 -0.28 12.47 -5.58
CA GLY A 380 0.90 12.86 -6.31
C GLY A 380 1.91 13.57 -5.45
N ALA A 381 2.93 14.11 -6.10
CA ALA A 381 3.93 14.84 -5.34
C ALA A 381 4.70 15.82 -6.20
N PHE A 382 5.12 16.89 -5.55
CA PHE A 382 6.21 17.80 -5.88
C PHE A 382 6.01 18.75 -7.05
N LYS A 383 5.23 18.35 -8.04
CA LYS A 383 4.81 19.28 -9.07
C LYS A 383 3.56 18.68 -9.65
N GLU A 384 3.17 17.53 -9.12
CA GLU A 384 2.03 16.80 -9.62
C GLU A 384 1.02 16.52 -8.52
N GLY A 385 1.13 17.20 -7.38
CA GLY A 385 0.17 17.02 -6.32
C GLY A 385 -1.16 17.57 -6.76
N SER A 386 -2.20 16.77 -6.60
CA SER A 386 -3.54 17.18 -7.02
C SER A 386 -4.54 16.73 -5.98
N LEU A 387 -5.79 17.14 -6.16
CA LEU A 387 -6.91 16.62 -5.40
C LEU A 387 -7.81 15.87 -6.35
N ARG A 388 -8.07 14.61 -6.07
CA ARG A 388 -9.03 13.94 -6.93
C ARG A 388 -10.38 13.92 -6.25
N ILE A 389 -11.43 13.80 -7.05
CA ILE A 389 -12.81 13.76 -6.54
C ILE A 389 -13.49 12.56 -7.17
N ILE A 390 -13.41 11.45 -6.51
CA ILE A 390 -13.94 10.21 -7.05
C ILE A 390 -15.40 10.10 -6.70
N ARG A 391 -16.19 9.43 -7.54
CA ARG A 391 -17.58 9.19 -7.19
C ARG A 391 -18.20 8.13 -8.07
N ASN A 392 -18.89 7.19 -7.47
CA ASN A 392 -19.65 6.25 -8.26
C ASN A 392 -20.74 7.00 -9.00
N GLY A 393 -21.34 6.35 -9.98
CA GLY A 393 -22.46 6.97 -10.65
C GLY A 393 -22.31 7.19 -12.14
N ILE A 394 -22.95 8.24 -12.65
CA ILE A 394 -22.90 8.60 -14.07
C ILE A 394 -22.63 10.10 -14.14
N GLY A 395 -21.83 10.53 -15.11
CA GLY A 395 -21.34 11.88 -15.10
C GLY A 395 -22.18 12.85 -15.90
N ILE A 396 -22.41 14.03 -15.33
CA ILE A 396 -23.03 15.14 -16.03
C ILE A 396 -22.21 16.40 -15.80
N HIS A 397 -21.43 16.79 -16.80
CA HIS A 397 -20.62 17.99 -16.74
C HIS A 397 -21.53 19.19 -16.81
N GLU A 398 -21.08 20.32 -16.25
CA GLU A 398 -21.77 21.59 -16.43
C GLU A 398 -21.01 22.45 -17.42
N HIS A 399 -21.31 22.29 -18.71
CA HIS A 399 -20.74 23.13 -19.75
C HIS A 399 -21.47 24.45 -19.95
N ALA A 400 -22.72 24.55 -19.48
CA ALA A 400 -23.50 25.78 -19.53
C ALA A 400 -24.75 25.58 -18.69
N SER A 401 -25.51 26.66 -18.50
CA SER A 401 -26.80 26.58 -17.82
C SER A 401 -27.54 27.89 -17.99
N ILE A 402 -28.87 27.80 -18.03
CA ILE A 402 -29.77 28.95 -18.15
C ILE A 402 -30.63 29.00 -16.91
N ASP A 403 -31.16 30.17 -16.58
CA ASP A 403 -32.13 30.28 -15.49
C ASP A 403 -33.51 29.94 -16.05
N LEU A 404 -33.92 28.68 -15.89
CA LEU A 404 -35.21 28.20 -16.36
C LEU A 404 -35.85 27.30 -15.30
N PRO A 405 -36.56 27.89 -14.35
CA PRO A 405 -37.26 27.08 -13.33
C PRO A 405 -38.63 26.66 -13.81
N GLY A 406 -39.31 25.88 -12.96
CA GLY A 406 -40.69 25.49 -13.22
C GLY A 406 -40.92 24.78 -14.53
N ILE A 407 -39.94 24.03 -15.02
CA ILE A 407 -40.03 23.43 -16.34
C ILE A 407 -40.89 22.17 -16.27
N LYS A 408 -41.61 21.89 -17.36
CA LYS A 408 -42.49 20.73 -17.44
C LYS A 408 -42.11 19.77 -18.56
N GLY A 409 -41.24 20.18 -19.48
CA GLY A 409 -40.85 19.32 -20.57
C GLY A 409 -39.73 19.91 -21.40
N LEU A 410 -38.86 19.02 -21.87
CA LEU A 410 -37.64 19.37 -22.58
C LEU A 410 -37.39 18.35 -23.68
N TRP A 411 -37.06 18.83 -24.88
CA TRP A 411 -36.77 17.87 -25.97
C TRP A 411 -35.76 18.41 -26.98
N PRO A 412 -35.16 17.55 -27.80
CA PRO A 412 -34.35 18.04 -28.93
C PRO A 412 -35.15 18.13 -30.23
N LEU A 413 -34.72 19.05 -31.09
CA LEU A 413 -35.35 19.28 -32.39
C LEU A 413 -34.33 19.85 -33.36
N ARG A 414 -34.51 19.51 -34.64
CA ARG A 414 -33.58 19.88 -35.70
C ARG A 414 -34.29 20.81 -36.68
N SER A 415 -33.98 22.11 -36.61
CA SER A 415 -34.63 23.08 -37.48
C SER A 415 -34.21 22.95 -38.94
N ASP A 416 -33.00 22.44 -39.21
CA ASP A 416 -32.52 22.29 -40.57
C ASP A 416 -32.67 20.84 -41.01
N PRO A 417 -33.44 20.55 -42.06
CA PRO A 417 -33.54 19.16 -42.54
C PRO A 417 -32.25 18.62 -43.16
N ASN A 418 -31.18 19.41 -43.17
CA ASN A 418 -29.87 18.95 -43.62
C ASN A 418 -29.00 18.51 -42.46
N ARG A 419 -29.40 18.79 -41.24
CA ARG A 419 -28.59 18.49 -40.06
C ARG A 419 -29.12 17.24 -39.39
N GLU A 420 -28.30 16.20 -39.37
CA GLU A 420 -28.53 15.04 -38.53
C GLU A 420 -28.16 15.30 -37.08
N THR A 421 -27.49 16.42 -36.81
CA THR A 421 -27.15 16.83 -35.45
C THR A 421 -28.08 17.96 -35.00
N ASP A 422 -27.99 18.30 -33.72
CA ASP A 422 -29.00 19.16 -33.11
C ASP A 422 -28.71 20.64 -33.33
N ASP A 423 -29.78 21.41 -33.52
CA ASP A 423 -29.76 22.85 -33.46
C ASP A 423 -31.01 23.46 -32.80
N THR A 424 -31.73 22.70 -31.99
CA THR A 424 -32.94 23.20 -31.34
C THR A 424 -33.18 22.45 -30.03
N LEU A 425 -33.47 23.20 -28.97
CA LEU A 425 -33.80 22.64 -27.66
C LEU A 425 -35.13 23.24 -27.21
N VAL A 426 -36.18 22.42 -27.20
CA VAL A 426 -37.55 22.89 -27.05
C VAL A 426 -37.99 22.77 -25.59
N LEU A 427 -38.63 23.83 -25.07
CA LEU A 427 -39.00 23.96 -23.66
C LEU A 427 -40.51 24.08 -23.54
N SER A 428 -41.07 23.57 -22.45
CA SER A 428 -42.48 23.76 -22.15
C SER A 428 -42.64 24.40 -20.78
N PHE A 429 -43.71 25.19 -20.62
CA PHE A 429 -44.10 25.74 -19.34
C PHE A 429 -45.63 25.72 -19.30
N VAL A 430 -46.20 25.75 -18.09
CA VAL A 430 -47.64 25.63 -17.96
C VAL A 430 -48.31 26.82 -18.64
N GLY A 431 -48.90 26.57 -19.80
CA GLY A 431 -49.55 27.61 -20.57
C GLY A 431 -48.67 28.34 -21.57
N GLN A 432 -47.51 27.79 -21.94
CA GLN A 432 -46.69 28.42 -22.98
C GLN A 432 -45.58 27.47 -23.40
N THR A 433 -44.95 27.81 -24.53
CA THR A 433 -43.92 26.99 -25.14
C THR A 433 -42.77 27.87 -25.63
N ARG A 434 -41.54 27.44 -25.33
CA ARG A 434 -40.34 28.20 -25.63
C ARG A 434 -39.41 27.36 -26.50
N VAL A 435 -38.41 28.00 -27.10
CA VAL A 435 -37.45 27.33 -27.97
C VAL A 435 -36.06 27.84 -27.64
N LEU A 436 -35.04 27.05 -27.96
CA LEU A 436 -33.65 27.38 -27.67
C LEU A 436 -32.80 27.09 -28.90
N MET A 437 -32.43 28.14 -29.62
CA MET A 437 -31.56 28.02 -30.78
C MET A 437 -30.17 27.59 -30.32
N LEU A 438 -29.67 26.49 -30.88
CA LEU A 438 -28.34 25.97 -30.57
C LEU A 438 -27.41 26.23 -31.74
N ASN A 439 -26.46 27.14 -31.54
CA ASN A 439 -25.37 27.37 -32.49
C ASN A 439 -24.08 26.85 -31.86
N GLY A 440 -23.71 25.64 -32.25
CA GLY A 440 -22.52 25.02 -31.65
C GLY A 440 -22.78 24.75 -30.19
N GLU A 441 -21.81 25.14 -29.35
CA GLU A 441 -21.98 25.06 -27.91
C GLU A 441 -22.90 26.14 -27.36
N GLU A 442 -23.52 26.93 -28.23
CA GLU A 442 -24.30 28.08 -27.79
C GLU A 442 -25.79 27.76 -27.78
N VAL A 443 -26.49 28.35 -26.81
CA VAL A 443 -27.93 28.16 -26.62
C VAL A 443 -28.55 29.52 -26.34
N GLU A 444 -29.63 29.85 -27.05
CA GLU A 444 -30.21 31.18 -26.96
C GLU A 444 -31.72 31.12 -27.08
N GLU A 445 -32.40 31.87 -26.20
CA GLU A 445 -33.85 31.81 -26.11
C GLU A 445 -34.50 32.35 -27.37
N THR A 446 -35.60 31.74 -27.79
CA THR A 446 -36.27 32.15 -29.02
C THR A 446 -37.64 31.47 -29.11
N GLU A 447 -38.34 31.74 -30.20
CA GLU A 447 -39.56 31.05 -30.57
C GLU A 447 -39.40 30.49 -31.97
N LEU A 448 -39.68 29.20 -32.12
CA LEU A 448 -39.56 28.50 -33.39
C LEU A 448 -40.94 28.47 -34.04
N MET A 449 -41.13 29.29 -35.07
CA MET A 449 -42.42 29.40 -35.74
C MET A 449 -42.95 28.01 -36.12
N GLY A 450 -44.27 27.88 -36.09
CA GLY A 450 -44.91 26.58 -36.06
C GLY A 450 -45.17 26.07 -34.67
N PHE A 451 -44.66 26.75 -33.64
CA PHE A 451 -44.86 26.36 -32.25
C PHE A 451 -45.65 27.45 -31.53
N VAL A 452 -46.62 27.02 -30.72
CA VAL A 452 -47.55 27.93 -30.05
C VAL A 452 -46.79 28.67 -28.96
N ASP A 453 -47.19 29.92 -28.72
CA ASP A 453 -46.56 30.71 -27.67
C ASP A 453 -47.41 30.81 -26.40
N ASP A 454 -48.67 30.39 -26.45
CA ASP A 454 -49.58 30.62 -25.33
C ASP A 454 -50.22 29.32 -24.82
N GLN A 455 -49.74 28.17 -25.27
CA GLN A 455 -50.28 26.89 -24.83
C GLN A 455 -49.14 25.92 -24.49
N GLN A 456 -49.40 25.07 -23.50
CA GLN A 456 -48.38 24.16 -23.01
C GLN A 456 -48.26 22.92 -23.90
N THR A 457 -47.02 22.48 -24.12
CA THR A 457 -46.74 21.37 -25.02
C THR A 457 -46.22 20.17 -24.23
N PHE A 458 -46.45 18.97 -24.79
CA PHE A 458 -46.15 17.72 -24.10
C PHE A 458 -45.11 16.85 -24.79
N PHE A 459 -44.75 17.14 -26.05
CA PHE A 459 -43.73 16.35 -26.72
C PHE A 459 -43.33 17.03 -28.03
N CYS A 460 -42.15 16.68 -28.53
CA CYS A 460 -41.68 17.11 -29.84
C CYS A 460 -40.48 16.26 -30.23
N GLY A 461 -40.25 16.14 -31.53
CA GLY A 461 -39.16 15.33 -32.03
C GLY A 461 -39.09 15.43 -33.54
N ASN A 462 -38.02 14.86 -34.09
CA ASN A 462 -37.88 14.78 -35.54
C ASN A 462 -38.44 13.47 -36.05
N VAL A 463 -39.24 13.56 -37.12
CA VAL A 463 -40.08 12.46 -37.59
C VAL A 463 -39.85 12.28 -39.08
N ALA A 464 -40.62 11.36 -39.66
CA ALA A 464 -40.54 11.12 -41.10
C ALA A 464 -41.10 12.29 -41.89
N HIS A 465 -40.81 12.29 -43.19
CA HIS A 465 -41.27 13.32 -44.13
C HIS A 465 -40.66 14.68 -43.85
N GLN A 466 -39.35 14.71 -43.58
CA GLN A 466 -38.57 15.96 -43.41
C GLN A 466 -39.31 17.02 -42.59
N GLN A 467 -39.82 16.61 -41.43
CA GLN A 467 -40.56 17.52 -40.56
C GLN A 467 -40.34 17.14 -39.10
N LEU A 468 -40.69 18.09 -38.22
CA LEU A 468 -40.75 17.90 -36.78
C LEU A 468 -42.21 17.90 -36.35
N ILE A 469 -42.44 17.58 -35.08
CA ILE A 469 -43.78 17.63 -34.50
C ILE A 469 -43.68 18.29 -33.14
N GLN A 470 -44.82 18.74 -32.62
CA GLN A 470 -44.93 19.14 -31.21
C GLN A 470 -46.41 19.12 -30.83
N ILE A 471 -46.74 18.42 -29.75
CA ILE A 471 -48.12 18.28 -29.32
C ILE A 471 -48.40 19.33 -28.26
N THR A 472 -49.52 20.03 -28.40
CA THR A 472 -49.83 21.20 -27.58
C THR A 472 -50.96 20.88 -26.62
N SER A 473 -51.41 21.92 -25.90
CA SER A 473 -52.51 21.78 -24.97
C SER A 473 -53.81 21.43 -25.69
N ALA A 474 -54.02 21.99 -26.87
CA ALA A 474 -55.26 21.77 -27.59
C ALA A 474 -55.08 21.16 -28.97
N SER A 475 -53.87 20.70 -29.33
CA SER A 475 -53.66 20.26 -30.69
C SER A 475 -52.40 19.40 -30.80
N VAL A 476 -52.20 18.89 -32.01
CA VAL A 476 -50.95 18.29 -32.44
C VAL A 476 -50.44 19.12 -33.62
N ARG A 477 -49.31 19.80 -33.45
CA ARG A 477 -48.77 20.73 -34.45
C ARG A 477 -47.60 20.06 -35.14
N LEU A 478 -47.84 19.53 -36.34
CA LEU A 478 -46.80 18.91 -37.14
C LEU A 478 -46.25 19.97 -38.09
N VAL A 479 -44.97 20.29 -37.95
CA VAL A 479 -44.36 21.44 -38.60
C VAL A 479 -43.21 20.96 -39.49
N SER A 480 -43.25 21.34 -40.76
CA SER A 480 -42.13 21.05 -41.65
C SER A 480 -40.86 21.73 -41.14
N GLN A 481 -39.72 21.15 -41.49
CA GLN A 481 -38.45 21.70 -41.03
C GLN A 481 -38.12 23.00 -41.76
N GLU A 482 -38.68 23.19 -42.95
CA GLU A 482 -38.55 24.45 -43.69
C GLU A 482 -39.91 24.80 -44.27
N PRO A 483 -40.34 26.07 -44.19
CA PRO A 483 -39.61 27.16 -43.54
C PRO A 483 -39.99 27.29 -42.07
N LYS A 484 -40.22 26.16 -41.42
CA LYS A 484 -40.65 26.13 -40.02
C LYS A 484 -41.91 26.97 -39.81
N ALA A 485 -42.98 26.56 -40.47
CA ALA A 485 -44.30 27.15 -40.26
C ALA A 485 -45.29 26.02 -40.02
N LEU A 486 -46.38 26.32 -39.31
CA LEU A 486 -47.33 25.28 -38.96
C LEU A 486 -47.98 24.72 -40.22
N VAL A 487 -47.57 23.50 -40.61
CA VAL A 487 -48.01 22.93 -41.87
C VAL A 487 -49.16 21.96 -41.65
N SER A 488 -49.34 21.48 -40.42
CA SER A 488 -50.47 20.59 -40.18
C SER A 488 -50.82 20.65 -38.70
N GLU A 489 -52.11 20.52 -38.42
CA GLU A 489 -52.61 20.60 -37.05
C GLU A 489 -53.81 19.68 -36.89
N TRP A 490 -53.75 18.84 -35.86
CA TRP A 490 -54.85 17.96 -35.49
C TRP A 490 -55.44 18.45 -34.18
N LYS A 491 -56.72 18.20 -33.97
CA LYS A 491 -57.41 18.64 -32.77
C LYS A 491 -58.23 17.50 -32.19
N GLU A 492 -58.62 17.68 -30.94
CA GLU A 492 -59.51 16.71 -30.29
C GLU A 492 -60.96 17.03 -30.65
N PRO A 493 -61.79 16.03 -30.93
CA PRO A 493 -63.18 16.31 -31.29
C PRO A 493 -63.96 16.99 -30.17
N GLN A 494 -63.71 16.59 -28.92
CA GLN A 494 -64.49 17.08 -27.78
C GLN A 494 -64.02 18.43 -27.28
N ALA A 495 -63.01 19.03 -27.93
CA ALA A 495 -62.53 20.37 -27.58
C ALA A 495 -62.06 20.45 -26.13
N LYS A 496 -61.49 19.35 -25.64
CA LYS A 496 -60.92 19.29 -24.30
C LYS A 496 -59.42 19.52 -24.38
N ASN A 497 -58.86 20.09 -23.32
CA ASN A 497 -57.45 20.41 -23.32
C ASN A 497 -56.62 19.15 -23.08
N ILE A 498 -55.64 18.92 -23.96
CA ILE A 498 -54.77 17.76 -23.85
C ILE A 498 -53.95 17.89 -22.59
N SER A 499 -53.50 16.76 -22.03
CA SER A 499 -52.70 16.77 -20.82
C SER A 499 -51.36 16.05 -20.96
N VAL A 500 -51.30 14.97 -21.73
CA VAL A 500 -50.08 14.19 -21.91
C VAL A 500 -50.06 13.64 -23.34
N ALA A 501 -48.87 13.55 -23.92
CA ALA A 501 -48.76 13.20 -25.34
C ALA A 501 -47.31 12.86 -25.72
N SER A 502 -47.18 12.16 -26.84
CA SER A 502 -45.88 11.75 -27.39
C SER A 502 -46.06 11.46 -28.87
N CYS A 503 -44.95 11.34 -29.60
CA CYS A 503 -45.01 11.07 -31.04
C CYS A 503 -43.71 10.44 -31.54
N ASN A 504 -43.78 9.77 -32.69
CA ASN A 504 -42.59 9.24 -33.35
C ASN A 504 -42.65 9.42 -34.86
N SER A 505 -41.71 8.78 -35.58
CA SER A 505 -41.49 9.06 -37.00
C SER A 505 -42.78 9.02 -37.80
N SER A 506 -43.60 7.99 -37.62
CA SER A 506 -44.87 7.88 -38.32
C SER A 506 -46.08 7.76 -37.41
N GLN A 507 -45.91 7.83 -36.09
CA GLN A 507 -46.98 7.57 -35.15
C GLN A 507 -46.99 8.59 -34.02
N VAL A 508 -48.18 8.92 -33.55
CA VAL A 508 -48.41 9.86 -32.44
C VAL A 508 -49.39 9.19 -31.49
N VAL A 509 -49.21 9.39 -30.19
CA VAL A 509 -50.17 8.93 -29.19
C VAL A 509 -50.41 10.06 -28.19
N VAL A 510 -51.66 10.44 -28.03
CA VAL A 510 -52.06 11.50 -27.09
C VAL A 510 -53.08 10.90 -26.13
N ALA A 511 -53.17 11.47 -24.93
CA ALA A 511 -54.16 11.06 -23.94
C ALA A 511 -54.85 12.29 -23.38
N VAL A 512 -56.15 12.42 -23.66
CA VAL A 512 -56.95 13.53 -23.17
C VAL A 512 -58.05 12.94 -22.32
N GLY A 513 -58.20 13.45 -21.10
CA GLY A 513 -59.13 12.84 -20.16
C GLY A 513 -58.69 11.41 -19.90
N ARG A 514 -59.52 10.47 -20.35
CA ARG A 514 -59.18 9.06 -20.34
C ARG A 514 -58.94 8.49 -21.74
N ALA A 515 -59.35 9.21 -22.78
CA ALA A 515 -59.25 8.69 -24.13
C ALA A 515 -57.82 8.76 -24.65
N LEU A 516 -57.37 7.65 -25.22
CA LEU A 516 -56.07 7.54 -25.87
C LEU A 516 -56.28 7.55 -27.38
N TYR A 517 -55.72 8.55 -28.05
CA TYR A 517 -55.80 8.69 -29.49
C TYR A 517 -54.46 8.31 -30.12
N TYR A 518 -54.52 7.59 -31.24
CA TYR A 518 -53.36 7.33 -32.07
C TYR A 518 -53.53 8.07 -33.38
N LEU A 519 -52.47 8.76 -33.80
CA LEU A 519 -52.51 9.64 -34.95
C LEU A 519 -51.39 9.28 -35.92
N GLN A 520 -51.70 9.31 -37.21
CA GLN A 520 -50.79 8.87 -38.25
C GLN A 520 -50.06 10.06 -38.87
N ILE A 521 -48.76 9.88 -39.05
CA ILE A 521 -47.91 10.90 -39.67
C ILE A 521 -47.84 10.63 -41.16
N HIS A 522 -48.35 11.56 -41.94
CA HIS A 522 -48.29 11.56 -43.40
C HIS A 522 -47.64 12.86 -43.85
N PRO A 523 -47.24 12.95 -45.14
CA PRO A 523 -46.56 14.18 -45.59
C PRO A 523 -47.31 15.44 -45.21
N GLN A 524 -46.75 16.19 -44.26
CA GLN A 524 -47.36 17.38 -43.68
C GLN A 524 -48.84 17.20 -43.37
N GLU A 525 -49.24 16.01 -42.90
CA GLU A 525 -50.64 15.73 -42.68
C GLU A 525 -50.83 14.80 -41.50
N LEU A 526 -51.85 15.07 -40.70
CA LEU A 526 -52.26 14.22 -39.59
C LEU A 526 -53.64 13.64 -39.88
N ARG A 527 -53.75 12.31 -39.79
CA ARG A 527 -54.99 11.62 -40.13
C ARG A 527 -55.50 10.84 -38.92
N GLN A 528 -56.81 10.88 -38.72
CA GLN A 528 -57.45 10.27 -37.55
C GLN A 528 -57.90 8.85 -37.89
N ILE A 529 -57.34 7.87 -37.20
CA ILE A 529 -57.58 6.46 -37.50
C ILE A 529 -58.20 5.72 -36.32
N SER A 530 -57.53 5.72 -35.16
CA SER A 530 -57.98 4.89 -34.04
C SER A 530 -57.80 5.64 -32.73
N HIS A 531 -58.71 5.34 -31.80
CA HIS A 531 -58.69 5.92 -30.45
C HIS A 531 -59.66 5.15 -29.59
N THR A 532 -59.36 5.11 -28.29
CA THR A 532 -60.11 4.31 -27.33
C THR A 532 -60.36 5.11 -26.06
N GLU A 533 -61.21 4.55 -25.20
CA GLU A 533 -61.59 5.18 -23.95
C GLU A 533 -61.13 4.29 -22.81
N MET A 534 -60.19 4.78 -22.01
CA MET A 534 -59.62 3.96 -20.95
C MET A 534 -60.42 4.08 -19.65
N GLU A 535 -60.38 3.01 -18.86
CA GLU A 535 -61.16 2.96 -17.63
C GLU A 535 -60.79 4.08 -16.67
N HIS A 536 -59.51 4.26 -16.39
CA HIS A 536 -59.04 5.26 -15.45
C HIS A 536 -58.14 6.26 -16.16
N GLU A 537 -57.93 7.39 -15.50
CA GLU A 537 -57.12 8.46 -16.07
C GLU A 537 -55.70 7.98 -16.34
N VAL A 538 -55.11 8.50 -17.41
CA VAL A 538 -53.78 8.07 -17.84
C VAL A 538 -52.76 9.12 -17.41
N ALA A 539 -51.63 8.66 -16.89
CA ALA A 539 -50.54 9.57 -16.53
C ALA A 539 -49.42 9.57 -17.54
N CYS A 540 -49.16 8.44 -18.19
CA CYS A 540 -47.99 8.29 -19.04
C CYS A 540 -48.39 7.55 -20.31
N LEU A 541 -47.58 7.74 -21.35
CA LEU A 541 -47.85 7.21 -22.67
C LEU A 541 -46.57 7.30 -23.50
N ASP A 542 -46.13 6.16 -24.02
CA ASP A 542 -44.81 6.06 -24.64
C ASP A 542 -44.90 5.25 -25.92
N ILE A 543 -44.39 5.82 -27.02
CA ILE A 543 -44.29 5.12 -28.27
C ILE A 543 -42.87 5.22 -28.82
N THR A 544 -41.89 5.27 -27.93
CA THR A 544 -40.50 5.34 -28.35
C THR A 544 -40.11 4.08 -29.10
N PRO A 545 -39.67 4.18 -30.35
CA PRO A 545 -39.16 2.99 -31.05
C PRO A 545 -37.75 2.65 -30.59
N LEU A 546 -37.48 1.34 -30.56
CA LEU A 546 -36.25 0.81 -30.00
C LEU A 546 -35.34 0.29 -31.10
N GLY A 547 -34.05 0.22 -30.78
CA GLY A 547 -33.13 -0.56 -31.61
C GLY A 547 -32.90 0.03 -32.99
N ASP A 548 -33.23 -0.76 -34.01
CA ASP A 548 -32.75 -0.55 -35.37
C ASP A 548 -33.87 -0.20 -36.35
N SER A 549 -35.10 -0.01 -35.87
CA SER A 549 -36.19 0.36 -36.75
C SER A 549 -36.20 1.87 -36.97
N ASN A 550 -36.75 2.28 -38.12
CA ASN A 550 -36.74 3.69 -38.51
C ASN A 550 -37.98 4.41 -37.97
N GLY A 551 -38.04 4.46 -36.64
CA GLY A 551 -39.03 5.27 -35.96
C GLY A 551 -40.43 4.71 -35.93
N LEU A 552 -40.59 3.39 -35.84
CA LEU A 552 -41.90 2.77 -35.77
C LEU A 552 -41.95 1.72 -34.68
N SER A 553 -42.94 1.86 -33.78
CA SER A 553 -43.18 0.90 -32.71
C SER A 553 -44.65 1.00 -32.30
N PRO A 554 -45.41 -0.09 -32.38
CA PRO A 554 -46.85 -0.02 -32.11
C PRO A 554 -47.24 -0.20 -30.64
N LEU A 555 -46.29 -0.24 -29.72
CA LEU A 555 -46.64 -0.39 -28.30
C LEU A 555 -46.74 0.96 -27.63
N CYS A 556 -47.63 1.02 -26.64
CA CYS A 556 -47.88 2.23 -25.86
C CYS A 556 -48.06 1.81 -24.41
N ALA A 557 -47.19 2.30 -23.54
CA ALA A 557 -47.24 1.97 -22.12
C ALA A 557 -47.90 3.10 -21.34
N ILE A 558 -48.73 2.76 -20.35
CA ILE A 558 -49.48 3.75 -19.60
C ILE A 558 -49.46 3.41 -18.12
N GLY A 559 -49.88 4.38 -17.31
CA GLY A 559 -50.04 4.18 -15.88
C GLY A 559 -51.28 4.90 -15.39
N LEU A 560 -51.86 4.36 -14.32
CA LEU A 560 -53.19 4.79 -13.89
C LEU A 560 -53.11 5.64 -12.62
N TRP A 561 -54.19 6.38 -12.35
CA TRP A 561 -54.23 7.34 -11.25
C TRP A 561 -55.00 6.84 -10.04
N THR A 562 -56.04 6.04 -10.22
CA THR A 562 -56.84 5.53 -9.12
C THR A 562 -56.56 4.05 -8.84
N ASP A 563 -56.56 3.21 -9.86
CA ASP A 563 -56.03 1.86 -9.76
C ASP A 563 -54.54 1.82 -10.02
N ILE A 564 -53.71 2.07 -8.99
CA ILE A 564 -52.29 2.33 -9.19
C ILE A 564 -51.60 1.12 -9.81
N SER A 565 -51.18 1.27 -11.07
CA SER A 565 -50.56 0.20 -11.83
C SER A 565 -50.13 0.74 -13.19
N ALA A 566 -49.45 -0.11 -13.95
CA ALA A 566 -49.06 0.19 -15.32
C ALA A 566 -49.74 -0.80 -16.27
N ARG A 567 -49.76 -0.46 -17.56
CA ARG A 567 -50.37 -1.28 -18.58
C ARG A 567 -49.62 -1.10 -19.89
N ILE A 568 -49.81 -2.04 -20.81
CA ILE A 568 -49.21 -1.98 -22.14
C ILE A 568 -50.30 -2.15 -23.17
N LEU A 569 -50.09 -1.56 -24.36
CA LEU A 569 -51.07 -1.50 -25.43
C LEU A 569 -50.39 -1.70 -26.78
N LYS A 570 -51.16 -2.17 -27.77
CA LYS A 570 -50.68 -2.34 -29.13
C LYS A 570 -51.40 -1.37 -30.06
N LEU A 571 -50.63 -0.53 -30.77
CA LEU A 571 -51.16 0.34 -31.79
C LEU A 571 -51.41 -0.44 -33.08
N PRO A 572 -52.40 -0.05 -33.88
CA PRO A 572 -53.29 1.11 -33.70
C PRO A 572 -54.44 0.88 -32.74
N SER A 573 -54.72 -0.38 -32.41
CA SER A 573 -55.94 -0.74 -31.71
C SER A 573 -55.93 -0.40 -30.23
N PHE A 574 -54.77 0.00 -29.68
CA PHE A 574 -54.64 0.30 -28.24
C PHE A 574 -55.04 -0.90 -27.38
N GLU A 575 -55.00 -2.09 -27.95
CA GLU A 575 -55.50 -3.27 -27.25
C GLU A 575 -54.63 -3.58 -26.04
N LEU A 576 -55.28 -3.73 -24.88
CA LEU A 576 -54.59 -3.99 -23.63
C LEU A 576 -53.90 -5.34 -23.69
N LEU A 577 -52.57 -5.33 -23.55
CA LEU A 577 -51.79 -6.56 -23.60
C LEU A 577 -51.40 -7.10 -22.24
N HIS A 578 -51.18 -6.22 -21.25
CA HIS A 578 -50.81 -6.67 -19.92
C HIS A 578 -51.07 -5.54 -18.93
N LYS A 579 -51.49 -5.93 -17.72
CA LYS A 579 -51.82 -5.03 -16.63
C LYS A 579 -51.01 -5.46 -15.41
N GLU A 580 -50.10 -4.59 -14.96
CA GLU A 580 -49.10 -4.94 -13.96
C GLU A 580 -49.22 -4.00 -12.76
N MET A 581 -49.51 -4.55 -11.59
CA MET A 581 -49.71 -3.72 -10.41
C MET A 581 -48.37 -3.40 -9.76
N LEU A 582 -48.00 -2.12 -9.77
CA LEU A 582 -46.79 -1.64 -9.14
C LEU A 582 -46.91 -1.56 -7.63
N GLY A 583 -47.78 -0.68 -7.13
CA GLY A 583 -47.94 -0.52 -5.71
C GLY A 583 -47.47 0.84 -5.23
N GLY A 584 -46.85 0.83 -4.06
CA GLY A 584 -46.33 2.05 -3.48
C GLY A 584 -47.41 2.83 -2.75
N GLU A 585 -47.21 4.15 -2.71
CA GLU A 585 -48.19 5.04 -2.11
C GLU A 585 -48.64 6.16 -3.02
N ILE A 586 -47.75 6.71 -3.86
CA ILE A 586 -48.10 7.83 -4.73
C ILE A 586 -48.21 7.35 -6.17
N ILE A 587 -49.12 7.98 -6.90
CA ILE A 587 -49.48 7.75 -8.30
C ILE A 587 -48.25 7.65 -9.22
N PRO A 588 -48.35 6.89 -10.31
CA PRO A 588 -47.27 6.90 -11.31
C PRO A 588 -47.38 8.12 -12.21
N ARG A 589 -46.21 8.56 -12.71
CA ARG A 589 -46.12 9.77 -13.53
C ARG A 589 -45.49 9.56 -14.89
N SER A 590 -44.44 8.74 -14.99
CA SER A 590 -43.69 8.57 -16.23
C SER A 590 -43.40 7.09 -16.45
N ILE A 591 -43.48 6.67 -17.71
CA ILE A 591 -43.14 5.32 -18.13
C ILE A 591 -42.21 5.43 -19.32
N LEU A 592 -41.34 4.44 -19.49
CA LEU A 592 -40.42 4.50 -20.63
C LEU A 592 -39.98 3.10 -21.05
N MET A 593 -39.92 2.90 -22.37
CA MET A 593 -39.42 1.68 -22.98
C MET A 593 -38.09 2.00 -23.64
N THR A 594 -37.14 1.07 -23.58
CA THR A 594 -35.81 1.32 -24.12
C THR A 594 -35.13 0.01 -24.49
N THR A 595 -34.25 0.08 -25.49
CA THR A 595 -33.39 -1.02 -25.90
C THR A 595 -32.22 -1.15 -24.93
N PHE A 596 -31.82 -2.39 -24.67
CA PHE A 596 -30.72 -2.71 -23.77
C PHE A 596 -30.06 -3.97 -24.29
N GLU A 597 -29.03 -3.81 -25.12
CA GLU A 597 -28.36 -4.95 -25.76
C GLU A 597 -29.37 -5.80 -26.52
N SER A 598 -30.22 -5.14 -27.30
CA SER A 598 -31.33 -5.71 -28.06
C SER A 598 -32.41 -6.30 -27.18
N SER A 599 -32.39 -6.05 -25.87
CA SER A 599 -33.44 -6.49 -24.96
C SER A 599 -34.35 -5.31 -24.61
N HIS A 600 -35.65 -5.50 -24.77
CA HIS A 600 -36.61 -4.43 -24.55
C HIS A 600 -36.94 -4.36 -23.07
N TYR A 601 -36.82 -3.16 -22.48
CA TYR A 601 -37.03 -3.00 -21.05
C TYR A 601 -37.91 -1.78 -20.79
N LEU A 602 -38.96 -2.01 -19.99
CA LEU A 602 -39.96 -1.01 -19.62
C LEU A 602 -39.77 -0.64 -18.17
N LEU A 603 -40.02 0.63 -17.85
CA LEU A 603 -39.90 1.12 -16.48
C LEU A 603 -41.03 2.10 -16.21
N CYS A 604 -41.80 1.83 -15.15
CA CYS A 604 -42.88 2.72 -14.75
C CYS A 604 -42.58 3.27 -13.36
N ALA A 605 -42.56 4.59 -13.22
CA ALA A 605 -42.20 5.25 -11.98
C ALA A 605 -43.43 5.87 -11.33
N LEU A 606 -43.49 5.80 -10.00
CA LEU A 606 -44.56 6.42 -9.25
C LEU A 606 -44.14 7.78 -8.74
N GLY A 607 -45.04 8.42 -7.99
CA GLY A 607 -44.74 9.72 -7.41
C GLY A 607 -43.88 9.67 -6.16
N ASP A 608 -43.85 8.53 -5.47
CA ASP A 608 -43.08 8.39 -4.24
C ASP A 608 -41.62 8.00 -4.49
N GLY A 609 -41.19 7.94 -5.75
CA GLY A 609 -39.83 7.54 -6.04
C GLY A 609 -39.63 6.05 -6.21
N ALA A 610 -40.71 5.27 -6.24
CA ALA A 610 -40.61 3.83 -6.48
C ALA A 610 -40.85 3.53 -7.95
N LEU A 611 -39.90 2.81 -8.55
CA LEU A 611 -39.89 2.52 -9.97
C LEU A 611 -39.88 1.01 -10.17
N PHE A 612 -40.76 0.53 -11.04
CA PHE A 612 -40.90 -0.89 -11.31
C PHE A 612 -40.49 -1.18 -12.75
N TYR A 613 -39.50 -2.05 -12.90
CA TYR A 613 -38.87 -2.29 -14.19
C TYR A 613 -39.05 -3.75 -14.60
N PHE A 614 -39.34 -3.92 -15.88
CA PHE A 614 -39.89 -5.13 -16.46
C PHE A 614 -39.17 -5.40 -17.78
N GLY A 615 -38.96 -6.68 -18.09
CA GLY A 615 -38.53 -7.05 -19.43
C GLY A 615 -39.71 -7.06 -20.38
N LEU A 616 -39.44 -6.76 -21.65
CA LEU A 616 -40.49 -6.58 -22.64
C LEU A 616 -40.38 -7.64 -23.72
N ASN A 617 -41.53 -8.03 -24.26
CA ASN A 617 -41.64 -8.84 -25.46
C ASN A 617 -42.54 -8.07 -26.42
N ILE A 618 -41.93 -7.41 -27.41
CA ILE A 618 -42.70 -6.57 -28.32
C ILE A 618 -43.48 -7.43 -29.31
N GLU A 619 -43.02 -8.66 -29.54
CA GLU A 619 -43.80 -9.59 -30.35
C GLU A 619 -45.12 -9.92 -29.67
N THR A 620 -45.10 -10.05 -28.35
CA THR A 620 -46.29 -10.27 -27.55
C THR A 620 -46.63 -9.10 -26.65
N GLY A 621 -45.85 -8.03 -26.68
CA GLY A 621 -46.05 -6.90 -25.80
C GLY A 621 -46.03 -7.24 -24.32
N LEU A 622 -45.56 -8.43 -23.97
CA LEU A 622 -45.72 -8.97 -22.63
C LEU A 622 -44.60 -8.47 -21.72
N LEU A 623 -44.89 -8.44 -20.42
CA LEU A 623 -43.96 -7.93 -19.43
C LEU A 623 -43.49 -9.05 -18.50
N SER A 624 -42.22 -8.98 -18.10
CA SER A 624 -41.59 -10.05 -17.36
C SER A 624 -40.58 -9.48 -16.37
N ASP A 625 -39.87 -10.40 -15.71
CA ASP A 625 -38.75 -10.11 -14.80
C ASP A 625 -39.01 -8.85 -13.97
N ARG A 626 -40.18 -8.81 -13.35
CA ARG A 626 -40.58 -7.66 -12.54
C ARG A 626 -39.57 -7.45 -11.42
N LYS A 627 -39.11 -6.21 -11.28
CA LYS A 627 -38.30 -5.84 -10.12
C LYS A 627 -38.58 -4.39 -9.76
N LYS A 628 -38.09 -3.98 -8.59
CA LYS A 628 -38.42 -2.68 -8.01
C LYS A 628 -37.15 -1.95 -7.60
N VAL A 629 -37.23 -0.62 -7.52
CA VAL A 629 -36.18 0.22 -6.98
C VAL A 629 -36.83 1.44 -6.35
N THR A 630 -36.17 2.03 -5.37
CA THR A 630 -36.60 3.31 -4.81
C THR A 630 -35.46 4.32 -4.94
N LEU A 631 -35.80 5.55 -5.32
CA LEU A 631 -34.78 6.59 -5.52
C LEU A 631 -34.97 7.81 -4.64
N GLY A 632 -36.18 8.32 -4.53
CA GLY A 632 -36.41 9.58 -3.85
C GLY A 632 -37.83 9.72 -3.37
N THR A 633 -38.35 10.95 -3.47
CA THR A 633 -39.67 11.30 -2.95
C THR A 633 -40.55 12.08 -3.90
N GLN A 634 -39.99 12.72 -4.93
CA GLN A 634 -40.74 13.56 -5.84
C GLN A 634 -41.05 12.82 -7.13
N PRO A 635 -41.93 13.36 -7.98
CA PRO A 635 -42.19 12.74 -9.28
C PRO A 635 -40.90 12.49 -10.05
N THR A 636 -40.98 11.57 -11.02
CA THR A 636 -39.81 11.07 -11.75
C THR A 636 -40.08 11.23 -13.24
N VAL A 637 -39.00 11.32 -14.03
CA VAL A 637 -39.08 11.45 -15.48
C VAL A 637 -38.18 10.41 -16.13
N LEU A 638 -38.78 9.45 -16.81
CA LEU A 638 -38.07 8.34 -17.41
C LEU A 638 -37.88 8.63 -18.88
N ARG A 639 -36.69 9.12 -19.25
CA ARG A 639 -36.42 9.52 -20.62
C ARG A 639 -35.27 8.71 -21.19
N THR A 640 -35.38 8.39 -22.48
CA THR A 640 -34.39 7.60 -23.19
C THR A 640 -33.23 8.47 -23.61
N PHE A 641 -32.05 7.86 -23.68
CA PHE A 641 -30.88 8.58 -24.19
C PHE A 641 -30.06 7.67 -25.09
N ARG A 642 -29.46 8.30 -26.10
CA ARG A 642 -28.40 7.72 -26.91
C ARG A 642 -27.11 8.40 -26.49
N SER A 643 -26.10 7.60 -26.15
CA SER A 643 -24.75 8.11 -25.87
C SER A 643 -23.86 6.93 -25.57
N LEU A 644 -22.57 7.11 -25.84
CA LEU A 644 -21.58 6.03 -25.73
C LEU A 644 -21.98 4.84 -26.60
N SER A 645 -22.60 5.11 -27.74
CA SER A 645 -23.13 4.10 -28.65
C SER A 645 -24.15 3.19 -27.97
N THR A 646 -24.70 3.63 -26.85
CA THR A 646 -25.61 2.81 -26.06
C THR A 646 -26.82 3.65 -25.65
N THR A 647 -27.98 3.00 -25.66
CA THR A 647 -29.25 3.66 -25.41
C THR A 647 -29.84 3.13 -24.10
N ASN A 648 -30.10 4.03 -23.15
CA ASN A 648 -30.56 3.61 -21.82
C ASN A 648 -31.58 4.60 -21.26
N VAL A 649 -31.98 4.39 -20.00
CA VAL A 649 -33.08 5.12 -19.39
C VAL A 649 -32.51 6.06 -18.33
N PHE A 650 -33.17 7.20 -18.11
CA PHE A 650 -32.92 8.02 -16.93
C PHE A 650 -34.21 8.20 -16.15
N ALA A 651 -34.10 8.07 -14.83
CA ALA A 651 -35.15 8.40 -13.88
C ALA A 651 -34.76 9.73 -13.24
N CYS A 652 -35.49 10.78 -13.58
CA CYS A 652 -35.28 12.12 -13.02
C CYS A 652 -36.09 12.25 -11.75
N SER A 653 -35.40 12.38 -10.61
CA SER A 653 -36.03 12.49 -9.30
C SER A 653 -35.26 13.53 -8.50
N ASP A 654 -35.49 13.55 -7.19
CA ASP A 654 -34.68 14.41 -6.34
C ASP A 654 -33.33 13.78 -6.01
N ARG A 655 -33.19 12.46 -6.20
CA ARG A 655 -31.90 11.78 -6.29
C ARG A 655 -31.86 11.11 -7.65
N PRO A 656 -31.67 11.87 -8.73
CA PRO A 656 -31.85 11.32 -10.07
C PRO A 656 -30.83 10.23 -10.37
N THR A 657 -31.20 9.29 -11.25
CA THR A 657 -30.35 8.17 -11.59
C THR A 657 -30.43 7.82 -13.08
N VAL A 658 -29.34 7.24 -13.58
CA VAL A 658 -29.29 6.54 -14.85
C VAL A 658 -29.55 5.06 -14.60
N ILE A 659 -30.45 4.47 -15.37
CA ILE A 659 -30.60 3.03 -15.45
C ILE A 659 -29.96 2.59 -16.77
N TYR A 660 -28.75 2.02 -16.68
CA TYR A 660 -28.01 1.57 -17.85
C TYR A 660 -27.61 0.13 -17.60
N SER A 661 -26.79 -0.44 -18.49
CA SER A 661 -26.55 -1.87 -18.48
C SER A 661 -25.09 -2.18 -18.15
N SER A 662 -24.87 -3.37 -17.60
CA SER A 662 -23.54 -3.92 -17.35
C SER A 662 -23.64 -5.44 -17.34
N ASN A 663 -22.98 -6.08 -18.32
CA ASN A 663 -23.01 -7.54 -18.49
C ASN A 663 -24.43 -8.10 -18.43
N HIS A 664 -25.30 -7.59 -19.30
CA HIS A 664 -26.70 -8.02 -19.42
C HIS A 664 -27.47 -7.86 -18.11
N LYS A 665 -26.94 -7.11 -17.14
CA LYS A 665 -27.66 -6.85 -15.91
C LYS A 665 -27.82 -5.34 -15.74
N LEU A 666 -29.06 -4.91 -15.48
CA LEU A 666 -29.36 -3.50 -15.42
C LEU A 666 -28.87 -2.89 -14.11
N VAL A 667 -27.94 -1.96 -14.23
CA VAL A 667 -27.30 -1.30 -13.09
C VAL A 667 -27.81 0.13 -13.01
N PHE A 668 -28.09 0.58 -11.79
CA PHE A 668 -28.59 1.92 -11.50
C PHE A 668 -27.41 2.74 -10.99
N SER A 669 -27.45 4.05 -11.23
CA SER A 669 -26.44 4.94 -10.68
C SER A 669 -27.00 6.33 -10.45
N ASN A 670 -26.97 6.77 -9.20
CA ASN A 670 -27.34 8.14 -8.87
C ASN A 670 -26.35 9.11 -9.52
N VAL A 671 -26.86 9.89 -10.45
CA VAL A 671 -26.05 10.63 -11.40
C VAL A 671 -25.69 11.98 -10.81
N ASN A 672 -24.58 12.54 -11.28
CA ASN A 672 -24.02 13.75 -10.69
C ASN A 672 -24.90 14.96 -11.02
N LEU A 673 -26.03 15.02 -10.33
CA LEU A 673 -27.00 16.09 -10.43
C LEU A 673 -27.57 16.37 -9.05
N LYS A 674 -27.69 17.66 -8.71
CA LYS A 674 -28.27 18.03 -7.41
C LYS A 674 -29.72 17.59 -7.30
N GLU A 675 -30.59 18.14 -8.14
CA GLU A 675 -31.97 17.71 -8.25
C GLU A 675 -32.50 18.20 -9.58
N VAL A 676 -33.05 17.30 -10.38
CA VAL A 676 -33.46 17.58 -11.75
C VAL A 676 -34.96 17.39 -11.86
N ASN A 677 -35.63 18.26 -12.63
CA ASN A 677 -37.05 18.12 -12.87
C ASN A 677 -37.37 17.49 -14.22
N TYR A 678 -36.74 17.95 -15.30
CA TYR A 678 -36.97 17.34 -16.61
C TYR A 678 -35.68 17.37 -17.41
N MET A 679 -35.69 16.67 -18.55
CA MET A 679 -34.45 16.35 -19.25
C MET A 679 -34.69 16.42 -20.74
N CYS A 680 -33.64 16.76 -21.48
CA CYS A 680 -33.63 16.64 -22.93
C CYS A 680 -32.25 16.17 -23.39
N PRO A 681 -32.15 14.95 -23.90
CA PRO A 681 -30.91 14.52 -24.53
C PRO A 681 -30.67 15.30 -25.82
N LEU A 682 -29.39 15.45 -26.16
CA LEU A 682 -28.96 16.50 -27.05
C LEU A 682 -27.83 15.99 -27.95
N ASN A 683 -27.80 16.48 -29.19
CA ASN A 683 -26.77 16.06 -30.15
C ASN A 683 -26.27 17.24 -30.97
N SER A 684 -26.01 18.37 -30.31
CA SER A 684 -25.56 19.55 -31.04
C SER A 684 -24.14 19.35 -31.58
N ASP A 685 -23.78 20.18 -32.55
CA ASP A 685 -22.44 20.18 -33.11
C ASP A 685 -21.39 20.63 -32.10
N GLY A 686 -21.82 21.19 -30.97
CA GLY A 686 -20.94 21.46 -29.86
C GLY A 686 -21.31 20.63 -28.64
N TYR A 687 -22.41 19.88 -28.75
CA TYR A 687 -22.91 19.04 -27.66
C TYR A 687 -23.17 17.62 -28.14
N PRO A 688 -22.13 16.89 -28.56
CA PRO A 688 -22.34 15.54 -29.07
C PRO A 688 -22.69 14.56 -27.96
N ASP A 689 -23.87 13.95 -28.10
CA ASP A 689 -24.37 12.97 -27.11
C ASP A 689 -24.36 13.55 -25.70
N SER A 690 -25.09 14.64 -25.53
CA SER A 690 -25.14 15.48 -24.33
C SER A 690 -26.58 15.52 -23.81
N LEU A 691 -26.84 16.44 -22.88
CA LEU A 691 -28.18 16.61 -22.30
C LEU A 691 -28.29 17.93 -21.54
N ALA A 692 -29.49 18.53 -21.61
CA ALA A 692 -29.83 19.73 -20.86
C ALA A 692 -30.91 19.38 -19.84
N LEU A 693 -30.67 19.76 -18.58
CA LEU A 693 -31.38 19.24 -17.41
C LEU A 693 -32.03 20.39 -16.65
N ALA A 694 -33.34 20.52 -16.78
CA ALA A 694 -34.09 21.58 -16.12
C ALA A 694 -34.35 21.17 -14.68
N ASN A 695 -33.76 21.91 -13.74
CA ASN A 695 -33.84 21.64 -12.31
C ASN A 695 -34.88 22.54 -11.67
N ASN A 696 -34.90 22.57 -10.33
CA ASN A 696 -35.86 23.40 -9.60
C ASN A 696 -35.72 24.88 -9.94
N SER A 697 -34.55 25.30 -10.44
CA SER A 697 -34.32 26.71 -10.75
C SER A 697 -33.63 26.96 -12.08
N THR A 698 -32.95 25.99 -12.68
CA THR A 698 -32.13 26.23 -13.86
C THR A 698 -32.21 25.05 -14.81
N LEU A 699 -31.64 25.24 -16.00
CA LEU A 699 -31.44 24.19 -17.00
C LEU A 699 -29.95 24.07 -17.27
N THR A 700 -29.36 22.98 -16.80
CA THR A 700 -27.93 22.73 -16.91
C THR A 700 -27.64 21.95 -18.19
N ILE A 701 -26.99 22.61 -19.14
CA ILE A 701 -26.54 21.98 -20.38
C ILE A 701 -25.16 21.38 -20.12
N GLY A 702 -25.00 20.11 -20.40
CA GLY A 702 -23.70 19.48 -20.26
C GLY A 702 -23.65 18.22 -21.10
N THR A 703 -22.53 17.53 -21.01
CA THR A 703 -22.35 16.28 -21.74
C THR A 703 -21.88 15.21 -20.78
N ILE A 704 -22.28 13.97 -21.05
CA ILE A 704 -22.08 12.87 -20.13
C ILE A 704 -20.60 12.51 -20.05
N ASP A 705 -20.16 12.09 -18.87
CA ASP A 705 -18.94 11.32 -18.75
C ASP A 705 -19.17 9.91 -19.29
N GLU A 706 -18.16 9.07 -19.12
CA GLU A 706 -18.36 7.65 -19.40
C GLU A 706 -19.32 7.07 -18.37
N ILE A 707 -20.15 6.13 -18.80
CA ILE A 707 -21.13 5.53 -17.91
C ILE A 707 -20.50 4.48 -16.98
N GLN A 708 -19.18 4.27 -17.09
CA GLN A 708 -18.47 3.33 -16.24
C GLN A 708 -18.53 3.82 -14.80
N LYS A 709 -18.05 3.04 -13.83
CA LYS A 709 -18.45 3.21 -12.44
C LYS A 709 -17.85 4.41 -11.75
N LEU A 710 -16.54 4.64 -11.83
CA LEU A 710 -15.93 5.73 -11.09
C LEU A 710 -15.53 6.83 -12.07
N HIS A 711 -15.46 8.06 -11.58
CA HIS A 711 -15.12 9.21 -12.43
C HIS A 711 -14.24 10.15 -11.64
N ILE A 712 -13.00 10.32 -12.06
CA ILE A 712 -12.05 11.13 -11.30
C ILE A 712 -12.18 12.58 -11.78
N ARG A 713 -11.61 13.53 -11.04
CA ARG A 713 -11.62 14.93 -11.46
C ARG A 713 -10.36 15.62 -10.94
N THR A 714 -9.33 15.64 -11.74
CA THR A 714 -8.05 16.15 -11.28
C THR A 714 -8.09 17.64 -11.05
N VAL A 715 -7.81 18.06 -9.83
CA VAL A 715 -7.66 19.47 -9.52
C VAL A 715 -6.19 19.78 -9.29
N PRO A 716 -5.43 20.14 -10.30
CA PRO A 716 -4.00 20.37 -10.11
C PRO A 716 -3.72 21.41 -9.06
N LEU A 717 -2.62 21.23 -8.33
CA LEU A 717 -2.24 22.17 -7.31
C LEU A 717 -0.83 22.69 -7.51
N TYR A 718 0.04 21.89 -8.13
CA TYR A 718 1.44 22.28 -8.36
C TYR A 718 2.20 22.47 -7.06
N GLU A 719 1.88 21.65 -6.07
CA GLU A 719 2.72 21.38 -4.91
C GLU A 719 2.21 20.09 -4.30
N SER A 720 2.73 19.73 -3.12
CA SER A 720 2.48 18.41 -2.58
C SER A 720 1.53 18.51 -1.40
N PRO A 721 0.35 17.91 -1.49
CA PRO A 721 -0.63 18.02 -0.42
C PRO A 721 -0.47 16.89 0.58
N ARG A 722 -0.66 17.20 1.86
CA ARG A 722 -0.47 16.21 2.90
C ARG A 722 -1.79 15.79 3.54
N LYS A 723 -2.55 16.74 4.08
CA LYS A 723 -3.77 16.47 4.85
C LYS A 723 -4.97 17.12 4.19
N ILE A 724 -6.15 16.61 4.50
CA ILE A 724 -7.40 17.18 4.03
C ILE A 724 -8.37 17.17 5.20
N CYS A 725 -9.25 18.17 5.25
CA CYS A 725 -10.34 18.17 6.22
C CYS A 725 -11.56 18.82 5.60
N TYR A 726 -12.57 19.09 6.41
CA TYR A 726 -13.86 19.49 5.89
C TYR A 726 -14.62 20.27 6.94
N GLN A 727 -15.43 21.20 6.50
CA GLN A 727 -16.16 22.06 7.43
C GLN A 727 -17.46 22.45 6.74
N GLU A 728 -18.50 21.67 6.97
CA GLU A 728 -19.73 21.87 6.21
C GLU A 728 -20.41 23.19 6.57
N VAL A 729 -20.27 23.66 7.80
CA VAL A 729 -20.86 24.93 8.18
C VAL A 729 -20.19 26.12 7.52
N SER A 730 -19.06 25.91 6.85
CA SER A 730 -18.39 26.96 6.11
C SER A 730 -18.30 26.65 4.64
N GLN A 731 -18.71 25.45 4.22
CA GLN A 731 -18.82 25.08 2.82
C GLN A 731 -17.47 25.10 2.11
N CYS A 732 -16.43 24.57 2.75
CA CYS A 732 -15.10 24.62 2.20
C CYS A 732 -14.37 23.33 2.58
N PHE A 733 -13.06 23.30 2.31
CA PHE A 733 -12.13 22.26 2.71
C PHE A 733 -10.88 22.93 3.21
N GLY A 734 -10.31 22.45 4.30
CA GLY A 734 -8.95 22.84 4.68
C GLY A 734 -8.00 21.76 4.17
N VAL A 735 -6.90 22.18 3.59
CA VAL A 735 -5.88 21.24 3.15
C VAL A 735 -4.54 21.82 3.56
N LEU A 736 -3.62 20.93 3.89
CA LEU A 736 -2.27 21.32 4.18
C LEU A 736 -1.40 20.92 3.01
N SER A 737 -0.41 21.74 2.71
CA SER A 737 0.41 21.45 1.56
C SER A 737 1.81 21.99 1.81
N SER A 738 2.76 21.43 1.08
CA SER A 738 4.13 21.91 1.13
C SER A 738 4.68 21.98 -0.28
N ARG A 739 5.49 22.99 -0.52
CA ARG A 739 6.13 23.19 -1.81
C ARG A 739 7.61 23.38 -1.57
N ILE A 740 8.41 22.84 -2.47
CA ILE A 740 9.85 22.74 -2.22
C ILE A 740 10.56 23.98 -2.75
N GLU A 741 10.56 25.03 -1.95
CA GLU A 741 11.11 26.31 -2.35
C GLU A 741 12.62 26.32 -2.09
N VAL A 742 13.40 26.48 -3.15
CA VAL A 742 14.85 26.33 -3.05
C VAL A 742 15.44 27.50 -2.28
N GLN A 743 16.26 27.18 -1.30
CA GLN A 743 16.89 28.22 -0.51
C GLN A 743 18.02 28.85 -1.29
N ASP A 744 18.17 30.16 -1.15
CA ASP A 744 19.31 30.88 -1.69
C ASP A 744 19.58 32.10 -0.82
N THR A 749 15.07 32.77 0.12
CA THR A 749 14.53 31.59 -0.53
C THR A 749 13.50 32.00 -1.57
N THR A 750 13.41 31.22 -2.64
CA THR A 750 12.49 31.51 -3.74
C THR A 750 11.96 30.22 -4.34
N ALA A 751 10.70 30.23 -4.73
CA ALA A 751 10.03 29.03 -5.22
C ALA A 751 10.49 28.77 -6.65
N LEU A 752 9.81 27.84 -7.31
CA LEU A 752 10.20 27.45 -8.66
C LEU A 752 9.07 27.42 -9.66
N ARG A 753 7.83 27.27 -9.24
CA ARG A 753 6.67 27.31 -10.11
C ARG A 753 5.64 28.23 -9.49
N PRO A 754 4.81 28.86 -10.31
CA PRO A 754 3.56 29.42 -9.79
C PRO A 754 2.68 28.29 -9.27
N SER A 755 2.43 28.29 -7.97
CA SER A 755 1.74 27.20 -7.30
C SER A 755 0.42 27.68 -6.71
N ALA A 756 -0.48 26.74 -6.46
CA ALA A 756 -1.80 27.08 -5.94
C ALA A 756 -1.73 27.66 -4.54
N SER A 757 -0.55 27.70 -3.94
CA SER A 757 -0.39 28.37 -2.66
C SER A 757 0.10 29.79 -2.80
N THR A 758 0.60 30.17 -3.97
CA THR A 758 0.95 31.54 -4.29
C THR A 758 -0.09 32.20 -5.16
N GLN A 759 -0.64 31.48 -6.13
CA GLN A 759 -1.76 31.96 -6.91
C GLN A 759 -3.03 31.89 -6.07
N ALA A 760 -3.03 32.61 -4.94
CA ALA A 760 -4.12 32.53 -3.98
C ALA A 760 -4.98 33.78 -4.06
N LEU A 761 -6.29 33.59 -3.92
CA LEU A 761 -7.20 34.74 -3.93
C LEU A 761 -6.84 35.72 -2.82
N SER A 762 -6.69 35.23 -1.60
CA SER A 762 -6.16 36.00 -0.49
C SER A 762 -5.06 35.19 0.17
N SER A 763 -4.31 35.82 1.06
CA SER A 763 -3.16 35.14 1.63
C SER A 763 -2.76 35.81 2.93
N SER A 764 -2.05 35.06 3.75
CA SER A 764 -1.51 35.60 4.99
C SER A 764 -0.33 34.76 5.46
N VAL A 765 0.41 35.30 6.42
CA VAL A 765 1.59 34.64 6.97
C VAL A 765 1.51 34.70 8.49
N SER A 766 1.76 33.56 9.13
CA SER A 766 1.70 33.49 10.58
C SER A 766 2.83 34.30 11.19
N SER A 767 2.65 34.67 12.45
CA SER A 767 3.64 35.44 13.16
C SER A 767 4.20 34.67 14.35
N GLU A 779 23.09 26.82 9.75
CA GLU A 779 22.18 25.98 8.98
C GLU A 779 21.67 26.70 7.74
N THR A 780 21.93 27.99 7.66
CA THR A 780 21.43 28.83 6.58
C THR A 780 22.50 28.97 5.50
N SER A 781 22.77 27.86 4.84
CA SER A 781 23.71 27.83 3.72
C SER A 781 22.94 27.77 2.41
N PHE A 782 23.49 28.40 1.38
CA PHE A 782 22.78 28.48 0.11
C PHE A 782 22.83 27.14 -0.61
N GLY A 783 22.16 27.07 -1.75
CA GLY A 783 22.10 25.83 -2.51
C GLY A 783 21.39 24.70 -1.81
N GLU A 784 20.76 24.97 -0.68
CA GLU A 784 20.02 23.97 0.08
C GLU A 784 18.68 23.72 -0.58
N GLU A 785 17.79 23.05 0.14
CA GLU A 785 16.42 22.87 -0.36
C GLU A 785 15.51 22.70 0.86
N VAL A 786 14.78 23.74 1.19
CA VAL A 786 13.84 23.70 2.28
C VAL A 786 12.43 23.53 1.73
N GLU A 787 11.51 23.14 2.60
CA GLU A 787 10.13 22.92 2.27
C GLU A 787 9.28 23.94 3.00
N VAL A 788 8.31 24.53 2.32
CA VAL A 788 7.48 25.56 2.94
C VAL A 788 6.02 25.14 2.91
N HIS A 789 5.33 25.36 4.02
CA HIS A 789 4.04 24.75 4.31
C HIS A 789 2.93 25.79 4.37
N ASN A 790 1.74 25.38 3.92
CA ASN A 790 0.62 26.31 3.83
C ASN A 790 -0.67 25.58 4.13
N LEU A 791 -1.63 26.35 4.63
CA LEU A 791 -2.99 25.91 4.85
C LEU A 791 -3.87 26.59 3.82
N LEU A 792 -4.47 25.81 2.95
CA LEU A 792 -5.28 26.33 1.86
C LEU A 792 -6.72 25.98 2.14
N ILE A 793 -7.61 26.96 2.06
CA ILE A 793 -9.03 26.69 2.21
C ILE A 793 -9.57 26.53 0.79
N ILE A 794 -9.49 25.32 0.28
CA ILE A 794 -10.10 25.04 -1.00
C ILE A 794 -11.58 25.30 -0.86
N ASP A 795 -12.19 25.78 -1.93
CA ASP A 795 -13.63 25.92 -1.99
C ASP A 795 -14.21 24.52 -2.17
N GLN A 796 -15.50 24.42 -2.40
CA GLN A 796 -16.13 23.13 -2.56
C GLN A 796 -17.05 23.04 -3.75
N HIS A 797 -17.35 24.16 -4.41
CA HIS A 797 -18.09 24.16 -5.66
C HIS A 797 -17.19 24.38 -6.86
N THR A 798 -16.38 25.44 -6.80
CA THR A 798 -15.48 25.83 -7.87
C THR A 798 -14.03 25.52 -7.52
N PHE A 799 -13.81 24.71 -6.49
CA PHE A 799 -12.51 24.18 -6.14
C PHE A 799 -11.39 25.17 -6.37
N GLU A 800 -11.54 26.39 -5.87
CA GLU A 800 -10.51 27.39 -6.04
C GLU A 800 -10.00 27.83 -4.70
N VAL A 801 -8.75 28.26 -4.67
CA VAL A 801 -8.07 28.50 -3.40
C VAL A 801 -8.51 29.84 -2.84
N LEU A 802 -9.56 29.81 -2.03
CA LEU A 802 -10.07 31.05 -1.45
C LEU A 802 -9.07 31.65 -0.49
N HIS A 803 -8.22 30.85 0.12
CA HIS A 803 -7.28 31.42 1.06
C HIS A 803 -6.08 30.50 1.19
N ALA A 804 -4.94 31.10 1.55
CA ALA A 804 -3.75 30.35 1.88
C ALA A 804 -3.00 31.07 3.00
N HIS A 805 -2.59 30.30 3.99
CA HIS A 805 -1.87 30.79 5.16
C HIS A 805 -0.50 30.12 5.23
N GLN A 806 0.50 30.89 5.64
CA GLN A 806 1.87 30.40 5.72
C GLN A 806 2.31 30.27 7.17
N PHE A 807 2.93 29.14 7.49
CA PHE A 807 3.45 28.89 8.81
C PHE A 807 4.85 29.47 8.93
N LEU A 808 5.41 29.41 10.13
CA LEU A 808 6.73 29.96 10.36
C LEU A 808 7.72 29.22 9.47
N GLN A 809 8.95 29.75 9.41
CA GLN A 809 9.96 29.06 8.64
C GLN A 809 10.44 27.85 9.41
N ASN A 810 10.68 26.76 8.69
CA ASN A 810 11.09 25.44 9.14
C ASN A 810 9.93 24.64 9.69
N GLU A 811 8.77 25.23 9.89
CA GLU A 811 7.73 24.62 10.72
C GLU A 811 6.89 23.68 9.89
N TYR A 812 7.20 22.38 9.95
CA TYR A 812 6.30 21.45 9.30
C TYR A 812 4.94 21.51 9.99
N ALA A 813 3.93 20.99 9.31
CA ALA A 813 2.60 20.88 9.88
C ALA A 813 2.08 19.49 9.58
N LEU A 814 1.78 18.73 10.62
CA LEU A 814 1.58 17.31 10.46
C LEU A 814 0.14 16.87 10.65
N SER A 815 -0.75 17.74 11.10
CA SER A 815 -2.05 17.31 11.62
C SER A 815 -3.09 18.41 11.49
N LEU A 816 -4.31 18.04 11.12
CA LEU A 816 -5.39 18.98 10.95
C LEU A 816 -6.69 18.38 11.42
N VAL A 817 -7.54 19.21 12.05
CA VAL A 817 -8.89 18.78 12.42
C VAL A 817 -9.81 19.98 12.34
N SER A 818 -11.08 19.71 12.02
CA SER A 818 -12.12 20.74 11.97
C SER A 818 -13.28 20.28 12.83
N CYS A 819 -13.58 21.03 13.89
CA CYS A 819 -14.37 20.44 14.95
C CYS A 819 -14.93 21.52 15.85
N LYS A 820 -15.98 21.17 16.57
CA LYS A 820 -16.62 21.98 17.60
C LYS A 820 -16.10 21.55 18.96
N LEU A 821 -15.86 22.50 19.84
CA LEU A 821 -15.19 22.20 21.09
C LEU A 821 -15.95 22.78 22.27
N GLY A 822 -16.31 21.92 23.21
CA GLY A 822 -16.69 22.41 24.53
C GLY A 822 -18.01 23.13 24.51
N LYS A 823 -18.02 24.32 25.12
CA LYS A 823 -19.22 25.14 25.24
C LYS A 823 -19.25 26.27 24.22
N ASP A 824 -18.69 26.03 23.04
CA ASP A 824 -18.61 27.04 22.02
C ASP A 824 -19.37 26.56 20.80
N PRO A 825 -20.17 27.41 20.16
CA PRO A 825 -20.92 26.98 18.96
C PRO A 825 -20.20 27.17 17.64
N ASN A 826 -18.94 27.61 17.63
CA ASN A 826 -18.18 27.77 16.41
C ASN A 826 -17.39 26.51 16.11
N THR A 827 -17.38 26.12 14.83
CA THR A 827 -16.42 25.13 14.36
C THR A 827 -15.14 25.82 13.95
N TYR A 828 -14.01 25.19 14.22
CA TYR A 828 -12.71 25.78 13.92
C TYR A 828 -11.88 24.85 13.05
N PHE A 829 -10.73 25.36 12.62
CA PHE A 829 -9.65 24.53 12.11
C PHE A 829 -8.55 24.55 13.15
N ILE A 830 -7.93 23.40 13.41
CA ILE A 830 -6.84 23.29 14.36
C ILE A 830 -5.72 22.51 13.70
N VAL A 831 -4.49 22.97 13.90
CA VAL A 831 -3.32 22.39 13.29
C VAL A 831 -2.34 22.00 14.38
N GLY A 832 -1.50 21.01 14.08
CA GLY A 832 -0.40 20.64 14.94
C GLY A 832 0.90 20.58 14.17
N THR A 833 1.87 21.35 14.60
CA THR A 833 3.06 21.63 13.82
C THR A 833 4.31 21.33 14.63
N ALA A 834 5.43 21.22 13.91
CA ALA A 834 6.70 20.79 14.51
C ALA A 834 7.85 21.51 13.85
N MET A 835 8.70 22.12 14.65
CA MET A 835 9.87 22.80 14.12
C MET A 835 10.92 21.74 13.80
N VAL A 836 10.82 21.19 12.60
CA VAL A 836 11.76 20.19 12.11
C VAL A 836 13.07 20.87 11.73
N TYR A 837 14.17 20.34 12.25
CA TYR A 837 15.51 20.68 11.82
C TYR A 837 16.14 19.48 11.14
N PRO A 838 17.27 19.64 10.44
CA PRO A 838 17.79 18.53 9.66
C PRO A 838 18.74 17.62 10.43
N GLU A 839 19.18 18.03 11.61
CA GLU A 839 20.20 17.32 12.37
C GLU A 839 19.70 16.88 13.74
N GLU A 840 18.39 16.85 13.93
CA GLU A 840 17.78 16.46 15.20
C GLU A 840 16.95 15.21 14.97
N ALA A 841 17.13 14.20 15.81
CA ALA A 841 16.33 13.00 15.65
C ALA A 841 14.90 13.23 16.14
N GLU A 842 14.75 13.84 17.30
CA GLU A 842 13.42 14.03 17.87
C GLU A 842 13.06 15.51 17.87
N PRO A 843 11.88 15.87 17.36
CA PRO A 843 11.44 17.27 17.48
C PRO A 843 11.15 17.59 18.93
N LYS A 844 11.86 18.58 19.46
CA LYS A 844 11.64 19.05 20.82
C LYS A 844 10.85 20.35 20.85
N GLN A 845 10.06 20.60 19.82
CA GLN A 845 9.30 21.83 19.68
C GLN A 845 8.05 21.50 18.88
N GLY A 846 7.06 22.37 18.98
CA GLY A 846 5.82 22.16 18.26
C GLY A 846 4.81 23.18 18.67
N ARG A 847 3.70 23.21 17.96
CA ARG A 847 2.61 24.09 18.32
C ARG A 847 1.30 23.42 17.99
N ILE A 848 0.23 23.91 18.59
CA ILE A 848 -1.10 23.53 18.19
C ILE A 848 -1.94 24.80 18.12
N VAL A 849 -2.44 25.10 16.93
CA VAL A 849 -2.97 26.42 16.60
C VAL A 849 -4.40 26.25 16.15
N VAL A 850 -5.30 27.08 16.69
CA VAL A 850 -6.72 27.00 16.37
C VAL A 850 -7.15 28.34 15.82
N PHE A 851 -7.62 28.34 14.59
CA PHE A 851 -8.15 29.54 13.95
C PHE A 851 -9.38 29.20 13.12
N GLN A 852 -10.17 30.24 12.88
CA GLN A 852 -11.47 30.10 12.25
C GLN A 852 -11.56 30.98 11.02
N TYR A 853 -12.45 30.58 10.11
CA TYR A 853 -12.55 31.16 8.78
C TYR A 853 -13.92 31.80 8.63
N SER A 854 -13.97 33.11 8.83
CA SER A 854 -15.20 33.86 8.74
C SER A 854 -15.05 34.96 7.70
N ASP A 855 -16.19 35.52 7.29
CA ASP A 855 -16.27 36.63 6.34
C ASP A 855 -15.29 36.46 5.19
N GLY A 856 -15.07 35.22 4.75
CA GLY A 856 -14.08 34.96 3.74
C GLY A 856 -12.65 35.22 4.17
N LYS A 857 -12.41 35.74 5.36
CA LYS A 857 -11.06 36.03 5.85
C LYS A 857 -10.79 35.24 7.12
N LEU A 858 -9.79 34.36 7.07
CA LEU A 858 -9.48 33.43 8.15
C LEU A 858 -8.55 34.06 9.17
N GLN A 859 -8.90 33.91 10.46
CA GLN A 859 -8.28 34.67 11.54
C GLN A 859 -7.94 33.75 12.69
N THR A 860 -6.88 34.10 13.43
CA THR A 860 -6.33 33.25 14.47
C THR A 860 -7.10 33.40 15.79
N VAL A 861 -7.52 32.27 16.36
CA VAL A 861 -8.21 32.29 17.63
C VAL A 861 -7.22 32.19 18.77
N ALA A 862 -6.49 31.07 18.85
CA ALA A 862 -5.54 30.89 19.95
C ALA A 862 -4.50 29.84 19.56
N GLU A 863 -3.46 29.74 20.39
CA GLU A 863 -2.35 28.84 20.13
C GLU A 863 -1.85 28.25 21.44
N LYS A 864 -1.16 27.12 21.35
CA LYS A 864 -0.63 26.44 22.52
C LYS A 864 0.71 25.82 22.17
N GLU A 865 1.75 26.19 22.93
CA GLU A 865 3.12 25.80 22.63
C GLU A 865 3.43 24.47 23.30
N VAL A 866 3.38 23.40 22.51
CA VAL A 866 3.63 22.04 22.97
C VAL A 866 5.14 21.82 23.01
N LYS A 867 5.58 20.71 23.61
CA LYS A 867 6.98 20.31 23.60
C LYS A 867 7.16 18.96 22.91
N GLY A 868 6.55 18.79 21.74
CA GLY A 868 6.74 17.60 20.96
C GLY A 868 6.29 17.80 19.53
N ALA A 869 6.03 16.71 18.84
CA ALA A 869 5.68 16.74 17.42
C ALA A 869 4.30 16.11 17.25
N VAL A 870 3.31 16.91 16.90
CA VAL A 870 1.93 16.48 17.10
C VAL A 870 1.49 15.60 15.94
N TYR A 871 1.79 14.35 16.02
CA TYR A 871 1.41 13.57 14.88
C TYR A 871 0.00 13.26 14.84
N SER A 872 -0.93 13.78 15.64
CA SER A 872 -2.33 13.43 15.47
C SER A 872 -3.19 14.29 16.38
N MET A 873 -4.44 14.43 15.99
CA MET A 873 -5.46 15.10 16.76
C MET A 873 -6.78 14.39 16.48
N VAL A 874 -7.63 14.31 17.50
CA VAL A 874 -9.05 14.00 17.29
C VAL A 874 -9.85 14.82 18.28
N GLU A 875 -11.16 14.84 18.10
CA GLU A 875 -12.04 15.53 19.03
C GLU A 875 -12.72 14.46 19.85
N PHE A 876 -12.37 14.41 21.13
CA PHE A 876 -12.87 13.43 22.07
C PHE A 876 -13.99 14.07 22.86
N ASN A 877 -15.21 13.93 22.34
CA ASN A 877 -16.43 14.36 23.02
C ASN A 877 -16.27 15.79 23.55
N GLY A 878 -16.03 16.71 22.63
CA GLY A 878 -15.88 18.08 23.05
C GLY A 878 -14.56 18.41 23.69
N LYS A 879 -13.59 17.51 23.63
CA LYS A 879 -12.24 17.77 24.11
C LYS A 879 -11.27 17.46 22.98
N LEU A 880 -9.99 17.73 23.21
CA LEU A 880 -8.98 17.57 22.16
C LEU A 880 -7.97 16.51 22.56
N LEU A 881 -7.83 15.48 21.75
CA LEU A 881 -6.89 14.41 21.99
C LEU A 881 -5.69 14.61 21.08
N ALA A 882 -4.54 14.93 21.66
CA ALA A 882 -3.36 15.36 20.92
C ALA A 882 -2.19 14.45 21.23
N SER A 883 -1.66 13.76 20.22
CA SER A 883 -0.56 12.80 20.37
C SER A 883 0.77 13.43 20.13
N ILE A 884 1.45 13.77 21.19
CA ILE A 884 2.70 14.48 21.08
C ILE A 884 3.89 13.56 21.28
N ASN A 885 4.68 13.28 20.25
CA ASN A 885 5.87 12.44 20.33
C ASN A 885 5.60 11.11 20.94
N SER A 886 5.87 10.96 22.24
CA SER A 886 5.63 9.71 22.93
C SER A 886 4.50 9.72 23.92
N THR A 887 3.78 10.84 24.08
CA THR A 887 2.76 10.93 25.11
C THR A 887 1.43 11.34 24.52
N VAL A 888 0.38 10.57 24.81
CA VAL A 888 -0.95 11.06 24.48
C VAL A 888 -1.31 12.12 25.50
N ARG A 889 -2.09 13.12 25.08
CA ARG A 889 -2.55 14.12 26.02
C ARG A 889 -4.00 14.44 25.70
N LEU A 890 -4.76 14.82 26.71
CA LEU A 890 -6.14 15.19 26.49
C LEU A 890 -6.41 16.54 27.12
N TYR A 891 -7.06 17.39 26.33
CA TYR A 891 -7.16 18.83 26.50
C TYR A 891 -8.64 19.22 26.56
N GLU A 892 -8.93 20.28 27.30
CA GLU A 892 -10.29 20.77 27.43
C GLU A 892 -10.36 22.20 26.92
N TRP A 893 -11.47 22.53 26.27
CA TRP A 893 -11.67 23.84 25.65
C TRP A 893 -12.44 24.71 26.62
N THR A 894 -11.74 25.65 27.25
CA THR A 894 -12.30 26.44 28.32
C THR A 894 -13.06 27.65 27.78
N THR A 895 -13.56 28.49 28.68
CA THR A 895 -14.44 29.59 28.30
C THR A 895 -13.70 30.86 27.97
N GLU A 896 -12.47 31.01 28.42
CA GLU A 896 -11.69 32.13 27.92
C GLU A 896 -11.10 31.85 26.65
N LYS A 897 -11.63 30.82 26.00
CA LYS A 897 -11.17 30.34 24.72
C LYS A 897 -9.66 30.13 24.74
N GLU A 898 -9.26 29.17 25.58
CA GLU A 898 -7.91 28.64 25.60
C GLU A 898 -8.02 27.15 25.82
N LEU A 899 -6.91 26.45 25.62
CA LEU A 899 -6.84 25.03 25.94
C LEU A 899 -6.11 24.89 27.26
N ARG A 900 -6.65 24.06 28.14
CA ARG A 900 -6.04 23.77 29.43
C ARG A 900 -5.85 22.27 29.53
N THR A 901 -4.69 21.87 30.04
CA THR A 901 -4.31 20.46 30.00
C THR A 901 -5.14 19.68 30.99
N GLU A 902 -5.73 18.57 30.54
CA GLU A 902 -6.50 17.73 31.45
C GLU A 902 -5.70 16.52 31.91
N CYS A 903 -5.27 15.65 31.01
CA CYS A 903 -4.61 14.43 31.49
C CYS A 903 -3.62 13.88 30.49
N ASN A 904 -2.42 13.58 30.98
CA ASN A 904 -1.33 13.04 30.18
C ASN A 904 -1.45 11.52 30.09
N HIS A 905 -0.59 10.93 29.27
CA HIS A 905 -0.41 9.48 29.29
C HIS A 905 0.89 9.13 28.60
N TYR A 906 1.87 8.69 29.36
CA TYR A 906 3.17 8.28 28.86
C TYR A 906 3.12 6.83 28.43
N ASN A 907 4.26 6.15 28.36
CA ASN A 907 4.31 4.74 27.96
C ASN A 907 4.01 4.54 26.49
N ASN A 908 4.81 5.16 25.63
CA ASN A 908 4.77 4.90 24.21
C ASN A 908 6.13 5.25 23.63
N ILE A 909 6.60 4.46 22.67
CA ILE A 909 7.85 4.78 22.01
C ILE A 909 7.67 6.00 21.11
N MET A 910 6.72 5.94 20.20
CA MET A 910 6.33 7.10 19.42
C MET A 910 4.86 6.97 19.09
N ALA A 911 4.03 7.78 19.73
CA ALA A 911 2.62 7.82 19.41
C ALA A 911 2.46 8.43 18.03
N LEU A 912 1.77 7.73 17.15
CA LEU A 912 1.69 8.16 15.77
C LEU A 912 0.29 8.19 15.21
N TYR A 913 -0.66 7.49 15.81
CA TYR A 913 -1.99 7.42 15.27
C TYR A 913 -2.98 7.47 16.42
N LEU A 914 -4.23 7.77 16.10
CA LEU A 914 -5.25 7.89 17.13
C LEU A 914 -6.60 7.62 16.50
N LYS A 915 -7.47 6.98 17.26
CA LYS A 915 -8.86 6.82 16.88
C LYS A 915 -9.67 6.87 18.16
N THR A 916 -10.98 7.04 18.05
CA THR A 916 -11.86 6.94 19.20
C THR A 916 -13.19 6.36 18.77
N LYS A 917 -13.90 5.77 19.72
CA LYS A 917 -15.27 5.32 19.48
C LYS A 917 -15.97 5.30 20.83
N GLY A 918 -16.78 6.31 21.09
CA GLY A 918 -17.38 6.42 22.40
C GLY A 918 -16.29 6.84 23.36
N ASP A 919 -16.01 6.02 24.35
CA ASP A 919 -15.07 6.40 25.40
C ASP A 919 -13.78 5.59 25.34
N PHE A 920 -13.46 5.05 24.17
CA PHE A 920 -12.29 4.22 23.92
C PHE A 920 -11.32 4.94 23.00
N ILE A 921 -10.06 4.57 23.07
CA ILE A 921 -9.00 5.22 22.30
C ILE A 921 -8.05 4.14 21.82
N LEU A 922 -7.61 4.21 20.57
CA LEU A 922 -6.79 3.16 19.99
C LEU A 922 -5.47 3.74 19.49
N VAL A 923 -4.47 3.84 20.36
CA VAL A 923 -3.18 4.32 19.91
C VAL A 923 -2.50 3.26 19.05
N GLY A 924 -1.67 3.72 18.12
CA GLY A 924 -0.86 2.86 17.27
C GLY A 924 0.56 3.36 17.33
N ASP A 925 1.54 2.48 17.28
CA ASP A 925 2.89 2.87 17.65
C ASP A 925 3.85 2.65 16.49
N LEU A 926 4.99 3.34 16.59
CA LEU A 926 6.03 3.23 15.59
C LEU A 926 6.44 1.77 15.37
N MET A 927 6.76 1.06 16.45
CA MET A 927 7.29 -0.30 16.33
C MET A 927 6.59 -1.35 17.18
N ARG A 928 5.78 -0.99 18.15
CA ARG A 928 4.92 -1.94 18.84
C ARG A 928 3.50 -1.80 18.31
N SER A 929 2.70 -2.82 18.52
CA SER A 929 1.41 -2.84 17.88
C SER A 929 0.45 -1.90 18.58
N VAL A 930 -0.85 -2.07 18.33
CA VAL A 930 -1.86 -1.18 18.87
C VAL A 930 -1.95 -1.29 20.40
N LEU A 931 -2.57 -0.27 20.99
CA LEU A 931 -2.69 -0.15 22.44
C LEU A 931 -4.00 0.54 22.77
N LEU A 932 -4.85 -0.12 23.53
CA LEU A 932 -6.15 0.40 23.90
C LEU A 932 -6.03 1.27 25.15
N LEU A 933 -6.83 2.32 25.20
CA LEU A 933 -6.97 3.11 26.40
C LEU A 933 -8.45 3.20 26.72
N ALA A 934 -8.76 3.96 27.76
CA ALA A 934 -10.15 4.28 28.07
C ALA A 934 -10.14 5.41 29.07
N TYR A 935 -11.18 6.22 29.00
CA TYR A 935 -11.24 7.45 29.78
C TYR A 935 -12.25 7.24 30.89
N LYS A 936 -11.75 7.14 32.11
CA LYS A 936 -12.56 7.00 33.30
C LYS A 936 -13.02 8.38 33.71
N PRO A 937 -14.29 8.72 33.45
CA PRO A 937 -14.72 10.10 33.68
C PRO A 937 -14.93 10.44 35.13
N MET A 938 -14.95 9.45 36.03
CA MET A 938 -15.23 9.72 37.43
C MET A 938 -14.10 10.52 38.08
N GLU A 939 -12.87 10.14 37.79
CA GLU A 939 -11.71 10.86 38.31
C GLU A 939 -10.92 11.58 37.24
N GLY A 940 -11.25 11.36 35.98
CA GLY A 940 -10.56 12.02 34.89
C GLY A 940 -9.12 11.58 34.73
N ASN A 941 -8.91 10.32 34.34
CA ASN A 941 -7.59 9.89 33.92
C ASN A 941 -7.75 8.65 33.06
N PHE A 942 -6.63 8.19 32.51
CA PHE A 942 -6.60 7.19 31.46
C PHE A 942 -6.37 5.82 32.06
N GLU A 943 -7.17 4.85 31.65
CA GLU A 943 -7.00 3.48 32.11
C GLU A 943 -6.64 2.59 30.94
N GLU A 944 -5.41 2.10 30.93
CA GLU A 944 -4.89 1.32 29.83
C GLU A 944 -5.52 -0.06 29.87
N ILE A 945 -6.55 -0.27 29.07
CA ILE A 945 -7.32 -1.50 29.20
C ILE A 945 -6.47 -2.70 28.85
N ALA A 946 -5.83 -2.69 27.70
CA ALA A 946 -5.16 -3.87 27.18
C ALA A 946 -3.97 -3.44 26.36
N ARG A 947 -3.36 -4.39 25.64
CA ARG A 947 -2.48 -4.11 24.51
C ARG A 947 -2.06 -5.37 23.80
N ASP A 948 -1.15 -5.23 22.84
CA ASP A 948 -0.79 -6.32 21.95
C ASP A 948 0.71 -6.48 21.97
N PHE A 949 1.17 -7.72 22.02
CA PHE A 949 2.57 -7.95 22.36
C PHE A 949 3.33 -8.60 21.21
N ASN A 950 3.12 -8.12 19.99
CA ASN A 950 4.02 -8.38 18.89
C ASN A 950 4.63 -7.08 18.40
N PRO A 951 5.84 -7.09 17.95
CA PRO A 951 6.48 -5.85 17.50
C PRO A 951 6.24 -5.51 16.03
N ASN A 952 5.07 -4.99 15.73
CA ASN A 952 4.74 -4.59 14.37
C ASN A 952 5.02 -3.12 14.17
N TRP A 953 5.43 -2.76 12.96
CA TRP A 953 5.66 -1.37 12.58
C TRP A 953 4.39 -0.89 11.91
N MET A 954 3.74 0.10 12.50
CA MET A 954 2.39 0.41 12.08
C MET A 954 2.36 1.52 11.05
N SER A 955 1.34 1.50 10.20
CA SER A 955 1.07 2.58 9.28
C SER A 955 -0.30 3.21 9.45
N ALA A 956 -1.31 2.44 9.83
CA ALA A 956 -2.66 2.95 9.96
C ALA A 956 -3.44 2.08 10.93
N VAL A 957 -4.26 2.72 11.75
CA VAL A 957 -5.13 2.04 12.71
C VAL A 957 -6.58 2.30 12.34
N GLU A 958 -7.48 1.53 12.94
CA GLU A 958 -8.91 1.77 12.80
C GLU A 958 -9.65 1.01 13.87
N ILE A 959 -10.75 1.59 14.36
CA ILE A 959 -11.58 0.96 15.37
C ILE A 959 -12.75 0.29 14.64
N LEU A 960 -12.55 -0.96 14.27
CA LEU A 960 -13.53 -1.63 13.45
C LEU A 960 -14.89 -1.68 14.12
N ASP A 961 -14.92 -1.93 15.43
CA ASP A 961 -16.10 -1.71 16.26
C ASP A 961 -15.60 -1.56 17.70
N ASP A 962 -16.49 -1.72 18.67
CA ASP A 962 -16.12 -1.41 20.04
C ASP A 962 -15.14 -2.41 20.63
N ASP A 963 -14.95 -3.59 20.03
CA ASP A 963 -13.99 -4.57 20.53
C ASP A 963 -12.87 -4.90 19.56
N ASN A 964 -13.18 -5.30 18.33
CA ASN A 964 -12.14 -5.54 17.34
C ASN A 964 -11.33 -4.28 17.10
N PHE A 965 -10.11 -4.45 16.65
CA PHE A 965 -9.35 -3.33 16.14
C PHE A 965 -8.59 -3.81 14.91
N LEU A 966 -8.32 -2.88 13.99
CA LEU A 966 -7.73 -3.21 12.71
C LEU A 966 -6.49 -2.38 12.48
N GLY A 967 -5.44 -3.01 11.98
CA GLY A 967 -4.19 -2.30 11.80
C GLY A 967 -3.45 -2.77 10.56
N ALA A 968 -2.55 -1.90 10.10
CA ALA A 968 -1.77 -2.19 8.91
C ALA A 968 -0.29 -2.01 9.19
N GLU A 969 0.48 -3.05 8.89
CA GLU A 969 1.91 -3.08 9.16
C GLU A 969 2.69 -2.87 7.87
N ASN A 970 3.83 -2.21 8.00
CA ASN A 970 4.60 -1.74 6.86
C ASN A 970 5.33 -2.83 6.13
N ALA A 971 5.17 -4.08 6.53
CA ALA A 971 5.56 -5.22 5.71
C ALA A 971 4.46 -5.61 4.77
N PHE A 972 3.49 -4.71 4.57
CA PHE A 972 2.34 -4.89 3.70
C PHE A 972 1.32 -5.87 4.25
N ASN A 973 0.97 -5.82 5.54
CA ASN A 973 0.02 -6.81 6.04
C ASN A 973 -1.08 -6.17 6.88
N LEU A 974 -2.20 -6.87 6.97
CA LEU A 974 -3.37 -6.46 7.73
C LEU A 974 -3.53 -7.40 8.92
N PHE A 975 -3.90 -6.85 10.08
CA PHE A 975 -4.21 -7.71 11.21
C PHE A 975 -5.37 -7.15 12.03
N VAL A 976 -6.16 -8.07 12.58
CA VAL A 976 -7.34 -7.76 13.39
C VAL A 976 -7.12 -8.37 14.76
N CYS A 977 -7.08 -7.53 15.79
CA CYS A 977 -6.80 -7.97 17.15
C CYS A 977 -7.96 -7.57 18.05
N GLN A 978 -8.46 -8.52 18.84
CA GLN A 978 -9.68 -8.30 19.60
C GLN A 978 -9.48 -8.52 21.08
N LYS A 979 -10.21 -7.75 21.86
CA LYS A 979 -10.20 -7.86 23.31
C LYS A 979 -10.77 -9.21 23.72
N ASP A 980 -9.92 -10.06 24.29
CA ASP A 980 -10.33 -11.42 24.65
C ASP A 980 -11.15 -11.36 25.92
N SER A 981 -12.46 -11.15 25.78
CA SER A 981 -13.32 -11.10 26.95
C SER A 981 -13.47 -12.44 27.64
N ALA A 982 -12.95 -13.52 27.04
CA ALA A 982 -13.07 -14.88 27.58
C ALA A 982 -11.94 -15.21 28.54
N ALA A 983 -11.37 -14.21 29.20
CA ALA A 983 -10.25 -14.40 30.09
C ALA A 983 -10.71 -14.43 31.54
N THR A 984 -9.83 -14.92 32.41
CA THR A 984 -10.16 -15.16 33.81
C THR A 984 -9.37 -14.25 34.74
N THR A 985 -8.05 -14.30 34.71
CA THR A 985 -7.26 -13.52 35.65
C THR A 985 -7.01 -12.13 35.10
N ASP A 986 -6.41 -11.27 35.92
CA ASP A 986 -6.04 -9.94 35.47
C ASP A 986 -4.61 -9.91 34.96
N GLU A 987 -4.30 -10.89 34.13
CA GLU A 987 -3.06 -10.88 33.35
C GLU A 987 -3.37 -11.22 31.90
N GLU A 988 -4.36 -12.08 31.69
CA GLU A 988 -4.84 -12.36 30.35
C GLU A 988 -6.03 -11.48 29.97
N ARG A 989 -6.45 -10.59 30.85
CA ARG A 989 -7.29 -9.48 30.48
C ARG A 989 -6.50 -8.20 30.28
N GLN A 990 -5.20 -8.35 30.00
CA GLN A 990 -4.36 -7.24 29.60
C GLN A 990 -3.55 -7.58 28.37
N HIS A 991 -3.91 -8.65 27.67
CA HIS A 991 -3.38 -8.95 26.36
C HIS A 991 -4.50 -8.86 25.34
N LEU A 992 -4.16 -8.45 24.13
CA LEU A 992 -5.07 -8.49 23.00
C LEU A 992 -4.72 -9.70 22.15
N GLN A 993 -5.72 -10.48 21.77
CA GLN A 993 -5.41 -11.65 20.97
C GLN A 993 -5.18 -11.22 19.54
N GLU A 994 -5.15 -12.16 18.59
CA GLU A 994 -4.98 -11.85 17.18
C GLU A 994 -5.88 -12.77 16.36
N VAL A 995 -6.98 -12.23 15.87
CA VAL A 995 -7.90 -13.06 15.13
C VAL A 995 -7.63 -13.03 13.62
N GLY A 996 -7.04 -11.94 13.12
CA GLY A 996 -6.90 -11.82 11.69
C GLY A 996 -5.51 -11.48 11.20
N LEU A 997 -5.05 -12.21 10.18
CA LEU A 997 -3.77 -11.99 9.52
C LEU A 997 -3.98 -12.08 8.02
N PHE A 998 -3.48 -11.10 7.27
CA PHE A 998 -3.66 -11.08 5.83
C PHE A 998 -2.44 -10.45 5.20
N HIS A 999 -2.01 -10.99 4.07
CA HIS A 999 -1.03 -10.29 3.24
C HIS A 999 -1.79 -9.51 2.18
N LEU A 1000 -1.93 -8.22 2.43
CA LEU A 1000 -2.62 -7.36 1.48
C LEU A 1000 -1.84 -7.32 0.17
N GLY A 1001 -0.66 -6.75 0.23
CA GLY A 1001 0.15 -6.55 -0.95
C GLY A 1001 0.56 -5.11 -1.08
N GLU A 1002 0.03 -4.23 -0.25
CA GLU A 1002 0.22 -2.80 -0.48
C GLU A 1002 0.29 -2.06 0.84
N PHE A 1003 0.86 -0.87 0.79
CA PHE A 1003 1.25 -0.13 1.99
C PHE A 1003 0.18 0.93 2.28
N VAL A 1004 -0.78 0.58 3.11
CA VAL A 1004 -1.94 1.43 3.36
C VAL A 1004 -1.55 2.68 4.12
N ASN A 1005 -2.09 3.82 3.70
CA ASN A 1005 -1.84 5.11 4.33
C ASN A 1005 -2.98 5.61 5.19
N VAL A 1006 -4.21 5.22 4.92
CA VAL A 1006 -5.34 5.87 5.55
C VAL A 1006 -6.57 4.98 5.44
N PHE A 1007 -7.31 4.90 6.55
CA PHE A 1007 -8.62 4.27 6.68
C PHE A 1007 -9.69 5.34 6.88
N CYS A 1008 -10.90 5.08 6.41
CA CYS A 1008 -12.00 6.02 6.56
C CYS A 1008 -13.33 5.28 6.63
N HIS A 1009 -14.24 5.79 7.43
CA HIS A 1009 -15.56 5.17 7.59
C HIS A 1009 -16.52 5.77 6.58
N GLY A 1010 -16.99 4.95 5.66
CA GLY A 1010 -17.91 5.42 4.65
C GLY A 1010 -18.16 4.35 3.62
N SER A 1011 -18.84 4.74 2.55
CA SER A 1011 -19.02 3.86 1.41
C SER A 1011 -19.54 4.66 0.23
N LEU A 1012 -19.03 4.32 -0.94
CA LEU A 1012 -19.31 5.04 -2.17
C LEU A 1012 -20.43 4.36 -2.95
N VAL A 1013 -21.58 4.22 -2.30
CA VAL A 1013 -22.71 3.55 -2.93
C VAL A 1013 -23.97 3.91 -2.13
N MET A 1014 -25.10 3.91 -2.82
CA MET A 1014 -26.36 4.32 -2.21
C MET A 1014 -26.82 3.28 -1.21
N GLN A 1015 -27.16 3.73 -0.01
CA GLN A 1015 -27.63 2.83 1.05
C GLN A 1015 -28.83 2.00 0.61
N THR A 1022 -28.73 -7.54 5.46
CA THR A 1022 -27.36 -7.08 5.26
C THR A 1022 -26.37 -8.13 5.69
N PRO A 1023 -25.72 -8.79 4.73
CA PRO A 1023 -24.60 -9.66 5.06
C PRO A 1023 -23.50 -8.90 5.77
N THR A 1024 -22.99 -7.87 5.12
CA THR A 1024 -21.93 -7.07 5.70
C THR A 1024 -22.48 -6.12 6.75
N GLN A 1025 -21.68 -5.82 7.76
CA GLN A 1025 -22.11 -4.96 8.84
C GLN A 1025 -21.10 -3.85 9.07
N GLY A 1026 -20.67 -3.21 7.99
CA GLY A 1026 -19.77 -2.09 8.10
C GLY A 1026 -19.18 -1.77 6.75
N SER A 1027 -18.37 -0.72 6.73
CA SER A 1027 -17.59 -0.38 5.55
C SER A 1027 -16.50 0.58 5.95
N VAL A 1028 -15.24 0.17 5.78
CA VAL A 1028 -14.09 1.04 5.86
C VAL A 1028 -13.41 1.05 4.51
N LEU A 1029 -12.96 2.24 4.09
CA LEU A 1029 -12.17 2.41 2.89
C LEU A 1029 -10.72 2.62 3.27
N PHE A 1030 -9.82 2.14 2.45
CA PHE A 1030 -8.40 2.38 2.69
C PHE A 1030 -7.70 2.70 1.39
N GLY A 1031 -6.78 3.66 1.47
CA GLY A 1031 -6.04 4.12 0.31
C GLY A 1031 -4.56 3.88 0.38
N THR A 1032 -4.03 3.14 -0.59
CA THR A 1032 -2.68 2.63 -0.59
C THR A 1032 -1.72 3.63 -1.22
N VAL A 1033 -0.48 3.22 -1.47
CA VAL A 1033 0.49 4.10 -2.11
C VAL A 1033 0.50 3.88 -3.62
N ASN A 1034 0.12 2.71 -4.09
CA ASN A 1034 -0.02 2.46 -5.52
C ASN A 1034 -1.38 2.86 -6.03
N GLY A 1035 -2.02 3.85 -5.42
CA GLY A 1035 -3.30 4.32 -5.90
C GLY A 1035 -4.37 3.26 -5.97
N MET A 1036 -4.38 2.33 -5.03
CA MET A 1036 -5.52 1.42 -4.95
C MET A 1036 -6.55 2.02 -4.03
N ILE A 1037 -7.77 1.47 -4.09
CA ILE A 1037 -8.84 1.87 -3.18
C ILE A 1037 -9.56 0.60 -2.77
N GLY A 1038 -9.56 0.29 -1.47
CA GLY A 1038 -10.07 -0.99 -1.01
C GLY A 1038 -11.02 -0.85 0.16
N LEU A 1039 -11.81 -1.89 0.35
CA LEU A 1039 -12.98 -1.85 1.22
C LEU A 1039 -12.99 -3.06 2.14
N VAL A 1040 -13.14 -2.84 3.44
CA VAL A 1040 -13.14 -3.91 4.42
C VAL A 1040 -14.42 -3.83 5.26
N THR A 1041 -15.09 -4.99 5.42
CA THR A 1041 -16.40 -5.11 6.04
C THR A 1041 -16.51 -6.43 6.79
N SER A 1042 -17.12 -6.39 7.98
CA SER A 1042 -17.28 -7.57 8.81
C SER A 1042 -18.27 -8.55 8.20
N LEU A 1043 -18.49 -9.67 8.87
CA LEU A 1043 -19.37 -10.71 8.36
C LEU A 1043 -19.98 -11.47 9.52
N SER A 1044 -20.66 -12.57 9.20
CA SER A 1044 -21.30 -13.43 10.17
C SER A 1044 -20.77 -14.85 10.03
N GLU A 1045 -20.62 -15.54 11.16
CA GLU A 1045 -19.85 -16.77 11.17
C GLU A 1045 -20.36 -17.80 10.18
N SER A 1046 -21.67 -17.85 9.95
CA SER A 1046 -22.17 -18.76 8.93
C SER A 1046 -21.70 -18.33 7.55
N TRP A 1047 -21.75 -17.04 7.27
CA TRP A 1047 -21.25 -16.53 5.99
C TRP A 1047 -19.77 -16.85 5.84
N TYR A 1048 -18.98 -16.56 6.86
CA TYR A 1048 -17.55 -16.81 6.78
C TYR A 1048 -17.27 -18.27 6.48
N ASN A 1049 -17.90 -19.17 7.23
CA ASN A 1049 -17.58 -20.58 7.05
C ASN A 1049 -18.13 -21.11 5.74
N LEU A 1050 -19.10 -20.43 5.14
CA LEU A 1050 -19.48 -20.83 3.79
C LEU A 1050 -18.44 -20.35 2.79
N LEU A 1051 -18.07 -19.08 2.88
CA LEU A 1051 -17.22 -18.48 1.87
C LEU A 1051 -15.83 -19.05 1.90
N LEU A 1052 -15.32 -19.42 3.07
CA LEU A 1052 -13.96 -19.96 3.13
C LEU A 1052 -13.87 -21.34 2.51
N ASP A 1053 -14.88 -22.18 2.71
CA ASP A 1053 -14.92 -23.43 1.98
C ASP A 1053 -15.03 -23.18 0.49
N MET A 1054 -15.86 -22.23 0.10
CA MET A 1054 -15.94 -21.87 -1.31
C MET A 1054 -14.57 -21.46 -1.83
N GLN A 1055 -13.80 -20.77 -1.01
CA GLN A 1055 -12.44 -20.34 -1.34
C GLN A 1055 -11.58 -21.52 -1.67
N ASN A 1056 -11.41 -22.39 -0.68
CA ASN A 1056 -10.54 -23.55 -0.87
C ASN A 1056 -11.01 -24.45 -1.99
N ARG A 1057 -12.29 -24.39 -2.35
CA ARG A 1057 -12.73 -25.09 -3.54
C ARG A 1057 -12.35 -24.35 -4.80
N LEU A 1058 -12.32 -23.00 -4.75
CA LEU A 1058 -11.93 -22.21 -5.91
C LEU A 1058 -10.49 -22.47 -6.29
N ASN A 1059 -9.62 -22.64 -5.28
CA ASN A 1059 -8.19 -22.70 -5.54
C ASN A 1059 -7.78 -24.04 -6.13
N LYS A 1060 -8.74 -24.79 -6.66
CA LYS A 1060 -8.46 -26.08 -7.27
C LYS A 1060 -8.85 -26.16 -8.74
N VAL A 1061 -9.68 -25.25 -9.22
CA VAL A 1061 -10.04 -25.18 -10.63
C VAL A 1061 -9.38 -23.99 -11.31
N ILE A 1062 -9.27 -22.88 -10.59
CA ILE A 1062 -8.70 -21.68 -11.19
C ILE A 1062 -7.20 -21.89 -11.37
N LYS A 1063 -6.61 -21.17 -12.32
CA LYS A 1063 -5.20 -21.25 -12.59
C LYS A 1063 -4.51 -19.97 -12.15
N SER A 1064 -3.19 -19.94 -12.27
CA SER A 1064 -2.45 -18.75 -11.92
C SER A 1064 -1.40 -18.49 -12.98
N VAL A 1065 -1.23 -17.23 -13.33
CA VAL A 1065 -0.12 -16.86 -14.19
C VAL A 1065 1.14 -17.05 -13.38
N GLY A 1066 1.89 -18.10 -13.69
CA GLY A 1066 3.07 -18.43 -12.92
C GLY A 1066 2.89 -19.52 -11.92
N LYS A 1067 1.72 -20.14 -11.88
CA LYS A 1067 1.49 -21.31 -11.03
C LYS A 1067 1.82 -21.06 -9.57
N ILE A 1068 1.55 -19.87 -9.12
CA ILE A 1068 1.72 -19.53 -7.72
C ILE A 1068 0.47 -19.97 -6.98
N GLU A 1069 0.61 -20.20 -5.68
CA GLU A 1069 -0.45 -20.72 -4.84
C GLU A 1069 -1.07 -19.61 -4.02
N HIS A 1070 -2.40 -19.52 -4.07
CA HIS A 1070 -3.10 -18.46 -3.37
C HIS A 1070 -2.65 -18.38 -1.92
N SER A 1071 -2.80 -19.50 -1.21
CA SER A 1071 -2.46 -19.55 0.20
C SER A 1071 -1.00 -19.18 0.44
N PHE A 1072 -0.12 -19.41 -0.53
CA PHE A 1072 1.25 -18.93 -0.34
C PHE A 1072 1.28 -17.42 -0.34
N TRP A 1073 0.54 -16.80 -1.25
CA TRP A 1073 0.64 -15.37 -1.37
C TRP A 1073 0.03 -14.65 -0.19
N ARG A 1074 -1.15 -15.08 0.24
CA ARG A 1074 -1.86 -14.34 1.25
C ARG A 1074 -1.28 -14.52 2.64
N SER A 1075 -0.44 -15.52 2.84
CA SER A 1075 0.07 -15.85 4.16
C SER A 1075 0.77 -14.66 4.80
N PHE A 1076 0.43 -14.41 6.06
CA PHE A 1076 1.04 -13.29 6.77
C PHE A 1076 2.54 -13.45 6.70
N HIS A 1077 3.21 -12.58 5.98
CA HIS A 1077 4.64 -12.70 5.75
C HIS A 1077 5.33 -11.48 6.28
N THR A 1078 6.42 -11.70 7.01
CA THR A 1078 7.30 -10.65 7.43
C THR A 1078 8.71 -11.22 7.43
N GLU A 1079 9.65 -10.50 8.02
CA GLU A 1079 11.00 -11.04 8.01
C GLU A 1079 11.17 -12.17 9.00
N ARG A 1080 10.45 -12.13 10.12
CA ARG A 1080 10.63 -13.13 11.17
C ARG A 1080 9.63 -14.27 11.09
N LYS A 1081 8.35 -13.98 11.22
CA LYS A 1081 7.36 -15.05 11.27
C LYS A 1081 6.68 -15.21 9.93
N THR A 1082 5.92 -16.29 9.81
CA THR A 1082 5.13 -16.53 8.62
C THR A 1082 4.10 -17.61 8.85
N GLU A 1083 2.81 -17.28 8.79
CA GLU A 1083 1.78 -18.27 9.04
C GLU A 1083 0.61 -17.97 8.12
N PRO A 1084 -0.27 -18.96 7.88
CA PRO A 1084 -1.39 -18.75 6.97
C PRO A 1084 -2.29 -17.61 7.41
N ALA A 1085 -3.24 -17.29 6.55
CA ALA A 1085 -4.16 -16.20 6.78
C ALA A 1085 -5.37 -16.70 7.56
N THR A 1086 -5.75 -15.94 8.58
CA THR A 1086 -6.78 -16.34 9.53
C THR A 1086 -7.89 -15.30 9.51
N GLY A 1087 -9.06 -15.71 9.06
CA GLY A 1087 -10.22 -14.87 9.25
C GLY A 1087 -10.26 -13.67 8.34
N PHE A 1088 -10.00 -13.87 7.06
CA PHE A 1088 -10.28 -12.90 6.03
C PHE A 1088 -10.80 -13.66 4.84
N ILE A 1089 -11.44 -12.95 3.92
CA ILE A 1089 -11.90 -13.55 2.68
C ILE A 1089 -11.45 -12.65 1.54
N ASP A 1090 -10.94 -13.27 0.48
CA ASP A 1090 -10.41 -12.56 -0.68
C ASP A 1090 -11.56 -12.17 -1.58
N GLY A 1091 -12.03 -10.93 -1.46
CA GLY A 1091 -13.14 -10.49 -2.28
C GLY A 1091 -12.86 -10.63 -3.76
N ASP A 1092 -11.61 -10.41 -4.15
CA ASP A 1092 -11.25 -10.48 -5.56
C ASP A 1092 -11.46 -11.88 -6.11
N LEU A 1093 -10.90 -12.88 -5.44
CA LEU A 1093 -11.08 -14.26 -5.86
C LEU A 1093 -12.55 -14.62 -5.92
N ILE A 1094 -13.29 -14.29 -4.85
CA ILE A 1094 -14.70 -14.62 -4.78
C ILE A 1094 -15.45 -14.03 -5.96
N GLU A 1095 -15.19 -12.77 -6.29
CA GLU A 1095 -15.88 -12.18 -7.43
C GLU A 1095 -15.46 -12.84 -8.72
N SER A 1096 -14.18 -13.15 -8.87
CA SER A 1096 -13.74 -13.85 -10.06
C SER A 1096 -14.32 -15.24 -10.15
N PHE A 1097 -15.07 -15.69 -9.14
CA PHE A 1097 -15.89 -16.87 -9.35
C PHE A 1097 -16.89 -16.67 -10.48
N LEU A 1098 -17.41 -15.46 -10.62
CA LEU A 1098 -18.49 -15.20 -11.58
C LEU A 1098 -18.01 -15.33 -13.01
N ASP A 1099 -17.01 -14.53 -13.36
CA ASP A 1099 -16.59 -14.42 -14.75
C ASP A 1099 -15.80 -15.64 -15.19
N ILE A 1100 -16.40 -16.82 -15.10
CA ILE A 1100 -15.84 -18.05 -15.60
C ILE A 1100 -16.93 -18.81 -16.35
N SER A 1101 -16.58 -20.01 -16.81
CA SER A 1101 -17.48 -20.83 -17.60
C SER A 1101 -18.32 -21.71 -16.69
N ARG A 1102 -19.61 -21.80 -17.02
CA ARG A 1102 -20.55 -22.63 -16.26
C ARG A 1102 -20.07 -24.07 -16.05
N PRO A 1103 -19.55 -24.79 -17.05
CA PRO A 1103 -19.07 -26.15 -16.78
C PRO A 1103 -18.00 -26.19 -15.71
N LYS A 1104 -17.24 -25.11 -15.55
CA LYS A 1104 -16.29 -25.02 -14.46
C LYS A 1104 -16.88 -24.39 -13.21
N MET A 1105 -18.08 -23.82 -13.31
CA MET A 1105 -18.84 -23.50 -12.10
C MET A 1105 -19.56 -24.72 -11.55
N GLN A 1106 -19.66 -25.80 -12.32
CA GLN A 1106 -20.27 -27.02 -11.81
C GLN A 1106 -19.34 -27.79 -10.88
N GLU A 1107 -18.03 -27.66 -11.07
CA GLU A 1107 -17.09 -28.33 -10.18
C GLU A 1107 -17.08 -27.74 -8.79
N VAL A 1108 -17.13 -26.42 -8.66
CA VAL A 1108 -17.01 -25.80 -7.36
C VAL A 1108 -18.27 -25.98 -6.50
N VAL A 1109 -19.44 -26.02 -7.12
CA VAL A 1109 -20.67 -25.90 -6.36
C VAL A 1109 -20.97 -27.16 -5.55
N ALA A 1110 -20.61 -28.33 -6.06
CA ALA A 1110 -21.07 -29.58 -5.47
C ALA A 1110 -20.66 -29.68 -4.00
N ASN A 1111 -21.60 -30.19 -3.19
CA ASN A 1111 -21.34 -30.57 -1.80
C ASN A 1111 -20.87 -29.38 -0.95
N LEU A 1112 -21.79 -28.43 -0.78
CA LEU A 1112 -21.55 -27.23 0.00
C LEU A 1112 -22.34 -27.24 1.30
N GLN A 1113 -22.27 -26.12 2.03
CA GLN A 1113 -22.88 -26.01 3.35
C GLN A 1113 -23.95 -24.93 3.39
N TYR A 1114 -24.86 -24.94 2.41
CA TYR A 1114 -25.84 -23.88 2.29
C TYR A 1114 -26.95 -24.04 3.33
N ASP A 1115 -27.64 -22.94 3.62
CA ASP A 1115 -28.69 -22.92 4.61
C ASP A 1115 -30.02 -22.47 4.02
N MET A 1120 -29.27 -24.24 9.53
CA MET A 1120 -29.53 -25.42 8.71
C MET A 1120 -28.37 -25.67 7.75
N LYS A 1121 -28.16 -26.94 7.42
CA LYS A 1121 -27.11 -27.34 6.49
C LYS A 1121 -27.72 -28.02 5.27
N ARG A 1122 -27.31 -27.58 4.09
CA ARG A 1122 -27.68 -28.25 2.86
C ARG A 1122 -26.75 -27.76 1.75
N GLU A 1123 -27.05 -28.18 0.52
CA GLU A 1123 -26.16 -27.96 -0.62
C GLU A 1123 -26.89 -27.13 -1.66
N ALA A 1124 -26.33 -25.96 -1.96
CA ALA A 1124 -26.95 -25.04 -2.91
C ALA A 1124 -26.69 -25.52 -4.34
N THR A 1125 -26.99 -24.66 -5.30
CA THR A 1125 -26.76 -24.98 -6.71
C THR A 1125 -26.13 -23.77 -7.39
N ALA A 1126 -25.86 -23.92 -8.69
CA ALA A 1126 -25.13 -22.93 -9.45
C ALA A 1126 -25.74 -21.54 -9.29
N ASP A 1127 -27.01 -21.40 -9.68
CA ASP A 1127 -27.64 -20.08 -9.65
C ASP A 1127 -27.73 -19.55 -8.24
N ASP A 1128 -27.76 -20.42 -7.24
CA ASP A 1128 -27.70 -19.93 -5.88
C ASP A 1128 -26.38 -19.24 -5.62
N LEU A 1129 -25.28 -19.86 -6.04
CA LEU A 1129 -23.99 -19.21 -5.85
C LEU A 1129 -23.86 -17.97 -6.71
N ILE A 1130 -24.54 -17.93 -7.85
CA ILE A 1130 -24.64 -16.68 -8.61
C ILE A 1130 -25.23 -15.59 -7.74
N LYS A 1131 -26.46 -15.80 -7.28
CA LYS A 1131 -27.18 -14.77 -6.54
C LYS A 1131 -26.74 -14.63 -5.10
N VAL A 1132 -25.68 -15.35 -4.67
CA VAL A 1132 -25.19 -15.20 -3.31
C VAL A 1132 -23.98 -14.29 -3.25
N VAL A 1133 -23.48 -13.83 -4.39
CA VAL A 1133 -22.33 -12.93 -4.42
C VAL A 1133 -22.60 -11.64 -5.16
N GLU A 1134 -23.64 -11.57 -6.00
CA GLU A 1134 -24.12 -10.28 -6.47
C GLU A 1134 -24.47 -9.40 -5.30
N GLU A 1135 -25.03 -9.98 -4.24
CA GLU A 1135 -25.26 -9.27 -2.99
C GLU A 1135 -23.98 -8.79 -2.34
N LEU A 1136 -22.82 -9.16 -2.89
CA LEU A 1136 -21.54 -8.70 -2.39
C LEU A 1136 -20.88 -7.67 -3.28
N THR A 1137 -21.41 -7.45 -4.48
CA THR A 1137 -20.93 -6.36 -5.33
C THR A 1137 -21.67 -5.06 -5.04
N ARG A 1138 -22.91 -5.15 -4.58
CA ARG A 1138 -23.67 -3.95 -4.23
C ARG A 1138 -23.04 -3.18 -3.09
N ILE A 1139 -21.95 -3.66 -2.51
CA ILE A 1139 -21.31 -2.94 -1.41
C ILE A 1139 -20.26 -1.97 -1.92
N HIS A 1140 -19.64 -2.25 -3.06
CA HIS A 1140 -18.56 -1.42 -3.58
C HIS A 1140 -18.83 -1.02 -5.01
N PRO B 58 27.80 18.12 3.00
CA PRO B 58 26.59 18.62 3.65
C PRO B 58 26.39 17.98 5.03
N PRO B 59 25.49 18.54 5.84
CA PRO B 59 25.13 17.89 7.10
C PRO B 59 24.27 16.67 6.86
N VAL B 60 24.33 15.73 7.81
CA VAL B 60 23.58 14.50 7.67
C VAL B 60 22.09 14.81 7.66
N LYS B 61 21.37 14.21 6.72
CA LYS B 61 19.92 14.28 6.75
C LYS B 61 19.41 13.39 7.87
N ARG B 62 19.30 13.95 9.07
CA ARG B 62 18.95 13.18 10.25
C ARG B 62 17.75 13.82 10.93
N SER B 63 16.58 13.21 10.76
CA SER B 63 15.38 13.57 11.48
C SER B 63 14.33 12.51 11.19
N LEU B 64 13.56 12.16 12.20
CA LEU B 64 12.57 11.11 12.02
C LEU B 64 11.43 11.55 11.14
N VAL B 65 11.20 12.86 11.05
CA VAL B 65 10.05 13.37 10.31
C VAL B 65 10.26 13.20 8.81
N TYR B 66 11.49 13.41 8.34
CA TYR B 66 11.76 13.14 6.92
C TYR B 66 11.45 11.70 6.59
N TYR B 67 11.89 10.77 7.43
CA TYR B 67 11.59 9.38 7.19
C TYR B 67 10.09 9.17 7.21
N LEU B 68 9.40 9.85 8.11
CA LEU B 68 7.97 9.64 8.27
C LEU B 68 7.23 10.06 7.03
N LYS B 69 7.57 11.22 6.49
CA LYS B 69 6.85 11.76 5.36
C LYS B 69 7.29 11.16 4.03
N ASN B 70 8.56 10.79 3.89
CA ASN B 70 8.98 10.09 2.69
C ASN B 70 8.39 8.70 2.64
N ARG B 71 8.30 8.02 3.78
CA ARG B 71 7.71 6.70 3.80
C ARG B 71 6.34 6.70 3.16
N GLU B 72 5.60 7.79 3.30
CA GLU B 72 4.24 7.85 2.78
C GLU B 72 4.21 7.87 1.27
N VAL B 73 5.30 8.28 0.63
CA VAL B 73 5.37 8.40 -0.82
C VAL B 73 6.29 7.34 -1.42
N ARG B 74 7.01 6.59 -0.58
CA ARG B 74 8.00 5.56 -0.92
C ARG B 74 9.29 6.20 -1.39
N LEU B 75 9.27 7.51 -1.59
CA LEU B 75 10.46 8.18 -2.08
C LEU B 75 11.46 8.39 -0.96
N GLN B 76 12.48 7.55 -0.91
CA GLN B 76 13.65 7.73 -0.04
C GLN B 76 13.27 7.66 1.43
N ASN B 77 12.62 6.55 1.79
CA ASN B 77 12.50 6.10 3.16
C ASN B 77 13.62 5.14 3.52
N GLU B 78 14.79 5.30 2.93
CA GLU B 78 15.71 4.19 2.71
C GLU B 78 16.41 3.77 4.01
N THR B 79 17.40 2.91 3.87
CA THR B 79 18.08 2.29 4.99
C THR B 79 19.32 3.05 5.45
N SER B 80 19.44 4.33 5.09
CA SER B 80 20.38 5.15 5.83
C SER B 80 19.82 5.52 7.19
N TYR B 81 18.56 5.20 7.44
CA TYR B 81 17.89 5.48 8.70
C TYR B 81 17.86 4.29 9.63
N SER B 82 18.12 3.09 9.11
CA SER B 82 18.02 1.86 9.89
C SER B 82 18.91 1.87 11.11
N ARG B 83 19.72 2.90 11.27
CA ARG B 83 20.58 3.04 12.41
C ARG B 83 20.19 4.19 13.32
N VAL B 84 19.22 5.00 12.92
CA VAL B 84 18.70 6.02 13.83
C VAL B 84 17.44 5.52 14.50
N LEU B 85 16.60 4.81 13.75
CA LEU B 85 15.43 4.18 14.35
C LEU B 85 15.83 3.35 15.56
N HIS B 86 16.94 2.65 15.46
CA HIS B 86 17.36 1.77 16.53
C HIS B 86 18.10 2.52 17.62
N GLY B 87 18.94 3.47 17.25
CA GLY B 87 19.52 4.33 18.27
C GLY B 87 18.49 5.05 19.09
N TYR B 88 17.27 5.16 18.58
CA TYR B 88 16.19 5.82 19.29
C TYR B 88 15.38 4.82 20.11
N ALA B 89 14.96 3.73 19.50
CA ALA B 89 14.26 2.69 20.25
C ALA B 89 15.10 2.18 21.41
N ALA B 90 16.41 2.18 21.25
CA ALA B 90 17.28 1.59 22.25
C ALA B 90 17.27 2.40 23.53
N GLN B 91 17.27 3.71 23.42
CA GLN B 91 17.14 4.53 24.61
C GLN B 91 15.70 4.74 25.02
N GLN B 92 14.75 4.30 24.20
CA GLN B 92 13.38 4.41 24.67
C GLN B 92 12.93 3.22 25.52
N LEU B 93 13.20 1.99 25.10
CA LEU B 93 12.71 0.84 25.84
C LEU B 93 12.99 0.86 27.34
N PRO B 94 14.22 1.10 27.82
CA PRO B 94 14.50 0.97 29.25
C PRO B 94 13.45 1.51 30.20
N SER B 95 12.64 2.45 29.74
CA SER B 95 11.71 3.11 30.62
C SER B 95 10.34 2.46 30.64
N LEU B 96 10.08 1.48 29.80
CA LEU B 96 8.72 0.95 29.70
C LEU B 96 8.71 -0.57 29.56
N LEU B 97 9.49 -1.25 30.41
CA LEU B 97 9.47 -2.70 30.50
C LEU B 97 8.68 -3.14 31.73
N LYS B 98 8.04 -4.31 31.64
CA LYS B 98 7.25 -4.85 32.74
C LYS B 98 7.43 -6.37 32.83
N GLU B 99 7.60 -6.88 34.05
CA GLU B 99 7.86 -8.29 34.25
C GLU B 99 6.70 -9.16 33.78
N ARG B 100 6.98 -10.45 33.63
CA ARG B 100 5.93 -11.45 33.48
C ARG B 100 6.56 -12.78 33.90
N GLU B 101 6.26 -13.19 35.13
CA GLU B 101 6.99 -14.31 35.72
C GLU B 101 6.75 -15.61 34.96
N PHE B 102 7.69 -16.53 35.10
CA PHE B 102 7.53 -17.89 34.63
C PHE B 102 7.65 -18.85 35.80
N HIS B 103 7.01 -20.00 35.68
CA HIS B 103 6.96 -20.99 36.76
C HIS B 103 7.74 -22.21 36.32
N LEU B 104 9.03 -22.22 36.62
CA LEU B 104 9.89 -23.34 36.25
C LEU B 104 9.66 -24.54 37.16
N GLY B 105 9.61 -24.29 38.48
CA GLY B 105 9.46 -25.37 39.43
C GLY B 105 10.56 -25.42 40.45
N THR B 106 11.40 -26.45 40.39
CA THR B 106 12.40 -26.71 41.41
C THR B 106 13.83 -26.77 40.85
N LEU B 107 14.04 -26.37 39.60
CA LEU B 107 15.36 -26.40 39.02
C LEU B 107 16.29 -25.46 39.77
N ASN B 108 17.60 -25.65 39.60
CA ASN B 108 18.53 -25.08 40.55
C ASN B 108 18.83 -23.60 40.32
N LYS B 109 19.47 -23.27 39.22
CA LYS B 109 19.81 -21.89 38.88
C LYS B 109 20.05 -21.82 37.38
N VAL B 110 19.51 -20.79 36.74
CA VAL B 110 19.64 -20.64 35.30
C VAL B 110 20.96 -19.96 34.99
N PHE B 111 21.80 -20.62 34.18
CA PHE B 111 23.13 -20.14 33.83
C PHE B 111 23.23 -19.68 32.40
N ALA B 112 22.57 -20.37 31.46
CA ALA B 112 22.69 -20.01 30.06
C ALA B 112 21.31 -19.81 29.45
N SER B 113 21.19 -18.84 28.54
CA SER B 113 19.94 -18.59 27.87
C SER B 113 20.22 -17.99 26.51
N GLN B 114 19.44 -18.41 25.52
CA GLN B 114 19.62 -17.92 24.17
C GLN B 114 18.30 -18.00 23.41
N TRP B 115 18.00 -16.96 22.64
CA TRP B 115 16.79 -16.98 21.82
C TRP B 115 16.98 -17.92 20.64
N LEU B 116 15.94 -18.69 20.35
CA LEU B 116 15.90 -19.56 19.19
C LEU B 116 14.98 -19.04 18.10
N ASN B 117 13.89 -18.41 18.49
CA ASN B 117 12.89 -17.90 17.58
C ASN B 117 12.41 -16.57 18.13
N HIS B 118 11.29 -16.10 17.62
CA HIS B 118 10.57 -15.01 18.26
C HIS B 118 9.85 -15.44 19.51
N ARG B 119 9.82 -16.74 19.81
CA ARG B 119 8.98 -17.25 20.88
C ARG B 119 9.65 -18.26 21.81
N GLN B 120 10.70 -18.95 21.38
CA GLN B 120 11.29 -20.04 22.15
C GLN B 120 12.69 -19.67 22.56
N VAL B 121 12.95 -19.62 23.85
CA VAL B 121 14.28 -19.35 24.35
C VAL B 121 14.74 -20.54 25.18
N VAL B 122 15.98 -20.95 24.98
CA VAL B 122 16.54 -22.13 25.65
C VAL B 122 17.34 -21.70 26.85
N CYS B 123 17.32 -22.53 27.89
CA CYS B 123 17.98 -22.23 29.15
C CYS B 123 18.68 -23.47 29.68
N GLY B 124 19.78 -23.23 30.34
CA GLY B 124 20.57 -24.29 30.93
C GLY B 124 20.93 -23.94 32.36
N THR B 125 20.83 -24.93 33.24
CA THR B 125 20.72 -24.78 34.67
C THR B 125 21.94 -25.39 35.37
N LYS B 126 21.95 -25.28 36.70
CA LYS B 126 23.02 -25.88 37.49
C LYS B 126 22.88 -27.39 37.58
N CYS B 127 21.65 -27.90 37.47
CA CYS B 127 21.40 -29.33 37.46
C CYS B 127 21.50 -29.93 36.06
N ASN B 128 22.33 -29.31 35.21
CA ASN B 128 22.56 -29.67 33.81
C ASN B 128 21.28 -30.16 33.12
N THR B 129 20.20 -29.42 33.33
CA THR B 129 19.04 -29.54 32.48
C THR B 129 19.17 -28.57 31.30
N LEU B 130 18.57 -28.97 30.19
CA LEU B 130 18.52 -28.14 28.99
C LEU B 130 17.05 -28.05 28.60
N PHE B 131 16.44 -26.88 28.79
CA PHE B 131 15.00 -26.81 28.56
C PHE B 131 14.64 -25.59 27.73
N VAL B 132 13.65 -25.79 26.86
CA VAL B 132 13.15 -24.77 25.96
C VAL B 132 11.86 -24.22 26.56
N VAL B 133 11.81 -22.92 26.80
CA VAL B 133 10.60 -22.29 27.32
C VAL B 133 9.98 -21.45 26.22
N ASP B 134 8.68 -21.65 26.03
CA ASP B 134 7.87 -20.75 25.24
C ASP B 134 7.53 -19.53 26.08
N VAL B 135 7.63 -18.35 25.47
CA VAL B 135 7.35 -17.11 26.18
C VAL B 135 5.91 -16.66 26.00
N GLN B 136 5.13 -17.36 25.19
CA GLN B 136 3.71 -17.04 25.05
C GLN B 136 2.86 -17.90 25.98
N THR B 137 2.98 -19.21 25.84
CA THR B 137 2.12 -20.16 26.54
C THR B 137 2.64 -20.56 27.91
N SER B 138 3.81 -20.05 28.31
CA SER B 138 4.44 -20.43 29.57
C SER B 138 4.58 -21.95 29.67
N GLN B 139 5.36 -22.49 28.74
CA GLN B 139 5.51 -23.93 28.59
C GLN B 139 6.99 -24.27 28.63
N ILE B 140 7.38 -25.07 29.62
CA ILE B 140 8.74 -25.59 29.72
C ILE B 140 8.77 -26.99 29.14
N THR B 141 9.69 -27.23 28.21
CA THR B 141 9.89 -28.55 27.63
C THR B 141 11.33 -28.96 27.89
N LYS B 142 11.52 -30.19 28.36
CA LYS B 142 12.83 -30.71 28.68
C LYS B 142 13.31 -31.63 27.56
N ILE B 143 14.60 -31.56 27.27
CA ILE B 143 15.21 -32.26 26.14
C ILE B 143 16.30 -33.18 26.68
N PRO B 144 16.95 -34.01 25.85
CA PRO B 144 18.04 -34.83 26.38
C PRO B 144 19.27 -34.02 26.78
N ILE B 145 20.32 -34.74 27.16
CA ILE B 145 21.64 -34.18 27.38
C ILE B 145 22.61 -35.17 26.77
N LEU B 146 23.83 -34.71 26.52
CA LEU B 146 24.80 -35.48 25.74
C LEU B 146 25.93 -35.98 26.62
N LYS B 147 26.13 -37.28 26.64
CA LYS B 147 27.24 -37.91 27.34
C LYS B 147 28.49 -37.83 26.48
N ASP B 148 29.53 -38.58 26.86
CA ASP B 148 30.70 -38.72 26.01
C ASP B 148 30.67 -40.08 25.30
N CYS B 159 27.74 -25.90 37.79
CA CYS B 159 28.42 -27.15 37.53
C CYS B 159 27.57 -28.03 36.62
N GLY B 160 26.63 -27.39 35.95
CA GLY B 160 25.80 -28.06 34.97
C GLY B 160 26.10 -27.54 33.59
N ILE B 161 25.26 -26.62 33.12
CA ILE B 161 25.52 -25.87 31.91
C ILE B 161 26.01 -24.49 32.31
N HIS B 162 26.88 -23.90 31.50
CA HIS B 162 27.46 -22.62 31.87
C HIS B 162 27.51 -21.62 30.73
N ALA B 163 27.25 -22.03 29.50
CA ALA B 163 27.32 -21.13 28.36
C ALA B 163 26.67 -21.81 27.18
N ILE B 164 25.86 -21.06 26.46
CA ILE B 164 25.17 -21.55 25.28
C ILE B 164 25.37 -20.53 24.17
N GLU B 165 25.75 -21.00 22.98
CA GLU B 165 25.87 -20.14 21.82
C GLU B 165 25.43 -20.85 20.55
N LEU B 166 25.07 -20.04 19.56
CA LEU B 166 24.59 -20.48 18.26
C LEU B 166 25.57 -20.01 17.20
N ASN B 167 25.88 -20.87 16.25
CA ASN B 167 26.80 -20.50 15.19
C ASN B 167 26.24 -19.31 14.42
N PRO B 168 27.12 -18.47 13.85
CA PRO B 168 26.65 -17.24 13.20
C PRO B 168 25.52 -17.44 12.22
N SER B 169 25.38 -18.65 11.67
CA SER B 169 24.30 -18.93 10.75
C SER B 169 23.05 -19.44 11.45
N ARG B 170 23.07 -19.56 12.78
CA ARG B 170 21.93 -20.02 13.56
C ARG B 170 21.51 -21.42 13.12
N THR B 171 22.48 -22.31 12.96
CA THR B 171 22.14 -23.66 12.52
C THR B 171 22.64 -24.71 13.51
N LEU B 172 23.71 -24.41 14.23
CA LEU B 172 24.22 -25.31 15.24
C LEU B 172 24.16 -24.65 16.61
N LEU B 173 24.14 -25.48 17.64
CA LEU B 173 24.03 -25.02 19.03
C LEU B 173 25.08 -25.75 19.83
N ALA B 174 25.96 -24.99 20.49
CA ALA B 174 27.17 -25.54 21.09
C ALA B 174 27.15 -25.34 22.59
N THR B 175 26.68 -26.34 23.32
CA THR B 175 26.58 -26.24 24.77
C THR B 175 27.20 -27.46 25.43
N GLY B 176 27.32 -27.39 26.75
CA GLY B 176 27.81 -28.50 27.55
C GLY B 176 26.97 -29.75 27.41
N GLY B 177 27.36 -30.82 28.09
CA GLY B 177 26.64 -32.07 27.99
C GLY B 177 26.50 -32.76 29.34
N ASP B 178 26.29 -34.08 29.32
CA ASP B 178 26.23 -34.83 30.58
C ASP B 178 27.53 -34.71 31.35
N ASN B 179 28.64 -34.54 30.65
CA ASN B 179 29.91 -34.31 31.31
C ASN B 179 30.16 -32.81 31.37
N PRO B 180 30.24 -32.20 32.56
CA PRO B 180 30.64 -30.80 32.66
C PRO B 180 32.07 -30.52 32.21
N ASN B 181 32.78 -31.52 31.71
CA ASN B 181 34.10 -31.32 31.12
C ASN B 181 34.14 -31.60 29.63
N SER B 182 33.07 -32.16 29.08
CA SER B 182 32.95 -32.38 27.65
C SER B 182 32.04 -31.31 27.06
N LEU B 183 31.70 -31.47 25.78
CA LEU B 183 30.89 -30.49 25.06
C LEU B 183 29.74 -31.22 24.38
N ALA B 184 28.99 -30.53 23.53
CA ALA B 184 27.87 -31.15 22.84
C ALA B 184 27.47 -30.27 21.68
N ILE B 185 26.80 -30.84 20.69
CA ILE B 185 26.41 -30.11 19.50
C ILE B 185 25.02 -30.57 19.06
N TYR B 186 24.07 -29.65 19.08
CA TYR B 186 22.72 -29.90 18.59
C TYR B 186 22.51 -29.16 17.28
N ARG B 187 21.73 -29.76 16.38
CA ARG B 187 21.49 -29.16 15.08
C ARG B 187 20.16 -28.41 15.12
N LEU B 188 20.25 -27.08 15.10
CA LEU B 188 19.07 -26.25 15.02
C LEU B 188 18.47 -26.33 13.62
N PRO B 189 17.16 -26.11 13.47
CA PRO B 189 16.19 -25.72 14.49
C PRO B 189 15.44 -26.90 15.05
N THR B 190 16.02 -28.09 14.95
CA THR B 190 15.34 -29.31 15.34
C THR B 190 15.96 -30.01 16.53
N LEU B 191 17.07 -29.48 17.07
CA LEU B 191 17.64 -29.84 18.36
C LEU B 191 18.21 -31.26 18.41
N ASP B 192 18.16 -32.00 17.31
CA ASP B 192 18.65 -33.37 17.33
C ASP B 192 20.11 -33.39 17.78
N PRO B 193 20.51 -34.37 18.60
CA PRO B 193 21.90 -34.43 19.05
C PRO B 193 22.79 -34.99 17.95
N VAL B 194 23.99 -34.46 17.86
CA VAL B 194 24.88 -34.69 16.71
C VAL B 194 26.22 -35.27 17.14
N CYS B 195 26.93 -34.60 18.03
CA CYS B 195 28.28 -34.97 18.41
C CYS B 195 28.35 -35.37 19.87
N VAL B 196 29.43 -36.05 20.23
CA VAL B 196 29.76 -36.23 21.63
C VAL B 196 30.70 -35.11 22.07
N GLY B 197 30.82 -34.96 23.38
CA GLY B 197 31.88 -34.14 23.91
C GLY B 197 33.23 -34.82 23.73
N ASP B 198 34.25 -34.01 23.52
CA ASP B 198 35.58 -34.56 23.27
C ASP B 198 36.37 -34.57 24.58
N ASP B 199 37.60 -35.07 24.53
CA ASP B 199 38.41 -35.21 25.73
C ASP B 199 39.27 -33.99 26.00
N GLY B 200 39.30 -33.02 25.09
CA GLY B 200 40.23 -31.91 25.16
C GLY B 200 40.20 -31.14 26.47
N HIS B 201 39.22 -31.37 27.31
CA HIS B 201 39.13 -30.67 28.59
C HIS B 201 38.83 -31.69 29.68
N LYS B 202 39.73 -31.81 30.63
CA LYS B 202 39.49 -32.57 31.84
C LYS B 202 38.83 -31.75 32.93
N ASP B 203 38.90 -30.43 32.83
CA ASP B 203 38.18 -29.53 33.71
C ASP B 203 36.94 -29.01 32.98
N TRP B 204 36.24 -28.09 33.64
CA TRP B 204 34.96 -27.62 33.13
C TRP B 204 35.12 -26.92 31.79
N ILE B 205 33.98 -26.63 31.16
CA ILE B 205 33.89 -25.71 30.04
C ILE B 205 33.11 -24.50 30.52
N PHE B 206 33.77 -23.34 30.55
CA PHE B 206 33.16 -22.12 31.05
C PHE B 206 32.82 -21.11 29.96
N SER B 207 33.06 -21.42 28.70
CA SER B 207 32.69 -20.53 27.61
C SER B 207 32.81 -21.28 26.29
N ILE B 208 31.86 -21.03 25.40
CA ILE B 208 31.81 -21.70 24.11
C ILE B 208 31.54 -20.63 23.07
N ALA B 209 32.60 -20.10 22.45
CA ALA B 209 32.42 -19.10 21.41
C ALA B 209 32.42 -19.74 20.03
N TRP B 210 31.72 -19.11 19.09
CA TRP B 210 31.69 -19.53 17.70
C TRP B 210 32.48 -18.54 16.88
N ILE B 211 33.42 -19.04 16.08
CA ILE B 211 34.28 -18.18 15.28
C ILE B 211 33.96 -18.26 13.80
N SER B 212 33.36 -19.34 13.32
CA SER B 212 32.95 -19.42 11.93
C SER B 212 31.70 -20.28 11.86
N ASP B 213 31.36 -20.70 10.66
CA ASP B 213 30.18 -21.54 10.52
C ASP B 213 30.40 -22.93 11.08
N THR B 214 31.66 -23.36 11.24
CA THR B 214 31.92 -24.71 11.71
C THR B 214 33.03 -24.83 12.74
N MET B 215 33.75 -23.76 13.03
CA MET B 215 34.83 -23.79 14.02
C MET B 215 34.35 -23.12 15.30
N ALA B 216 34.65 -23.75 16.45
CA ALA B 216 34.26 -23.21 17.74
C ALA B 216 35.45 -23.28 18.68
N VAL B 217 35.49 -22.36 19.63
CA VAL B 217 36.58 -22.28 20.59
C VAL B 217 36.00 -22.38 21.99
N SER B 218 36.57 -23.25 22.81
CA SER B 218 35.99 -23.59 24.10
C SER B 218 36.99 -23.29 25.21
N GLY B 219 36.64 -22.33 26.06
CA GLY B 219 37.43 -22.08 27.25
C GLY B 219 37.24 -23.20 28.26
N SER B 220 38.01 -23.13 29.33
CA SER B 220 37.96 -24.22 30.31
C SER B 220 38.49 -23.74 31.65
N ARG B 221 38.14 -24.50 32.68
CA ARG B 221 38.58 -24.19 34.03
C ARG B 221 39.96 -24.74 34.35
N ASP B 222 40.60 -25.43 33.40
CA ASP B 222 42.00 -25.81 33.58
C ASP B 222 42.96 -24.82 32.95
N GLY B 223 42.54 -24.13 31.89
CA GLY B 223 43.40 -23.28 31.10
C GLY B 223 43.44 -23.64 29.64
N SER B 224 43.01 -24.84 29.28
CA SER B 224 43.01 -25.26 27.89
C SER B 224 42.04 -24.42 27.08
N MET B 225 42.45 -24.04 25.87
CA MET B 225 41.63 -23.23 24.98
C MET B 225 41.33 -23.98 23.71
N GLY B 226 40.94 -25.25 23.85
CA GLY B 226 40.87 -26.15 22.71
C GLY B 226 39.97 -25.69 21.58
N LEU B 227 40.56 -25.34 20.45
CA LEU B 227 39.75 -25.18 19.24
C LEU B 227 39.18 -26.52 18.87
N TRP B 228 37.86 -26.61 18.80
CA TRP B 228 37.24 -27.77 18.19
C TRP B 228 36.58 -27.29 16.91
N GLU B 229 36.17 -28.22 16.06
CA GLU B 229 35.53 -27.79 14.84
C GLU B 229 34.70 -28.92 14.26
N VAL B 230 33.41 -28.67 14.11
CA VAL B 230 32.52 -29.63 13.49
C VAL B 230 32.94 -29.76 12.03
N THR B 231 33.20 -30.98 11.60
CA THR B 231 33.71 -31.18 10.25
C THR B 231 32.57 -31.24 9.24
N ASP B 232 32.91 -30.99 7.98
CA ASP B 232 31.97 -31.24 6.90
C ASP B 232 31.56 -32.71 6.87
N ASP B 233 32.47 -33.61 7.22
CA ASP B 233 32.16 -35.03 7.20
C ASP B 233 31.11 -35.38 8.25
N VAL B 234 31.26 -34.84 9.47
CA VAL B 234 30.24 -35.11 10.47
C VAL B 234 28.96 -34.37 10.14
N LEU B 235 29.04 -33.22 9.46
CA LEU B 235 27.83 -32.61 8.92
C LEU B 235 27.09 -33.55 7.99
N THR B 236 27.82 -34.19 7.08
CA THR B 236 27.18 -35.06 6.09
C THR B 236 26.68 -36.35 6.74
N LYS B 237 27.49 -37.00 7.57
CA LYS B 237 26.97 -38.21 8.20
C LYS B 237 26.07 -37.89 9.37
N SER B 238 25.83 -36.61 9.66
CA SER B 238 24.79 -36.26 10.62
C SER B 238 23.47 -35.95 9.93
N ASP B 239 23.51 -35.39 8.73
CA ASP B 239 22.30 -35.31 7.91
C ASP B 239 22.02 -36.63 7.21
N ALA B 240 22.91 -37.61 7.38
CA ALA B 240 22.67 -38.98 6.95
C ALA B 240 22.42 -39.94 8.10
N ARG B 241 22.88 -39.64 9.31
CA ARG B 241 22.68 -40.55 10.42
C ARG B 241 21.27 -40.46 10.99
N HIS B 242 20.57 -39.36 10.76
CA HIS B 242 19.19 -39.22 11.18
C HIS B 242 18.20 -39.65 10.10
N ASN B 243 18.69 -40.13 8.97
CA ASN B 243 17.87 -40.76 7.96
C ASN B 243 17.97 -42.27 8.00
N VAL B 244 19.18 -42.81 8.18
CA VAL B 244 19.35 -44.25 8.36
C VAL B 244 18.81 -44.72 9.69
N SER B 245 18.55 -43.81 10.62
CA SER B 245 18.01 -44.13 11.93
C SER B 245 17.25 -42.92 12.44
N ARG B 246 16.56 -43.10 13.57
CA ARG B 246 15.86 -42.00 14.20
C ARG B 246 16.27 -41.91 15.67
N VAL B 247 16.87 -42.98 16.17
CA VAL B 247 17.47 -42.93 17.51
C VAL B 247 18.68 -41.99 17.47
N PRO B 248 18.92 -41.21 18.51
CA PRO B 248 20.11 -40.33 18.51
C PRO B 248 21.39 -41.09 18.23
N VAL B 249 22.12 -40.63 17.22
CA VAL B 249 23.43 -41.16 16.87
C VAL B 249 24.42 -40.00 16.93
N TYR B 250 25.55 -40.21 17.59
CA TYR B 250 26.49 -39.14 17.84
C TYR B 250 27.74 -39.33 16.98
N ALA B 251 28.73 -38.45 17.15
CA ALA B 251 29.99 -38.56 16.43
C ALA B 251 31.03 -37.67 17.08
N HIS B 252 32.17 -38.26 17.42
CA HIS B 252 33.24 -37.54 18.10
C HIS B 252 33.98 -36.61 17.13
N ILE B 253 34.68 -35.64 17.71
CA ILE B 253 35.58 -34.76 16.97
C ILE B 253 36.87 -34.65 17.76
N THR B 254 37.97 -34.34 17.07
CA THR B 254 39.24 -34.12 17.73
C THR B 254 39.50 -32.62 17.84
N HIS B 255 39.99 -32.20 19.00
CA HIS B 255 40.35 -30.80 19.16
C HIS B 255 41.56 -30.52 18.30
N LYS B 256 41.34 -29.83 17.17
CA LYS B 256 42.42 -29.47 16.27
C LYS B 256 43.54 -28.72 16.98
N ALA B 257 43.25 -28.13 18.12
CA ALA B 257 44.30 -27.55 18.95
C ALA B 257 43.91 -27.72 20.41
N LEU B 258 44.90 -27.61 21.27
CA LEU B 258 44.67 -27.68 22.71
C LEU B 258 45.54 -26.65 23.41
N LYS B 259 45.70 -25.50 22.78
CA LYS B 259 46.63 -24.49 23.26
C LYS B 259 46.34 -24.15 24.71
N ASP B 260 47.30 -24.45 25.58
CA ASP B 260 47.21 -24.03 26.95
C ASP B 260 47.48 -22.53 27.03
N ILE B 261 47.52 -22.01 28.25
CA ILE B 261 47.78 -20.57 28.42
C ILE B 261 49.10 -20.36 29.13
N ASN B 270 43.65 -19.88 38.87
CA ASN B 270 43.87 -18.51 38.40
C ASN B 270 44.36 -18.52 36.95
N CYS B 271 44.31 -19.69 36.34
CA CYS B 271 44.73 -19.89 34.95
C CYS B 271 43.60 -20.55 34.18
N LYS B 272 42.42 -19.96 34.30
CA LYS B 272 41.18 -20.52 33.78
C LYS B 272 40.56 -19.56 32.77
N VAL B 273 40.06 -20.12 31.68
CA VAL B 273 39.50 -19.34 30.58
C VAL B 273 38.01 -19.25 30.83
N ARG B 274 37.60 -18.20 31.52
CA ARG B 274 36.20 -18.06 31.96
C ARG B 274 35.30 -17.58 30.83
N ALA B 275 35.52 -16.36 30.36
CA ALA B 275 34.62 -15.72 29.42
C ALA B 275 35.35 -15.35 28.14
N LEU B 276 34.61 -15.28 27.05
CA LEU B 276 35.18 -15.03 25.73
C LEU B 276 34.51 -13.84 25.07
N ALA B 277 34.86 -13.62 23.81
CA ALA B 277 34.19 -12.68 22.92
C ALA B 277 34.54 -13.10 21.51
N PHE B 278 34.09 -12.33 20.52
CA PHE B 278 34.55 -12.56 19.16
C PHE B 278 34.32 -11.30 18.35
N ASN B 279 35.39 -10.62 17.97
CA ASN B 279 35.29 -9.65 16.90
C ASN B 279 35.20 -10.40 15.57
N ASN B 280 34.43 -9.84 14.64
CA ASN B 280 34.11 -10.57 13.42
C ASN B 280 34.67 -9.93 12.17
N LYS B 281 35.62 -9.00 12.30
CA LYS B 281 36.37 -8.49 11.16
C LYS B 281 37.86 -8.81 11.29
N ASN B 282 38.49 -8.42 12.40
CA ASN B 282 39.86 -8.83 12.65
C ASN B 282 39.96 -10.30 13.02
N LYS B 283 38.83 -10.97 13.19
CA LYS B 283 38.78 -12.39 13.52
C LYS B 283 39.67 -12.70 14.73
N GLU B 284 39.46 -11.94 15.79
CA GLU B 284 40.16 -12.12 17.04
C GLU B 284 39.22 -12.66 18.12
N LEU B 285 39.80 -13.13 19.21
CA LEU B 285 39.09 -13.83 20.28
C LEU B 285 39.50 -13.30 21.63
N GLY B 286 39.46 -11.99 21.81
CA GLY B 286 39.95 -11.47 23.06
C GLY B 286 39.20 -12.03 24.26
N ALA B 287 39.85 -12.94 24.97
CA ALA B 287 39.20 -13.64 26.07
C ALA B 287 39.47 -12.89 27.37
N VAL B 288 39.17 -13.54 28.49
CA VAL B 288 39.46 -12.97 29.80
C VAL B 288 39.74 -14.12 30.75
N SER B 289 40.65 -13.89 31.69
CA SER B 289 41.00 -14.88 32.69
C SER B 289 40.83 -14.27 34.07
N LEU B 290 40.15 -15.03 34.94
CA LEU B 290 39.61 -14.49 36.19
C LEU B 290 40.68 -13.91 37.09
N ASP B 291 41.94 -14.33 36.93
CA ASP B 291 43.02 -13.67 37.66
C ASP B 291 43.13 -12.20 37.30
N GLY B 292 42.56 -11.81 36.16
CA GLY B 292 42.60 -10.43 35.73
C GLY B 292 43.44 -10.24 34.49
N TYR B 293 43.49 -11.23 33.62
CA TYR B 293 44.39 -11.17 32.47
C TYR B 293 43.60 -11.34 31.17
N PHE B 294 43.60 -10.29 30.37
CA PHE B 294 43.11 -10.35 29.01
C PHE B 294 44.09 -11.13 28.15
N HIS B 295 43.56 -11.97 27.27
CA HIS B 295 44.36 -12.79 26.37
C HIS B 295 43.73 -12.77 24.99
N LEU B 296 44.29 -12.01 24.06
CA LEU B 296 43.76 -11.95 22.71
C LEU B 296 44.46 -12.94 21.82
N TRP B 297 43.67 -13.80 21.18
CA TRP B 297 44.14 -14.90 20.34
C TRP B 297 43.36 -14.80 19.03
N LYS B 298 43.95 -14.15 18.03
CA LYS B 298 43.25 -14.04 16.75
C LYS B 298 42.99 -15.41 16.18
N ALA B 299 41.82 -15.58 15.57
CA ALA B 299 41.48 -16.77 14.81
C ALA B 299 40.93 -16.31 13.48
N GLU B 300 41.84 -16.06 12.54
CA GLU B 300 41.44 -15.80 11.16
C GLU B 300 40.74 -17.01 10.57
N ASN B 301 41.38 -18.17 10.61
CA ASN B 301 40.74 -19.46 10.44
C ASN B 301 41.18 -20.46 11.50
N THR B 302 42.35 -20.27 12.10
CA THR B 302 42.83 -21.10 13.20
C THR B 302 43.40 -20.17 14.27
N LEU B 303 43.47 -20.68 15.50
CA LEU B 303 43.94 -19.88 16.60
C LEU B 303 45.42 -19.53 16.45
N SER B 304 45.78 -18.32 16.86
CA SER B 304 47.17 -17.90 16.87
C SER B 304 47.26 -16.78 17.91
N LYS B 305 47.77 -17.11 19.09
CA LYS B 305 47.75 -16.15 20.19
C LYS B 305 48.49 -14.88 19.83
N LEU B 306 47.93 -13.75 20.25
CA LEU B 306 48.49 -12.45 19.88
C LEU B 306 49.07 -11.71 21.07
N LEU B 307 48.31 -11.53 22.14
CA LEU B 307 48.81 -10.67 23.20
C LEU B 307 48.06 -10.94 24.49
N SER B 308 48.46 -10.24 25.53
CA SER B 308 47.88 -10.38 26.86
C SER B 308 48.10 -9.08 27.61
N THR B 309 47.40 -8.94 28.74
CA THR B 309 47.50 -7.71 29.52
C THR B 309 46.80 -7.91 30.85
N LYS B 310 47.41 -7.44 31.92
CA LYS B 310 46.72 -7.45 33.21
C LYS B 310 45.56 -6.47 33.17
N LEU B 311 44.35 -6.96 33.42
CA LEU B 311 43.16 -6.14 33.31
C LEU B 311 43.12 -5.10 34.43
N PRO B 312 42.29 -4.05 34.28
CA PRO B 312 42.33 -2.96 35.27
C PRO B 312 41.98 -3.39 36.68
N TYR B 313 40.83 -4.02 36.89
CA TYR B 313 40.44 -4.51 38.19
C TYR B 313 40.74 -6.00 38.30
N CYS B 314 40.94 -6.47 39.52
CA CYS B 314 41.44 -7.81 39.76
C CYS B 314 40.36 -8.81 40.17
N ARG B 315 39.39 -8.39 40.96
CA ARG B 315 38.48 -9.30 41.66
C ARG B 315 37.24 -9.55 40.82
N GLU B 316 36.94 -10.82 40.58
CA GLU B 316 35.66 -11.24 40.00
C GLU B 316 35.44 -10.63 38.61
N ASN B 317 36.29 -11.03 37.66
CA ASN B 317 36.11 -10.66 36.26
C ASN B 317 35.53 -11.87 35.54
N VAL B 318 34.23 -11.84 35.27
CA VAL B 318 33.54 -13.04 34.81
C VAL B 318 32.67 -12.77 33.59
N CYS B 319 32.58 -11.52 33.16
CA CYS B 319 31.73 -11.20 32.01
C CYS B 319 32.43 -10.21 31.10
N LEU B 320 32.26 -10.41 29.80
CA LEU B 320 32.95 -9.61 28.79
C LEU B 320 32.24 -9.79 27.45
N ALA B 321 31.94 -8.67 26.79
CA ALA B 321 31.32 -8.68 25.48
C ALA B 321 31.92 -7.57 24.64
N TYR B 322 31.69 -7.64 23.34
CA TYR B 322 32.29 -6.72 22.38
C TYR B 322 31.22 -6.03 21.56
N GLY B 323 31.25 -4.70 21.55
CA GLY B 323 30.32 -3.94 20.75
C GLY B 323 30.76 -3.85 19.31
N SER B 324 30.12 -4.64 18.45
CA SER B 324 30.57 -4.90 17.09
C SER B 324 30.75 -3.66 16.24
N GLU B 325 30.32 -2.49 16.74
CA GLU B 325 30.41 -1.26 15.97
C GLU B 325 30.92 -0.10 16.82
N TRP B 326 31.59 -0.39 17.93
CA TRP B 326 32.19 0.66 18.73
C TRP B 326 33.66 0.42 19.04
N SER B 327 34.21 -0.72 18.67
CA SER B 327 35.62 -1.02 18.85
C SER B 327 36.04 -0.89 20.31
N VAL B 328 35.23 -1.43 21.20
CA VAL B 328 35.49 -1.43 22.63
C VAL B 328 34.97 -2.73 23.23
N TYR B 329 35.73 -3.29 24.16
CA TYR B 329 35.31 -4.45 24.93
C TYR B 329 34.78 -3.97 26.27
N ALA B 330 33.57 -4.39 26.59
CA ALA B 330 32.98 -4.13 27.90
C ALA B 330 33.18 -5.36 28.76
N VAL B 331 33.92 -5.21 29.85
CA VAL B 331 34.23 -6.33 30.71
C VAL B 331 33.82 -6.00 32.14
N GLY B 332 33.34 -6.99 32.86
CA GLY B 332 32.84 -6.76 34.20
C GLY B 332 33.90 -7.00 35.25
N SER B 333 33.54 -6.68 36.48
CA SER B 333 34.44 -6.80 37.60
C SER B 333 33.58 -6.90 38.86
N GLN B 334 34.19 -6.69 40.02
CA GLN B 334 33.44 -6.80 41.25
C GLN B 334 32.41 -5.69 41.35
N ALA B 335 32.85 -4.44 41.25
CA ALA B 335 31.95 -3.29 41.27
C ALA B 335 32.38 -2.22 40.28
N HIS B 336 32.73 -2.63 39.06
CA HIS B 336 33.04 -1.69 37.99
C HIS B 336 32.82 -2.37 36.65
N VAL B 337 32.77 -1.56 35.59
CA VAL B 337 32.68 -2.05 34.22
C VAL B 337 33.69 -1.29 33.37
N SER B 338 34.54 -2.02 32.64
CA SER B 338 35.68 -1.43 31.98
C SER B 338 35.54 -1.49 30.46
N PHE B 339 35.91 -0.39 29.82
CA PHE B 339 35.91 -0.26 28.36
C PHE B 339 37.34 -0.36 27.86
N LEU B 340 37.66 -1.43 27.14
CA LEU B 340 39.02 -1.77 26.76
C LEU B 340 39.17 -1.77 25.25
N ASP B 341 40.12 -0.97 24.77
CA ASP B 341 40.57 -1.03 23.38
C ASP B 341 41.86 -1.84 23.34
N PRO B 342 41.85 -3.03 22.75
CA PRO B 342 42.99 -3.95 22.87
C PRO B 342 44.27 -3.46 22.21
N ARG B 343 44.21 -3.12 20.92
CA ARG B 343 45.40 -2.64 20.22
C ARG B 343 45.85 -1.26 20.69
N GLN B 344 45.16 -0.69 21.66
CA GLN B 344 45.50 0.55 22.30
C GLN B 344 45.99 0.26 23.71
N PRO B 345 46.93 1.04 24.24
CA PRO B 345 47.49 0.72 25.55
C PRO B 345 46.52 0.88 26.71
N SER B 346 47.02 0.70 27.93
CA SER B 346 46.21 0.67 29.14
C SER B 346 46.11 2.03 29.82
N TYR B 347 46.14 3.12 29.06
CA TYR B 347 45.84 4.44 29.60
C TYR B 347 44.56 5.02 29.02
N ASN B 348 43.80 4.21 28.29
CA ASN B 348 42.46 4.56 27.84
C ASN B 348 41.45 3.55 28.38
N VAL B 349 41.59 3.23 29.67
CA VAL B 349 40.73 2.26 30.33
C VAL B 349 39.78 3.03 31.23
N LYS B 350 38.50 2.98 30.91
CA LYS B 350 37.47 3.67 31.67
C LYS B 350 36.64 2.62 32.41
N SER B 351 36.61 2.73 33.73
CA SER B 351 35.85 1.81 34.57
C SER B 351 34.73 2.59 35.24
N VAL B 352 33.55 2.49 34.68
CA VAL B 352 32.37 3.10 35.28
C VAL B 352 32.01 2.33 36.54
N CYS B 353 31.74 3.06 37.61
CA CYS B 353 31.43 2.46 38.90
C CYS B 353 29.93 2.20 38.98
N SER B 354 29.56 1.02 39.46
CA SER B 354 28.15 0.68 39.61
C SER B 354 27.59 1.12 40.96
N ARG B 355 28.43 1.20 41.99
CA ARG B 355 28.07 1.67 43.33
C ARG B 355 27.10 0.71 44.01
N GLU B 356 26.69 -0.34 43.30
CA GLU B 356 25.89 -1.41 43.88
C GLU B 356 26.85 -2.45 44.47
N ARG B 357 27.45 -2.05 45.59
CA ARG B 357 28.55 -2.79 46.20
C ARG B 357 28.03 -4.05 46.88
N GLY B 358 28.33 -5.20 46.29
CA GLY B 358 27.98 -6.47 46.91
C GLY B 358 27.25 -7.42 45.99
N SER B 359 27.23 -7.11 44.71
CA SER B 359 26.50 -7.93 43.74
C SER B 359 27.44 -8.61 42.75
N GLY B 360 28.24 -7.85 42.02
CA GLY B 360 29.08 -8.42 40.99
C GLY B 360 28.35 -8.50 39.67
N ILE B 361 28.91 -7.88 38.64
CA ILE B 361 28.25 -7.80 37.36
C ILE B 361 28.27 -9.18 36.71
N ARG B 362 27.15 -9.87 36.77
CA ARG B 362 27.08 -11.24 36.27
C ARG B 362 26.80 -11.33 34.79
N SER B 363 26.38 -10.24 34.15
CA SER B 363 26.21 -10.26 32.70
C SER B 363 26.32 -8.85 32.16
N VAL B 364 26.54 -8.74 30.86
CA VAL B 364 26.65 -7.45 30.20
C VAL B 364 26.37 -7.66 28.72
N SER B 365 25.69 -6.71 28.11
CA SER B 365 25.40 -6.83 26.69
C SER B 365 25.23 -5.46 26.05
N PHE B 366 25.39 -5.45 24.73
CA PHE B 366 25.39 -4.23 23.92
C PHE B 366 24.13 -4.15 23.08
N TYR B 367 23.38 -3.07 23.25
CA TYR B 367 22.42 -2.59 22.27
C TYR B 367 23.02 -1.31 21.70
N GLU B 368 22.41 -0.78 20.65
CA GLU B 368 23.10 0.12 19.71
C GLU B 368 24.16 0.99 20.36
N HIS B 369 23.81 1.69 21.42
CA HIS B 369 24.80 2.50 22.13
C HIS B 369 24.57 2.42 23.63
N ILE B 370 23.92 1.37 24.10
CA ILE B 370 23.38 1.24 25.44
C ILE B 370 23.87 -0.08 26.01
N ILE B 371 24.53 -0.03 27.15
CA ILE B 371 25.06 -1.22 27.79
C ILE B 371 24.09 -1.63 28.88
N THR B 372 23.62 -2.88 28.82
CA THR B 372 22.76 -3.46 29.84
C THR B 372 23.62 -4.30 30.76
N VAL B 373 23.66 -3.91 32.03
CA VAL B 373 24.46 -4.56 33.05
C VAL B 373 23.52 -5.36 33.93
N GLY B 374 23.84 -6.63 34.16
CA GLY B 374 22.99 -7.46 34.99
C GLY B 374 23.73 -7.99 36.19
N THR B 375 23.36 -7.53 37.36
CA THR B 375 24.14 -7.75 38.56
C THR B 375 23.52 -8.82 39.45
N GLY B 376 24.07 -8.95 40.65
CA GLY B 376 23.66 -10.01 41.57
C GLY B 376 22.50 -9.64 42.46
N GLN B 377 22.44 -8.40 42.93
CA GLN B 377 21.32 -8.04 43.80
C GLN B 377 19.98 -8.08 43.08
N GLY B 378 19.95 -8.43 41.82
CA GLY B 378 18.71 -8.65 41.10
C GLY B 378 18.22 -7.50 40.27
N SER B 379 19.11 -6.62 39.83
CA SER B 379 18.72 -5.38 39.20
C SER B 379 19.52 -5.16 37.92
N LEU B 380 18.83 -4.81 36.84
CA LEU B 380 19.47 -4.41 35.59
C LEU B 380 19.72 -2.92 35.59
N LEU B 381 20.88 -2.52 35.09
CA LEU B 381 21.27 -1.12 35.02
C LEU B 381 21.62 -0.78 33.59
N PHE B 382 21.56 0.51 33.26
CA PHE B 382 21.71 0.94 31.87
C PHE B 382 22.71 2.08 31.78
N TYR B 383 23.65 1.98 30.85
CA TYR B 383 24.67 2.99 30.66
C TYR B 383 24.70 3.40 29.20
N ASP B 384 25.08 4.65 28.95
CA ASP B 384 25.10 5.18 27.59
C ASP B 384 26.54 5.51 27.20
N ILE B 385 27.08 4.76 26.24
CA ILE B 385 28.47 4.90 25.85
C ILE B 385 28.75 6.29 25.28
N ARG B 386 27.74 6.95 24.72
CA ARG B 386 27.94 8.23 24.06
C ARG B 386 27.80 9.38 25.03
N ALA B 387 26.77 9.37 25.86
CA ALA B 387 26.59 10.42 26.86
C ALA B 387 27.29 10.08 28.16
N GLN B 388 28.00 8.95 28.22
CA GLN B 388 28.92 8.64 29.29
C GLN B 388 28.24 8.50 30.65
N ARG B 389 26.91 8.57 30.69
CA ARG B 389 26.18 8.53 31.94
C ARG B 389 25.08 7.48 31.85
N PHE B 390 24.46 7.22 32.99
CA PHE B 390 23.42 6.21 33.05
C PHE B 390 22.08 6.79 32.60
N LEU B 391 21.16 5.90 32.25
CA LEU B 391 19.85 6.31 31.80
C LEU B 391 18.98 6.67 32.99
N GLU B 392 17.70 6.88 32.74
CA GLU B 392 16.71 7.05 33.79
C GLU B 392 15.34 6.68 33.24
N GLU B 408 19.43 9.68 40.24
CA GLU B 408 18.47 8.60 40.10
C GLU B 408 18.60 7.93 38.74
N ASN B 409 19.11 6.70 38.73
CA ASN B 409 19.36 5.95 37.52
C ASN B 409 18.35 4.81 37.41
N LEU B 410 17.65 4.76 36.29
CA LEU B 410 16.69 3.70 36.04
C LEU B 410 17.31 2.35 36.34
N LYS B 411 16.52 1.48 36.95
CA LYS B 411 17.01 0.15 37.31
C LYS B 411 15.82 -0.76 37.58
N LEU B 412 15.75 -1.86 36.86
CA LEU B 412 14.71 -2.84 37.11
C LEU B 412 15.04 -3.60 38.38
N THR B 413 14.29 -4.64 38.66
CA THR B 413 14.56 -5.47 39.83
C THR B 413 13.82 -6.79 39.65
N THR B 414 14.55 -7.88 39.76
CA THR B 414 13.99 -9.20 39.56
C THR B 414 13.10 -9.60 40.73
N GLY B 415 12.16 -10.49 40.46
CA GLY B 415 11.15 -10.85 41.43
C GLY B 415 11.63 -11.76 42.54
N LYS B 416 10.76 -12.64 43.00
CA LYS B 416 11.08 -13.60 44.04
C LYS B 416 11.27 -15.00 43.50
N GLY B 417 10.36 -15.46 42.64
CA GLY B 417 10.57 -16.70 41.93
C GLY B 417 10.28 -17.93 42.76
N TRP B 418 11.34 -18.65 43.15
CA TRP B 418 11.16 -19.86 43.93
C TRP B 418 12.43 -20.12 44.73
N LEU B 419 12.29 -20.94 45.77
CA LEU B 419 13.39 -21.25 46.66
C LEU B 419 13.19 -22.62 47.27
N ASN B 420 14.30 -23.22 47.70
CA ASN B 420 14.29 -24.50 48.39
C ASN B 420 14.71 -24.32 49.84
N HIS B 421 14.14 -25.16 50.71
CA HIS B 421 14.33 -25.02 52.14
C HIS B 421 15.13 -26.20 52.68
N ASP B 422 16.21 -26.54 51.97
CA ASP B 422 17.02 -27.70 52.28
C ASP B 422 17.70 -27.59 53.63
N GLU B 423 18.49 -28.60 53.99
CA GLU B 423 19.16 -28.60 55.29
C GLU B 423 20.07 -27.39 55.42
N THR B 424 20.74 -27.00 54.33
CA THR B 424 21.63 -25.84 54.40
C THR B 424 20.83 -24.55 54.45
N TRP B 425 19.60 -24.55 53.94
CA TRP B 425 18.72 -23.43 54.18
C TRP B 425 18.46 -23.27 55.67
N ARG B 426 18.40 -24.38 56.40
CA ARG B 426 18.18 -24.32 57.83
C ARG B 426 19.44 -23.92 58.58
N ASN B 427 20.59 -24.49 58.18
CA ASN B 427 21.84 -24.23 58.89
C ASN B 427 22.22 -22.75 58.83
N TYR B 428 22.49 -22.24 57.65
CA TYR B 428 23.15 -20.95 57.51
C TYR B 428 22.34 -19.91 56.76
N PHE B 429 21.26 -20.30 56.10
CA PHE B 429 20.49 -19.40 55.26
C PHE B 429 19.02 -19.42 55.64
N SER B 430 18.73 -19.30 56.94
CA SER B 430 17.35 -19.20 57.41
C SER B 430 17.03 -17.85 58.05
N ASP B 431 18.05 -17.11 58.49
CA ASP B 431 17.84 -15.81 59.12
C ASP B 431 17.37 -14.74 58.15
N ILE B 432 17.25 -15.05 56.87
CA ILE B 432 16.82 -14.07 55.88
C ILE B 432 15.63 -14.58 55.08
N PHE B 435 14.76 -14.03 48.59
CA PHE B 435 16.15 -13.86 48.20
C PHE B 435 16.32 -13.07 46.92
N PRO B 436 17.31 -12.19 46.91
CA PRO B 436 17.51 -11.32 45.75
C PRO B 436 18.04 -12.09 44.56
N ASN B 437 17.16 -12.77 43.83
CA ASN B 437 17.54 -13.56 42.67
C ASN B 437 18.54 -12.82 41.80
N ALA B 438 19.69 -13.44 41.57
CA ALA B 438 20.75 -12.81 40.80
C ALA B 438 20.59 -13.15 39.33
N VAL B 439 20.54 -12.12 38.49
CA VAL B 439 20.39 -12.33 37.06
C VAL B 439 21.73 -12.81 36.51
N TYR B 440 21.82 -14.09 36.18
CA TYR B 440 23.03 -14.56 35.53
C TYR B 440 23.01 -14.31 34.04
N THR B 441 21.83 -14.25 33.43
CA THR B 441 21.74 -14.19 31.98
C THR B 441 20.59 -13.29 31.57
N HIS B 442 20.75 -12.65 30.43
CA HIS B 442 19.73 -11.80 29.85
C HIS B 442 20.01 -11.63 28.36
N CYS B 443 18.97 -11.60 27.57
CA CYS B 443 19.13 -11.45 26.13
C CYS B 443 17.93 -10.72 25.55
N TYR B 444 18.18 -9.85 24.59
CA TYR B 444 17.12 -9.15 23.89
C TYR B 444 16.51 -10.04 22.84
N ASP B 445 15.73 -9.47 21.95
CA ASP B 445 15.07 -10.24 20.92
C ASP B 445 15.60 -9.83 19.54
N SER B 446 15.42 -10.73 18.57
CA SER B 446 15.73 -10.38 17.19
C SER B 446 14.98 -9.15 16.74
N SER B 447 13.77 -8.95 17.23
CA SER B 447 12.97 -7.76 16.96
C SER B 447 13.21 -6.66 17.97
N GLY B 448 14.15 -6.85 18.89
CA GLY B 448 14.64 -5.77 19.72
C GLY B 448 13.66 -5.18 20.71
N THR B 449 12.53 -5.83 20.96
CA THR B 449 11.53 -5.27 21.86
C THR B 449 11.48 -5.98 23.21
N LYS B 450 11.44 -7.32 23.21
CA LYS B 450 11.27 -8.09 24.43
C LYS B 450 12.61 -8.57 24.95
N LEU B 451 12.87 -8.32 26.23
CA LEU B 451 14.05 -8.78 26.93
C LEU B 451 13.70 -10.03 27.74
N PHE B 452 14.70 -10.89 27.98
CA PHE B 452 14.50 -12.09 28.76
C PHE B 452 15.57 -12.18 29.82
N VAL B 453 15.17 -12.23 31.09
CA VAL B 453 16.08 -12.34 32.21
C VAL B 453 15.93 -13.71 32.83
N ALA B 454 17.03 -14.25 33.38
CA ALA B 454 16.92 -15.45 34.18
C ALA B 454 17.96 -15.40 35.29
N GLY B 455 17.83 -16.30 36.27
CA GLY B 455 18.80 -16.36 37.34
C GLY B 455 18.35 -17.22 38.50
N GLY B 456 19.02 -17.03 39.63
CA GLY B 456 18.71 -17.70 40.86
C GLY B 456 19.30 -16.93 42.03
N PRO B 457 19.44 -17.57 43.19
CA PRO B 457 19.99 -16.88 44.36
C PRO B 457 21.50 -16.92 44.41
N LEU B 458 22.05 -15.87 45.00
CA LEU B 458 23.49 -15.61 44.90
C LEU B 458 24.39 -16.50 45.77
N PRO B 459 24.03 -16.84 47.01
CA PRO B 459 24.90 -17.73 47.79
C PRO B 459 24.92 -19.14 47.21
N SER B 460 26.13 -19.69 47.08
CA SER B 460 26.31 -20.96 46.41
C SER B 460 25.59 -22.11 47.09
N GLY B 461 25.32 -22.00 48.37
CA GLY B 461 24.66 -23.10 49.06
C GLY B 461 23.19 -23.27 48.77
N LEU B 462 22.59 -22.33 48.03
CA LEU B 462 21.15 -22.28 47.88
C LEU B 462 20.71 -22.98 46.60
N HIS B 463 19.40 -23.02 46.39
CA HIS B 463 18.85 -23.83 45.30
C HIS B 463 17.49 -23.25 44.93
N GLY B 464 17.44 -22.45 43.86
CA GLY B 464 16.20 -21.85 43.45
C GLY B 464 16.19 -21.17 42.10
N ASN B 465 15.21 -21.48 41.26
CA ASN B 465 15.19 -20.95 39.91
C ASN B 465 14.60 -19.55 39.89
N TYR B 466 14.65 -18.92 38.72
CA TYR B 466 13.83 -17.76 38.38
C TYR B 466 14.02 -17.40 36.91
N ALA B 467 12.95 -17.01 36.22
CA ALA B 467 13.09 -16.60 34.83
C ALA B 467 11.89 -15.74 34.45
N GLY B 468 12.15 -14.55 33.93
CA GLY B 468 11.08 -13.63 33.60
C GLY B 468 11.28 -12.86 32.32
N LEU B 469 10.21 -12.69 31.56
CA LEU B 469 10.25 -12.03 30.26
C LEU B 469 9.73 -10.63 30.39
N TRP B 470 10.58 -9.64 30.20
CA TRP B 470 10.20 -8.24 30.33
C TRP B 470 9.98 -7.66 28.95
N SER B 471 8.73 -7.39 28.62
CA SER B 471 8.44 -6.46 27.55
C SER B 471 7.88 -5.22 28.21
N ARG C 208 29.63 -18.91 52.58
CA ARG C 208 28.37 -18.25 52.26
C ARG C 208 28.11 -18.32 50.77
N GLU C 209 28.84 -17.51 50.02
CA GLU C 209 28.77 -17.44 48.57
C GLU C 209 29.79 -18.41 47.99
N GLY C 210 30.09 -18.24 46.71
CA GLY C 210 31.09 -19.05 46.06
C GLY C 210 30.59 -19.47 44.71
N GLU C 211 29.48 -18.87 44.28
CA GLU C 211 28.94 -19.18 42.97
C GLU C 211 29.93 -18.70 41.92
N GLU C 212 30.66 -19.63 41.30
CA GLU C 212 31.67 -19.27 40.33
C GLU C 212 31.10 -18.41 39.21
#